data_1N5T
# 
_entry.id   1N5T 
# 
_audit_conform.dict_name       mmcif_pdbx.dic 
_audit_conform.dict_version    5.386 
_audit_conform.dict_location   http://mmcif.pdb.org/dictionaries/ascii/mmcif_pdbx.dic 
# 
loop_
_database_2.database_id 
_database_2.database_code 
_database_2.pdbx_database_accession 
_database_2.pdbx_DOI 
PDB   1N5T         pdb_00001n5t 10.2210/pdb1n5t/pdb 
RCSB  RCSB017554   ?            ?                   
WWPDB D_1000017554 ?            ?                   
# 
loop_
_pdbx_audit_revision_history.ordinal 
_pdbx_audit_revision_history.data_content_type 
_pdbx_audit_revision_history.major_revision 
_pdbx_audit_revision_history.minor_revision 
_pdbx_audit_revision_history.revision_date 
1 'Structure model' 1 0 2003-01-14 
2 'Structure model' 1 1 2008-04-28 
3 'Structure model' 1 2 2011-07-13 
4 'Structure model' 1 3 2024-02-14 
# 
_pdbx_audit_revision_details.ordinal             1 
_pdbx_audit_revision_details.revision_ordinal    1 
_pdbx_audit_revision_details.data_content_type   'Structure model' 
_pdbx_audit_revision_details.provider            repository 
_pdbx_audit_revision_details.type                'Initial release' 
_pdbx_audit_revision_details.description         ? 
_pdbx_audit_revision_details.details             ? 
# 
loop_
_pdbx_audit_revision_group.ordinal 
_pdbx_audit_revision_group.revision_ordinal 
_pdbx_audit_revision_group.data_content_type 
_pdbx_audit_revision_group.group 
1 2 'Structure model' 'Version format compliance' 
2 3 'Structure model' 'Source and taxonomy'       
3 3 'Structure model' 'Version format compliance' 
4 4 'Structure model' 'Data collection'           
5 4 'Structure model' 'Database references'       
6 4 'Structure model' 'Derived calculations'      
7 4 'Structure model' 'Refinement description'    
# 
loop_
_pdbx_audit_revision_category.ordinal 
_pdbx_audit_revision_category.revision_ordinal 
_pdbx_audit_revision_category.data_content_type 
_pdbx_audit_revision_category.category 
1 4 'Structure model' chem_comp_atom                
2 4 'Structure model' chem_comp_bond                
3 4 'Structure model' database_2                    
4 4 'Structure model' pdbx_initial_refinement_model 
5 4 'Structure model' struct_site                   
# 
loop_
_pdbx_audit_revision_item.ordinal 
_pdbx_audit_revision_item.revision_ordinal 
_pdbx_audit_revision_item.data_content_type 
_pdbx_audit_revision_item.item 
1 4 'Structure model' '_database_2.pdbx_DOI'                
2 4 'Structure model' '_database_2.pdbx_database_accession' 
3 4 'Structure model' '_struct_site.pdbx_auth_asym_id'      
4 4 'Structure model' '_struct_site.pdbx_auth_comp_id'      
5 4 'Structure model' '_struct_site.pdbx_auth_seq_id'       
# 
_pdbx_database_status.status_code                     REL 
_pdbx_database_status.entry_id                        1N5T 
_pdbx_database_status.recvd_initial_deposition_date   2002-11-07 
_pdbx_database_status.deposit_site                    RCSB 
_pdbx_database_status.process_site                    RCSB 
_pdbx_database_status.status_code_sf                  REL 
_pdbx_database_status.SG_entry                        . 
_pdbx_database_status.pdb_format_compatible           Y 
_pdbx_database_status.status_code_mr                  ? 
_pdbx_database_status.status_code_cs                  ? 
_pdbx_database_status.status_code_nmr_data            ? 
_pdbx_database_status.methods_development_category    ? 
# 
loop_
_pdbx_database_related.db_name 
_pdbx_database_related.db_id 
_pdbx_database_related.details 
_pdbx_database_related.content_type 
PDB 1LQ9 'Structure of native ActVA-Orf6 monooxygenase from Streptomyces coelicolor'                                      
unspecified 
PDB 1N5Q 'Structure of ActVA-Orf6 monooxygenase from Streptomyces coelicolor in complex with dehydrated sancycline'       
unspecified 
PDB 1N5S 'Structure of ActVA-Orf6 monooxygenase from Streptomyces coelicolor in complex with the ligand Acetyl Dithranol' 
unspecified 
PDB 1N5V 
;Structure of ActVA-Orf6 monooxygenase from Streptomyces coelicolor in 
complex with the ligand Nanaomycin D
;
unspecified 
# 
loop_
_audit_author.name 
_audit_author.pdbx_ordinal 
'Sciara, G.'     1 
'G Kendrew, S.'  2 
'Miele, A.E.'    3 
'Marsh, N.G.'    4 
'Federici, L.'   5 
'Malatesta, F.'  6 
'Schimperna, G.' 7 
'Savino, C.'     8 
'Vallone, B.'    9 
# 
loop_
_citation.id 
_citation.title 
_citation.journal_abbrev 
_citation.journal_volume 
_citation.page_first 
_citation.page_last 
_citation.year 
_citation.journal_id_ASTM 
_citation.country 
_citation.journal_id_ISSN 
_citation.journal_id_CSD 
_citation.book_publisher 
_citation.pdbx_database_id_PubMed 
_citation.pdbx_database_id_DOI 
primary 
;The structure of ActVA-Orf6, a novel type of monooxygenase involved in  
actinorhodin biosynthesis
;
'Embo J.'                  22  205  215  2003 EMJODG UK 0261-4189 0897 ? 12514126 10.1093/emboj/cdg031      
1       
;Crystallization and preliminary X-ray diffraction studies of a monooxygenase  
from Streptomyces coelicolor A3(2) involved in the biosynthesis of the  
polyketide actinorhodin
;
'Acta Crystallogr.,Sect.D' 56  481  483  2000 ABCRE6 DK 0907-4449 0766 ? ?        10.1107/S0907444900001189 
2       
;Identification of a monooxygenase from Streptomyces coelicolor A3  
(2) involved in the biosynthesis of actinorhodin: purification and  
characterization of the recombinant enzyme
;
J.Bacteriol.               179 4305 4310 1997 JOBAAY US 0021-9193 0767 ? ?        ?                         
# 
loop_
_citation_author.citation_id 
_citation_author.name 
_citation_author.ordinal 
_citation_author.identifier_ORCID 
primary 'Sciara, G.'     1  ? 
primary 'Kendrew, S.G.'  2  ? 
primary 'Miele, A.E.'    3  ? 
primary 'Marsh, N.G.'    4  ? 
primary 'Federici, L.'   5  ? 
primary 'Malatesta, F.'  6  ? 
primary 'Schimperna, G.' 7  ? 
primary 'Savino, C.'     8  ? 
primary 'Vallone, B.'    9  ? 
1       'Kendrew, S.G.'  10 ? 
1       'Federici, L.'   11 ? 
1       'Savino, C.'     12 ? 
1       'Miele, A.E.'    13 ? 
1       'Marsh, E.N.'    14 ? 
1       'Vallone, B.'    15 ? 
2       'Kendrew, S.G.'  16 ? 
2       'Hopwood, D.A.'  17 ? 
2       'Marsh, E.N.'    18 ? 
# 
loop_
_entity.id 
_entity.type 
_entity.src_method 
_entity.pdbx_description 
_entity.formula_weight 
_entity.pdbx_number_of_molecules 
_entity.pdbx_ec 
_entity.pdbx_mutation 
_entity.pdbx_fragment 
_entity.details 
1 polymer     man 'ActVA-Orf6 monooxygenase'                                           11978.420 2   ? ? ? ? 
2 non-polymer syn '(1,8-DIHYDROXY-9,10-DIOXO-9,10-DIHYDRO-ANTHRACEN-2-YL)-ACETIC ACID' 298.247   1   ? ? ? ? 
3 water       nat water                                                                18.015    121 ? ? ? ? 
# 
_entity_poly.entity_id                      1 
_entity_poly.type                           'polypeptide(L)' 
_entity_poly.nstd_linkage                   no 
_entity_poly.nstd_monomer                   no 
_entity_poly.pdbx_seq_one_letter_code       
;AEVNDPRVGFVAVVTFPVDGPATQHKLVELATGGVQEWIREVPGFLSATYHASTDGTAVVNYAQWESEQAYRVNFGADPR
SAELREALSSLPGLMGPPKAVFMTPRGAILPS
;
_entity_poly.pdbx_seq_one_letter_code_can   
;AEVNDPRVGFVAVVTFPVDGPATQHKLVELATGGVQEWIREVPGFLSATYHASTDGTAVVNYAQWESEQAYRVNFGADPR
SAELREALSSLPGLMGPPKAVFMTPRGAILPS
;
_entity_poly.pdbx_strand_id                 A,B 
_entity_poly.pdbx_target_identifier         ? 
# 
loop_
_pdbx_entity_nonpoly.entity_id 
_pdbx_entity_nonpoly.name 
_pdbx_entity_nonpoly.comp_id 
2 '(1,8-DIHYDROXY-9,10-DIOXO-9,10-DIHYDRO-ANTHRACEN-2-YL)-ACETIC ACID' OAL 
3 water                                                                HOH 
# 
loop_
_entity_poly_seq.entity_id 
_entity_poly_seq.num 
_entity_poly_seq.mon_id 
_entity_poly_seq.hetero 
1 1   ALA n 
1 2   GLU n 
1 3   VAL n 
1 4   ASN n 
1 5   ASP n 
1 6   PRO n 
1 7   ARG n 
1 8   VAL n 
1 9   GLY n 
1 10  PHE n 
1 11  VAL n 
1 12  ALA n 
1 13  VAL n 
1 14  VAL n 
1 15  THR n 
1 16  PHE n 
1 17  PRO n 
1 18  VAL n 
1 19  ASP n 
1 20  GLY n 
1 21  PRO n 
1 22  ALA n 
1 23  THR n 
1 24  GLN n 
1 25  HIS n 
1 26  LYS n 
1 27  LEU n 
1 28  VAL n 
1 29  GLU n 
1 30  LEU n 
1 31  ALA n 
1 32  THR n 
1 33  GLY n 
1 34  GLY n 
1 35  VAL n 
1 36  GLN n 
1 37  GLU n 
1 38  TRP n 
1 39  ILE n 
1 40  ARG n 
1 41  GLU n 
1 42  VAL n 
1 43  PRO n 
1 44  GLY n 
1 45  PHE n 
1 46  LEU n 
1 47  SER n 
1 48  ALA n 
1 49  THR n 
1 50  TYR n 
1 51  HIS n 
1 52  ALA n 
1 53  SER n 
1 54  THR n 
1 55  ASP n 
1 56  GLY n 
1 57  THR n 
1 58  ALA n 
1 59  VAL n 
1 60  VAL n 
1 61  ASN n 
1 62  TYR n 
1 63  ALA n 
1 64  GLN n 
1 65  TRP n 
1 66  GLU n 
1 67  SER n 
1 68  GLU n 
1 69  GLN n 
1 70  ALA n 
1 71  TYR n 
1 72  ARG n 
1 73  VAL n 
1 74  ASN n 
1 75  PHE n 
1 76  GLY n 
1 77  ALA n 
1 78  ASP n 
1 79  PRO n 
1 80  ARG n 
1 81  SER n 
1 82  ALA n 
1 83  GLU n 
1 84  LEU n 
1 85  ARG n 
1 86  GLU n 
1 87  ALA n 
1 88  LEU n 
1 89  SER n 
1 90  SER n 
1 91  LEU n 
1 92  PRO n 
1 93  GLY n 
1 94  LEU n 
1 95  MET n 
1 96  GLY n 
1 97  PRO n 
1 98  PRO n 
1 99  LYS n 
1 100 ALA n 
1 101 VAL n 
1 102 PHE n 
1 103 MET n 
1 104 THR n 
1 105 PRO n 
1 106 ARG n 
1 107 GLY n 
1 108 ALA n 
1 109 ILE n 
1 110 LEU n 
1 111 PRO n 
1 112 SER n 
# 
_entity_src_gen.entity_id                          1 
_entity_src_gen.pdbx_src_id                        1 
_entity_src_gen.pdbx_alt_source_flag               sample 
_entity_src_gen.pdbx_seq_type                      ? 
_entity_src_gen.pdbx_beg_seq_num                   ? 
_entity_src_gen.pdbx_end_seq_num                   ? 
_entity_src_gen.gene_src_common_name               ? 
_entity_src_gen.gene_src_genus                     Streptomyces 
_entity_src_gen.pdbx_gene_src_gene                 ActVA-Orf6 
_entity_src_gen.gene_src_species                   'Streptomyces coelicolor' 
_entity_src_gen.gene_src_strain                    'A3(2)' 
_entity_src_gen.gene_src_tissue                    ? 
_entity_src_gen.gene_src_tissue_fraction           ? 
_entity_src_gen.gene_src_details                   ? 
_entity_src_gen.pdbx_gene_src_fragment             ? 
_entity_src_gen.pdbx_gene_src_scientific_name      'Streptomyces coelicolor' 
_entity_src_gen.pdbx_gene_src_ncbi_taxonomy_id     100226 
_entity_src_gen.pdbx_gene_src_variant              ? 
_entity_src_gen.pdbx_gene_src_cell_line            ? 
_entity_src_gen.pdbx_gene_src_atcc                 ? 
_entity_src_gen.pdbx_gene_src_organ                ? 
_entity_src_gen.pdbx_gene_src_organelle            ? 
_entity_src_gen.pdbx_gene_src_cell                 ? 
_entity_src_gen.pdbx_gene_src_cellular_location    ? 
_entity_src_gen.host_org_common_name               ? 
_entity_src_gen.pdbx_host_org_scientific_name      'Escherichia coli' 
_entity_src_gen.pdbx_host_org_ncbi_taxonomy_id     562 
_entity_src_gen.host_org_genus                     Escherichia 
_entity_src_gen.pdbx_host_org_gene                 ? 
_entity_src_gen.pdbx_host_org_organ                ? 
_entity_src_gen.host_org_species                   ? 
_entity_src_gen.pdbx_host_org_tissue               ? 
_entity_src_gen.pdbx_host_org_tissue_fraction      ? 
_entity_src_gen.pdbx_host_org_strain               ? 
_entity_src_gen.pdbx_host_org_variant              ? 
_entity_src_gen.pdbx_host_org_cell_line            ? 
_entity_src_gen.pdbx_host_org_atcc                 ? 
_entity_src_gen.pdbx_host_org_culture_collection   ? 
_entity_src_gen.pdbx_host_org_cell                 ? 
_entity_src_gen.pdbx_host_org_organelle            ? 
_entity_src_gen.pdbx_host_org_cellular_location    ? 
_entity_src_gen.pdbx_host_org_vector_type          plasmid 
_entity_src_gen.pdbx_host_org_vector               ? 
_entity_src_gen.host_org_details                   ? 
_entity_src_gen.expression_system_id               ? 
_entity_src_gen.plasmid_name                       pT7-7 
_entity_src_gen.plasmid_details                    ? 
_entity_src_gen.pdbx_description                   ? 
# 
loop_
_chem_comp.id 
_chem_comp.type 
_chem_comp.mon_nstd_flag 
_chem_comp.name 
_chem_comp.pdbx_synonyms 
_chem_comp.formula 
_chem_comp.formula_weight 
ALA 'L-peptide linking' y ALANINE                                                              ?                           
'C3 H7 N O2'     89.093  
ARG 'L-peptide linking' y ARGININE                                                             ?                           
'C6 H15 N4 O2 1' 175.209 
ASN 'L-peptide linking' y ASPARAGINE                                                           ?                           
'C4 H8 N2 O3'    132.118 
ASP 'L-peptide linking' y 'ASPARTIC ACID'                                                      ?                           
'C4 H7 N O4'     133.103 
GLN 'L-peptide linking' y GLUTAMINE                                                            ?                           
'C5 H10 N2 O3'   146.144 
GLU 'L-peptide linking' y 'GLUTAMIC ACID'                                                      ?                           
'C5 H9 N O4'     147.129 
GLY 'peptide linking'   y GLYCINE                                                              ?                           
'C2 H5 N O2'     75.067  
HIS 'L-peptide linking' y HISTIDINE                                                            ?                           
'C6 H10 N3 O2 1' 156.162 
HOH non-polymer         . WATER                                                                ?                           'H2 O' 
18.015  
ILE 'L-peptide linking' y ISOLEUCINE                                                           ?                           
'C6 H13 N O2'    131.173 
LEU 'L-peptide linking' y LEUCINE                                                              ?                           
'C6 H13 N O2'    131.173 
LYS 'L-peptide linking' y LYSINE                                                               ?                           
'C6 H15 N2 O2 1' 147.195 
MET 'L-peptide linking' y METHIONINE                                                           ?                           
'C5 H11 N O2 S'  149.211 
OAL non-polymer         . '(1,8-DIHYDROXY-9,10-DIOXO-9,10-DIHYDRO-ANTHRACEN-2-YL)-ACETIC ACID' 'OXIDIZED ACETYL DITHRANOL' 
'C16 H10 O6'     298.247 
PHE 'L-peptide linking' y PHENYLALANINE                                                        ?                           
'C9 H11 N O2'    165.189 
PRO 'L-peptide linking' y PROLINE                                                              ?                           
'C5 H9 N O2'     115.130 
SER 'L-peptide linking' y SERINE                                                               ?                           
'C3 H7 N O3'     105.093 
THR 'L-peptide linking' y THREONINE                                                            ?                           
'C4 H9 N O3'     119.119 
TRP 'L-peptide linking' y TRYPTOPHAN                                                           ?                           
'C11 H12 N2 O2'  204.225 
TYR 'L-peptide linking' y TYROSINE                                                             ?                           
'C9 H11 N O3'    181.189 
VAL 'L-peptide linking' y VALINE                                                               ?                           
'C5 H11 N O2'    117.146 
# 
loop_
_pdbx_poly_seq_scheme.asym_id 
_pdbx_poly_seq_scheme.entity_id 
_pdbx_poly_seq_scheme.seq_id 
_pdbx_poly_seq_scheme.mon_id 
_pdbx_poly_seq_scheme.ndb_seq_num 
_pdbx_poly_seq_scheme.pdb_seq_num 
_pdbx_poly_seq_scheme.auth_seq_num 
_pdbx_poly_seq_scheme.pdb_mon_id 
_pdbx_poly_seq_scheme.auth_mon_id 
_pdbx_poly_seq_scheme.pdb_strand_id 
_pdbx_poly_seq_scheme.pdb_ins_code 
_pdbx_poly_seq_scheme.hetero 
A 1 1   ALA 1   2   2   ALA ALA A . n 
A 1 2   GLU 2   3   3   GLU GLU A . n 
A 1 3   VAL 3   4   4   VAL VAL A . n 
A 1 4   ASN 4   5   5   ASN ASN A . n 
A 1 5   ASP 5   6   6   ASP ASP A . n 
A 1 6   PRO 6   7   7   PRO PRO A . n 
A 1 7   ARG 7   8   8   ARG ARG A . n 
A 1 8   VAL 8   9   9   VAL VAL A . n 
A 1 9   GLY 9   10  10  GLY GLY A . n 
A 1 10  PHE 10  11  11  PHE PHE A . n 
A 1 11  VAL 11  12  12  VAL VAL A . n 
A 1 12  ALA 12  13  13  ALA ALA A . n 
A 1 13  VAL 13  14  14  VAL VAL A . n 
A 1 14  VAL 14  15  15  VAL VAL A . n 
A 1 15  THR 15  16  16  THR THR A . n 
A 1 16  PHE 16  17  17  PHE PHE A . n 
A 1 17  PRO 17  18  18  PRO PRO A . n 
A 1 18  VAL 18  19  19  VAL VAL A . n 
A 1 19  ASP 19  20  20  ASP ASP A . n 
A 1 20  GLY 20  21  21  GLY GLY A . n 
A 1 21  PRO 21  22  22  PRO PRO A . n 
A 1 22  ALA 22  23  23  ALA ALA A . n 
A 1 23  THR 23  24  24  THR THR A . n 
A 1 24  GLN 24  25  25  GLN GLN A . n 
A 1 25  HIS 25  26  26  HIS HIS A . n 
A 1 26  LYS 26  27  27  LYS LYS A . n 
A 1 27  LEU 27  28  28  LEU LEU A . n 
A 1 28  VAL 28  29  29  VAL VAL A . n 
A 1 29  GLU 29  30  30  GLU GLU A . n 
A 1 30  LEU 30  31  31  LEU LEU A . n 
A 1 31  ALA 31  32  32  ALA ALA A . n 
A 1 32  THR 32  33  33  THR THR A . n 
A 1 33  GLY 33  34  34  GLY GLY A . n 
A 1 34  GLY 34  35  35  GLY GLY A . n 
A 1 35  VAL 35  36  36  VAL VAL A . n 
A 1 36  GLN 36  37  37  GLN GLN A . n 
A 1 37  GLU 37  38  38  GLU GLU A . n 
A 1 38  TRP 38  39  39  TRP TRP A . n 
A 1 39  ILE 39  40  40  ILE ILE A . n 
A 1 40  ARG 40  41  41  ARG ARG A . n 
A 1 41  GLU 41  42  42  GLU GLU A . n 
A 1 42  VAL 42  43  43  VAL VAL A . n 
A 1 43  PRO 43  44  44  PRO PRO A . n 
A 1 44  GLY 44  45  45  GLY GLY A . n 
A 1 45  PHE 45  46  46  PHE PHE A . n 
A 1 46  LEU 46  47  47  LEU LEU A . n 
A 1 47  SER 47  48  48  SER SER A . n 
A 1 48  ALA 48  49  49  ALA ALA A . n 
A 1 49  THR 49  50  50  THR THR A . n 
A 1 50  TYR 50  51  51  TYR TYR A . n 
A 1 51  HIS 51  52  52  HIS HIS A . n 
A 1 52  ALA 52  53  53  ALA ALA A . n 
A 1 53  SER 53  54  54  SER SER A . n 
A 1 54  THR 54  55  55  THR THR A . n 
A 1 55  ASP 55  56  56  ASP ASP A . n 
A 1 56  GLY 56  57  57  GLY GLY A . n 
A 1 57  THR 57  58  58  THR THR A . n 
A 1 58  ALA 58  59  59  ALA ALA A . n 
A 1 59  VAL 59  60  60  VAL VAL A . n 
A 1 60  VAL 60  61  61  VAL VAL A . n 
A 1 61  ASN 61  62  62  ASN ASN A . n 
A 1 62  TYR 62  63  63  TYR TYR A . n 
A 1 63  ALA 63  64  64  ALA ALA A . n 
A 1 64  GLN 64  65  65  GLN GLN A . n 
A 1 65  TRP 65  66  66  TRP TRP A . n 
A 1 66  GLU 66  67  67  GLU GLU A . n 
A 1 67  SER 67  68  68  SER SER A . n 
A 1 68  GLU 68  69  69  GLU GLU A . n 
A 1 69  GLN 69  70  70  GLN GLN A . n 
A 1 70  ALA 70  71  71  ALA ALA A . n 
A 1 71  TYR 71  72  72  TYR TYR A . n 
A 1 72  ARG 72  73  73  ARG ARG A . n 
A 1 73  VAL 73  74  74  VAL VAL A . n 
A 1 74  ASN 74  75  75  ASN ASN A . n 
A 1 75  PHE 75  76  76  PHE PHE A . n 
A 1 76  GLY 76  77  77  GLY GLY A . n 
A 1 77  ALA 77  78  78  ALA ALA A . n 
A 1 78  ASP 78  79  79  ASP ASP A . n 
A 1 79  PRO 79  80  80  PRO PRO A . n 
A 1 80  ARG 80  81  81  ARG ARG A . n 
A 1 81  SER 81  82  82  SER SER A . n 
A 1 82  ALA 82  83  83  ALA ALA A . n 
A 1 83  GLU 83  84  84  GLU GLU A . n 
A 1 84  LEU 84  85  85  LEU LEU A . n 
A 1 85  ARG 85  86  86  ARG ARG A . n 
A 1 86  GLU 86  87  87  GLU GLU A . n 
A 1 87  ALA 87  88  88  ALA ALA A . n 
A 1 88  LEU 88  89  89  LEU LEU A . n 
A 1 89  SER 89  90  90  SER SER A . n 
A 1 90  SER 90  91  91  SER SER A . n 
A 1 91  LEU 91  92  92  LEU LEU A . n 
A 1 92  PRO 92  93  93  PRO PRO A . n 
A 1 93  GLY 93  94  94  GLY GLY A . n 
A 1 94  LEU 94  95  95  LEU LEU A . n 
A 1 95  MET 95  96  96  MET MET A . n 
A 1 96  GLY 96  97  97  GLY GLY A . n 
A 1 97  PRO 97  98  98  PRO PRO A . n 
A 1 98  PRO 98  99  99  PRO PRO A . n 
A 1 99  LYS 99  100 100 LYS LYS A . n 
A 1 100 ALA 100 101 101 ALA ALA A . n 
A 1 101 VAL 101 102 102 VAL VAL A . n 
A 1 102 PHE 102 103 103 PHE PHE A . n 
A 1 103 MET 103 104 104 MET MET A . n 
A 1 104 THR 104 105 105 THR THR A . n 
A 1 105 PRO 105 106 106 PRO PRO A . n 
A 1 106 ARG 106 107 107 ARG ARG A . n 
A 1 107 GLY 107 108 108 GLY GLY A . n 
A 1 108 ALA 108 109 109 ALA ALA A . n 
A 1 109 ILE 109 110 110 ILE ILE A . n 
A 1 110 LEU 110 111 111 LEU LEU A . n 
A 1 111 PRO 111 112 112 PRO PRO A . n 
A 1 112 SER 112 113 113 SER SER A . n 
B 1 1   ALA 1   2   2   ALA ALA B . n 
B 1 2   GLU 2   3   3   GLU GLU B . n 
B 1 3   VAL 3   4   4   VAL VAL B . n 
B 1 4   ASN 4   5   5   ASN ASN B . n 
B 1 5   ASP 5   6   6   ASP ASP B . n 
B 1 6   PRO 6   7   7   PRO PRO B . n 
B 1 7   ARG 7   8   8   ARG ARG B . n 
B 1 8   VAL 8   9   9   VAL VAL B . n 
B 1 9   GLY 9   10  10  GLY GLY B . n 
B 1 10  PHE 10  11  11  PHE PHE B . n 
B 1 11  VAL 11  12  12  VAL VAL B . n 
B 1 12  ALA 12  13  13  ALA ALA B . n 
B 1 13  VAL 13  14  14  VAL VAL B . n 
B 1 14  VAL 14  15  15  VAL VAL B . n 
B 1 15  THR 15  16  16  THR THR B . n 
B 1 16  PHE 16  17  17  PHE PHE B . n 
B 1 17  PRO 17  18  18  PRO PRO B . n 
B 1 18  VAL 18  19  19  VAL VAL B . n 
B 1 19  ASP 19  20  20  ASP ASP B . n 
B 1 20  GLY 20  21  21  GLY GLY B . n 
B 1 21  PRO 21  22  22  PRO PRO B . n 
B 1 22  ALA 22  23  23  ALA ALA B . n 
B 1 23  THR 23  24  24  THR THR B . n 
B 1 24  GLN 24  25  25  GLN GLN B . n 
B 1 25  HIS 25  26  26  HIS HIS B . n 
B 1 26  LYS 26  27  27  LYS LYS B . n 
B 1 27  LEU 27  28  28  LEU LEU B . n 
B 1 28  VAL 28  29  29  VAL VAL B . n 
B 1 29  GLU 29  30  30  GLU GLU B . n 
B 1 30  LEU 30  31  31  LEU LEU B . n 
B 1 31  ALA 31  32  32  ALA ALA B . n 
B 1 32  THR 32  33  33  THR THR B . n 
B 1 33  GLY 33  34  34  GLY GLY B . n 
B 1 34  GLY 34  35  35  GLY GLY B . n 
B 1 35  VAL 35  36  36  VAL VAL B . n 
B 1 36  GLN 36  37  37  GLN GLN B . n 
B 1 37  GLU 37  38  38  GLU GLU B . n 
B 1 38  TRP 38  39  39  TRP TRP B . n 
B 1 39  ILE 39  40  40  ILE ILE B . n 
B 1 40  ARG 40  41  41  ARG ARG B . n 
B 1 41  GLU 41  42  42  GLU GLU B . n 
B 1 42  VAL 42  43  43  VAL VAL B . n 
B 1 43  PRO 43  44  44  PRO PRO B . n 
B 1 44  GLY 44  45  45  GLY GLY B . n 
B 1 45  PHE 45  46  46  PHE PHE B . n 
B 1 46  LEU 46  47  47  LEU LEU B . n 
B 1 47  SER 47  48  48  SER SER B . n 
B 1 48  ALA 48  49  49  ALA ALA B . n 
B 1 49  THR 49  50  50  THR THR B . n 
B 1 50  TYR 50  51  51  TYR TYR B . n 
B 1 51  HIS 51  52  52  HIS HIS B . n 
B 1 52  ALA 52  53  53  ALA ALA B . n 
B 1 53  SER 53  54  54  SER SER B . n 
B 1 54  THR 54  55  55  THR THR B . n 
B 1 55  ASP 55  56  56  ASP ASP B . n 
B 1 56  GLY 56  57  57  GLY GLY B . n 
B 1 57  THR 57  58  58  THR THR B . n 
B 1 58  ALA 58  59  59  ALA ALA B . n 
B 1 59  VAL 59  60  60  VAL VAL B . n 
B 1 60  VAL 60  61  61  VAL VAL B . n 
B 1 61  ASN 61  62  62  ASN ASN B . n 
B 1 62  TYR 62  63  63  TYR TYR B . n 
B 1 63  ALA 63  64  64  ALA ALA B . n 
B 1 64  GLN 64  65  65  GLN GLN B . n 
B 1 65  TRP 65  66  66  TRP TRP B . n 
B 1 66  GLU 66  67  67  GLU GLU B . n 
B 1 67  SER 67  68  68  SER SER B . n 
B 1 68  GLU 68  69  69  GLU GLU B . n 
B 1 69  GLN 69  70  70  GLN GLN B . n 
B 1 70  ALA 70  71  71  ALA ALA B . n 
B 1 71  TYR 71  72  72  TYR TYR B . n 
B 1 72  ARG 72  73  73  ARG ARG B . n 
B 1 73  VAL 73  74  74  VAL VAL B . n 
B 1 74  ASN 74  75  75  ASN ASN B . n 
B 1 75  PHE 75  76  76  PHE PHE B . n 
B 1 76  GLY 76  77  77  GLY GLY B . n 
B 1 77  ALA 77  78  78  ALA ALA B . n 
B 1 78  ASP 78  79  79  ASP ASP B . n 
B 1 79  PRO 79  80  80  PRO PRO B . n 
B 1 80  ARG 80  81  81  ARG ARG B . n 
B 1 81  SER 81  82  82  SER SER B . n 
B 1 82  ALA 82  83  83  ALA ALA B . n 
B 1 83  GLU 83  84  84  GLU GLU B . n 
B 1 84  LEU 84  85  85  LEU LEU B . n 
B 1 85  ARG 85  86  86  ARG ARG B . n 
B 1 86  GLU 86  87  87  GLU GLU B . n 
B 1 87  ALA 87  88  88  ALA ALA B . n 
B 1 88  LEU 88  89  89  LEU LEU B . n 
B 1 89  SER 89  90  90  SER SER B . n 
B 1 90  SER 90  91  91  SER SER B . n 
B 1 91  LEU 91  92  92  LEU LEU B . n 
B 1 92  PRO 92  93  93  PRO PRO B . n 
B 1 93  GLY 93  94  94  GLY GLY B . n 
B 1 94  LEU 94  95  95  LEU LEU B . n 
B 1 95  MET 95  96  96  MET MET B . n 
B 1 96  GLY 96  97  97  GLY GLY B . n 
B 1 97  PRO 97  98  98  PRO PRO B . n 
B 1 98  PRO 98  99  99  PRO PRO B . n 
B 1 99  LYS 99  100 100 LYS LYS B . n 
B 1 100 ALA 100 101 101 ALA ALA B . n 
B 1 101 VAL 101 102 102 VAL VAL B . n 
B 1 102 PHE 102 103 103 PHE PHE B . n 
B 1 103 MET 103 104 104 MET MET B . n 
B 1 104 THR 104 105 105 THR THR B . n 
B 1 105 PRO 105 106 106 PRO PRO B . n 
B 1 106 ARG 106 107 107 ARG ARG B . n 
B 1 107 GLY 107 108 108 GLY GLY B . n 
B 1 108 ALA 108 109 109 ALA ALA B . n 
B 1 109 ILE 109 110 110 ILE ILE B . n 
B 1 110 LEU 110 111 111 LEU LEU B . n 
B 1 111 PRO 111 112 112 PRO PRO B . n 
B 1 112 SER 112 113 113 SER SER B . n 
# 
loop_
_pdbx_nonpoly_scheme.asym_id 
_pdbx_nonpoly_scheme.entity_id 
_pdbx_nonpoly_scheme.mon_id 
_pdbx_nonpoly_scheme.ndb_seq_num 
_pdbx_nonpoly_scheme.pdb_seq_num 
_pdbx_nonpoly_scheme.auth_seq_num 
_pdbx_nonpoly_scheme.pdb_mon_id 
_pdbx_nonpoly_scheme.auth_mon_id 
_pdbx_nonpoly_scheme.pdb_strand_id 
_pdbx_nonpoly_scheme.pdb_ins_code 
C 2 OAL 1  1001 1   OAL ADT B . 
D 3 HOH 1  114  1   HOH HOH A . 
D 3 HOH 2  115  2   HOH HOH A . 
D 3 HOH 3  116  5   HOH HOH A . 
D 3 HOH 4  117  7   HOH HOH A . 
D 3 HOH 5  118  8   HOH HOH A . 
D 3 HOH 6  119  9   HOH HOH A . 
D 3 HOH 7  120  11  HOH HOH A . 
D 3 HOH 8  121  12  HOH HOH A . 
D 3 HOH 9  122  13  HOH HOH A . 
D 3 HOH 10 123  15  HOH HOH A . 
D 3 HOH 11 124  17  HOH HOH A . 
D 3 HOH 12 125  18  HOH HOH A . 
D 3 HOH 13 126  19  HOH HOH A . 
D 3 HOH 14 127  22  HOH HOH A . 
D 3 HOH 15 128  23  HOH HOH A . 
D 3 HOH 16 129  24  HOH HOH A . 
D 3 HOH 17 130  26  HOH HOH A . 
D 3 HOH 18 131  27  HOH HOH A . 
D 3 HOH 19 132  28  HOH HOH A . 
D 3 HOH 20 133  29  HOH HOH A . 
D 3 HOH 21 134  31  HOH HOH A . 
D 3 HOH 22 135  32  HOH HOH A . 
D 3 HOH 23 136  35  HOH HOH A . 
D 3 HOH 24 137  42  HOH HOH A . 
D 3 HOH 25 138  45  HOH HOH A . 
D 3 HOH 26 139  46  HOH HOH A . 
D 3 HOH 27 140  47  HOH HOH A . 
D 3 HOH 28 141  49  HOH HOH A . 
D 3 HOH 29 142  50  HOH HOH A . 
D 3 HOH 30 143  51  HOH HOH A . 
D 3 HOH 31 144  54  HOH HOH A . 
D 3 HOH 32 145  56  HOH HOH A . 
D 3 HOH 33 146  58  HOH HOH A . 
D 3 HOH 34 147  59  HOH HOH A . 
D 3 HOH 35 148  60  HOH HOH A . 
D 3 HOH 36 149  61  HOH HOH A . 
D 3 HOH 37 150  62  HOH HOH A . 
D 3 HOH 38 151  66  HOH HOH A . 
D 3 HOH 39 152  67  HOH HOH A . 
D 3 HOH 40 153  69  HOH HOH A . 
D 3 HOH 41 154  70  HOH HOH A . 
D 3 HOH 42 155  73  HOH HOH A . 
D 3 HOH 43 156  75  HOH HOH A . 
D 3 HOH 44 157  76  HOH HOH A . 
D 3 HOH 45 158  77  HOH HOH A . 
D 3 HOH 46 159  81  HOH HOH A . 
D 3 HOH 47 160  82  HOH HOH A . 
D 3 HOH 48 161  85  HOH HOH A . 
D 3 HOH 49 162  86  HOH HOH A . 
D 3 HOH 50 163  93  HOH HOH A . 
D 3 HOH 51 164  121 HOH HOH A . 
D 3 HOH 52 165  94  HOH HOH A . 
D 3 HOH 53 166  95  HOH HOH A . 
D 3 HOH 54 167  97  HOH HOH A . 
D 3 HOH 55 168  98  HOH HOH A . 
D 3 HOH 56 169  99  HOH HOH A . 
D 3 HOH 57 170  101 HOH HOH A . 
D 3 HOH 58 171  102 HOH HOH A . 
D 3 HOH 59 172  103 HOH HOH A . 
D 3 HOH 60 173  104 HOH HOH A . 
D 3 HOH 61 174  106 HOH HOH A . 
D 3 HOH 62 175  111 HOH HOH A . 
D 3 HOH 63 176  112 HOH HOH A . 
D 3 HOH 64 177  113 HOH HOH A . 
D 3 HOH 65 178  114 HOH HOH A . 
D 3 HOH 66 179  115 HOH HOH A . 
D 3 HOH 67 180  117 HOH HOH A . 
D 3 HOH 68 181  118 HOH HOH A . 
D 3 HOH 69 182  119 HOH HOH A . 
D 3 HOH 70 183  120 HOH HOH A . 
E 3 HOH 1  1002 3   HOH HOH B . 
E 3 HOH 2  1003 4   HOH HOH B . 
E 3 HOH 3  1004 6   HOH HOH B . 
E 3 HOH 4  1005 10  HOH HOH B . 
E 3 HOH 5  1006 14  HOH HOH B . 
E 3 HOH 6  1007 16  HOH HOH B . 
E 3 HOH 7  1008 20  HOH HOH B . 
E 3 HOH 8  1009 21  HOH HOH B . 
E 3 HOH 9  1010 25  HOH HOH B . 
E 3 HOH 10 1011 30  HOH HOH B . 
E 3 HOH 11 1012 33  HOH HOH B . 
E 3 HOH 12 1013 34  HOH HOH B . 
E 3 HOH 13 1014 36  HOH HOH B . 
E 3 HOH 14 1015 37  HOH HOH B . 
E 3 HOH 15 1016 38  HOH HOH B . 
E 3 HOH 16 1017 39  HOH HOH B . 
E 3 HOH 17 1018 40  HOH HOH B . 
E 3 HOH 18 1019 41  HOH HOH B . 
E 3 HOH 19 1020 43  HOH HOH B . 
E 3 HOH 20 1021 44  HOH HOH B . 
E 3 HOH 21 1022 48  HOH HOH B . 
E 3 HOH 22 1023 52  HOH HOH B . 
E 3 HOH 23 1024 53  HOH HOH B . 
E 3 HOH 24 1025 55  HOH HOH B . 
E 3 HOH 25 1026 57  HOH HOH B . 
E 3 HOH 26 1027 63  HOH HOH B . 
E 3 HOH 27 1028 64  HOH HOH B . 
E 3 HOH 28 1029 65  HOH HOH B . 
E 3 HOH 29 1030 68  HOH HOH B . 
E 3 HOH 30 1031 71  HOH HOH B . 
E 3 HOH 31 1032 72  HOH HOH B . 
E 3 HOH 32 1033 74  HOH HOH B . 
E 3 HOH 33 1034 78  HOH HOH B . 
E 3 HOH 34 1035 79  HOH HOH B . 
E 3 HOH 35 1036 80  HOH HOH B . 
E 3 HOH 36 1037 84  HOH HOH B . 
E 3 HOH 37 1038 87  HOH HOH B . 
E 3 HOH 38 1039 88  HOH HOH B . 
E 3 HOH 39 1040 89  HOH HOH B . 
E 3 HOH 40 1041 90  HOH HOH B . 
E 3 HOH 41 1042 91  HOH HOH B . 
E 3 HOH 42 1043 92  HOH HOH B . 
E 3 HOH 43 1044 83  HOH HOH B . 
E 3 HOH 44 1045 96  HOH HOH B . 
E 3 HOH 45 1046 100 HOH HOH B . 
E 3 HOH 46 1047 105 HOH HOH B . 
E 3 HOH 47 1048 107 HOH HOH B . 
E 3 HOH 48 1049 108 HOH HOH B . 
E 3 HOH 49 1050 109 HOH HOH B . 
E 3 HOH 50 1051 110 HOH HOH B . 
E 3 HOH 51 1052 116 HOH HOH B . 
# 
loop_
_software.name 
_software.classification 
_software.version 
_software.citation_id 
_software.pdbx_ordinal 
DENZO     'data reduction' . ? 1 
SCALEPACK 'data scaling'   . ? 2 
REFMAC    refinement       . ? 3 
# 
_cell.entry_id           1N5T 
_cell.length_a           47.216 
_cell.length_b           59.974 
_cell.length_c           71.629 
_cell.angle_alpha        90.00 
_cell.angle_beta         90.00 
_cell.angle_gamma        90.00 
_cell.Z_PDB              8 
_cell.pdbx_unique_axis   ? 
# 
_symmetry.entry_id                         1N5T 
_symmetry.space_group_name_H-M             'P 21 21 21' 
_symmetry.pdbx_full_space_group_name_H-M   ? 
_symmetry.cell_setting                     ? 
_symmetry.Int_Tables_number                19 
# 
_exptl.entry_id          1N5T 
_exptl.method            'X-RAY DIFFRACTION' 
_exptl.crystals_number   1 
# 
_exptl_crystal.id                    1 
_exptl_crystal.density_meas          ? 
_exptl_crystal.density_Matthews      1.97 
_exptl_crystal.density_percent_sol   37.2 
_exptl_crystal.description           ? 
# 
_exptl_crystal_grow.crystal_id      1 
_exptl_crystal_grow.method          'vapour diffusion + soaking' 
_exptl_crystal_grow.temp            293 
_exptl_crystal_grow.temp_details    ? 
_exptl_crystal_grow.pH              7.0 
_exptl_crystal_grow.pdbx_details    
;ammonium sulfate, PEG 200, Tris or Hepes buffer
, pH 7.0, vapour diffusion + soaking
, temperature 293K
;
_exptl_crystal_grow.pdbx_pH_range   . 
# 
_diffrn.id                     1 
_diffrn.ambient_temp           100 
_diffrn.ambient_temp_details   ? 
_diffrn.crystal_id             1 
# 
_diffrn_detector.diffrn_id              1 
_diffrn_detector.detector               CCD 
_diffrn_detector.type                   MARRESEARCH 
_diffrn_detector.pdbx_collection_date   2001-05-20 
_diffrn_detector.details                'Three-segment Pt-coated toroidal mirror' 
# 
_diffrn_radiation.diffrn_id                        1 
_diffrn_radiation.wavelength_id                    1 
_diffrn_radiation.pdbx_monochromatic_or_laue_m_l   M 
_diffrn_radiation.monochromator                    'Double crystal (Si111,Si220)' 
_diffrn_radiation.pdbx_diffrn_protocol             'SINGLE WAVELENGTH' 
_diffrn_radiation.pdbx_scattering_type             x-ray 
# 
_diffrn_radiation_wavelength.id           1 
_diffrn_radiation_wavelength.wavelength   1.00 
_diffrn_radiation_wavelength.wt           1.0 
# 
_diffrn_source.diffrn_id                   1 
_diffrn_source.source                      SYNCHROTRON 
_diffrn_source.type                        'ELETTRA BEAMLINE 5.2R' 
_diffrn_source.pdbx_synchrotron_site       ELETTRA 
_diffrn_source.pdbx_synchrotron_beamline   5.2R 
_diffrn_source.pdbx_wavelength             ? 
_diffrn_source.pdbx_wavelength_list        1.00 
# 
_reflns.entry_id                     1N5T 
_reflns.observed_criterion_sigma_F   ? 
_reflns.observed_criterion_sigma_I   ? 
_reflns.d_resolution_high            1.90 
_reflns.d_resolution_low             20.0 
_reflns.number_all                   16795 
_reflns.number_obs                   16795 
_reflns.percent_possible_obs         99.6 
_reflns.pdbx_Rmerge_I_obs            0.052 
_reflns.pdbx_Rsym_value              ? 
_reflns.pdbx_netI_over_sigmaI        19.4 
_reflns.B_iso_Wilson_estimate        20.49 
_reflns.pdbx_redundancy              3.8 
_reflns.R_free_details               ? 
_reflns.limit_h_max                  ? 
_reflns.limit_h_min                  ? 
_reflns.limit_k_max                  ? 
_reflns.limit_k_min                  ? 
_reflns.limit_l_max                  ? 
_reflns.limit_l_min                  ? 
_reflns.observed_criterion_F_max     ? 
_reflns.observed_criterion_F_min     ? 
_reflns.pdbx_ordinal                 1 
_reflns.pdbx_diffrn_id               1 
# 
_reflns_shell.d_res_high             1.90 
_reflns_shell.d_res_low              1.93 
_reflns_shell.percent_possible_all   99.4 
_reflns_shell.Rmerge_I_obs           0.235 
_reflns_shell.pdbx_Rsym_value        ? 
_reflns_shell.meanI_over_sigI_obs    2.9 
_reflns_shell.pdbx_redundancy        ? 
_reflns_shell.percent_possible_obs   ? 
_reflns_shell.number_unique_all      813 
_reflns_shell.pdbx_ordinal           1 
_reflns_shell.pdbx_diffrn_id         1 
# 
_refine.entry_id                                 1N5T 
_refine.ls_d_res_high                            1.90 
_refine.ls_d_res_low                             20.0 
_refine.pdbx_ls_sigma_F                          ? 
_refine.pdbx_ls_sigma_I                          ? 
_refine.ls_number_reflns_all                     16520 
_refine.ls_number_reflns_obs                     16520 
_refine.ls_number_reflns_R_free                  834 
_refine.ls_percent_reflns_obs                    98.0 
_refine.ls_R_factor_all                          ? 
_refine.ls_R_factor_obs                          ? 
_refine.ls_R_factor_R_work                       0.202 
_refine.ls_R_factor_R_free                       0.256 
_refine.ls_redundancy_reflns_obs                 ? 
_refine.pdbx_data_cutoff_high_absF               ? 
_refine.pdbx_data_cutoff_low_absF                ? 
_refine.ls_number_parameters                     ? 
_refine.ls_number_restraints                     ? 
_refine.ls_percent_reflns_R_free                 ? 
_refine.ls_R_factor_R_free_error                 ? 
_refine.ls_R_factor_R_free_error_details         ? 
_refine.pdbx_method_to_determine_struct          'fourier difference' 
_refine.pdbx_starting_model                      'PDB ENTRY 1LQ9' 
_refine.pdbx_ls_cross_valid_method               ? 
_refine.pdbx_R_Free_selection_details            RANDOM 
_refine.pdbx_stereochem_target_val_spec_case     ? 
_refine.pdbx_stereochemistry_target_values       'Engh & Huber' 
_refine.solvent_model_details                    ? 
_refine.solvent_model_param_bsol                 ? 
_refine.solvent_model_param_ksol                 ? 
_refine.occupancy_max                            ? 
_refine.occupancy_min                            ? 
_refine.pdbx_isotropic_thermal_model             ? 
_refine.B_iso_mean                               ? 
_refine.aniso_B[1][1]                            ? 
_refine.aniso_B[1][2]                            ? 
_refine.aniso_B[1][3]                            ? 
_refine.aniso_B[2][2]                            ? 
_refine.aniso_B[2][3]                            ? 
_refine.aniso_B[3][3]                            ? 
_refine.details                                  ? 
_refine.B_iso_min                                ? 
_refine.B_iso_max                                ? 
_refine.correlation_coeff_Fo_to_Fc               ? 
_refine.correlation_coeff_Fo_to_Fc_free          ? 
_refine.pdbx_solvent_vdw_probe_radii             ? 
_refine.pdbx_solvent_ion_probe_radii             ? 
_refine.pdbx_solvent_shrinkage_radii             ? 
_refine.overall_SU_R_Cruickshank_DPI             ? 
_refine.overall_SU_R_free                        ? 
_refine.overall_SU_B                             ? 
_refine.overall_SU_ML                            ? 
_refine.pdbx_overall_ESU_R                       ? 
_refine.pdbx_overall_ESU_R_Free                  ? 
_refine.pdbx_data_cutoff_high_rms_absF           ? 
_refine.pdbx_refine_id                           'X-RAY DIFFRACTION' 
_refine.pdbx_diffrn_id                           1 
_refine.pdbx_TLS_residual_ADP_flag               ? 
_refine.pdbx_overall_phase_error                 ? 
_refine.pdbx_overall_SU_R_free_Cruickshank_DPI   ? 
_refine.pdbx_overall_SU_R_Blow_DPI               ? 
_refine.pdbx_overall_SU_R_free_Blow_DPI          ? 
# 
_refine_hist.pdbx_refine_id                   'X-RAY DIFFRACTION' 
_refine_hist.cycle_id                         LAST 
_refine_hist.pdbx_number_atoms_protein        1692 
_refine_hist.pdbx_number_atoms_nucleic_acid   0 
_refine_hist.pdbx_number_atoms_ligand         22 
_refine_hist.number_atoms_solvent             121 
_refine_hist.number_atoms_total               1835 
_refine_hist.d_res_high                       1.90 
_refine_hist.d_res_low                        20.0 
# 
_struct.entry_id                  1N5T 
_struct.title                     
;Crystal structure of a Monooxygenase from the gene ActVA-Orf6 of Streptomyces coelicolor in complex with the ligand Oxidized Acetyl Dithranol
;
_struct.pdbx_model_details        ? 
_struct.pdbx_CASP_flag            ? 
_struct.pdbx_model_type_details   ? 
# 
_struct_keywords.entry_id        1N5T 
_struct_keywords.pdbx_keywords   OXIDOREDUCTASE 
_struct_keywords.text            
;monooxygenase, aromatic polyketides, actinorhodin, dihydrokalafungin, oxidized acetyl dithranol, streptomyces coelicolor, OXIDOREDUCTASE
;
# 
loop_
_struct_asym.id 
_struct_asym.pdbx_blank_PDB_chainid_flag 
_struct_asym.pdbx_modified 
_struct_asym.entity_id 
_struct_asym.details 
A N N 1 ? 
B N N 1 ? 
C N N 2 ? 
D N N 3 ? 
E N N 3 ? 
# 
_struct_ref.id                         1 
_struct_ref.db_name                    UNP 
_struct_ref.db_code                    Q53908_STRCO 
_struct_ref.entity_id                  1 
_struct_ref.pdbx_seq_one_letter_code   
;AEVNDPRVGFVAVVTFPVDGPATQHKLVELATGGVQEWIREVPGFLSATYHASTDGTAVVNYAQWESEQAYRVNFGADPR
SAELREALSSLPGLMGPPKAVFMTPRGAILPS
;
_struct_ref.pdbx_align_begin           2 
_struct_ref.pdbx_db_accession          Q53908 
_struct_ref.pdbx_db_isoform            ? 
# 
loop_
_struct_ref_seq.align_id 
_struct_ref_seq.ref_id 
_struct_ref_seq.pdbx_PDB_id_code 
_struct_ref_seq.pdbx_strand_id 
_struct_ref_seq.seq_align_beg 
_struct_ref_seq.pdbx_seq_align_beg_ins_code 
_struct_ref_seq.seq_align_end 
_struct_ref_seq.pdbx_seq_align_end_ins_code 
_struct_ref_seq.pdbx_db_accession 
_struct_ref_seq.db_align_beg 
_struct_ref_seq.pdbx_db_align_beg_ins_code 
_struct_ref_seq.db_align_end 
_struct_ref_seq.pdbx_db_align_end_ins_code 
_struct_ref_seq.pdbx_auth_seq_align_beg 
_struct_ref_seq.pdbx_auth_seq_align_end 
1 1 1N5T A 1 ? 112 ? Q53908 2 ? 113 ? 2 113 
2 1 1N5T B 1 ? 112 ? Q53908 2 ? 113 ? 2 113 
# 
_pdbx_struct_assembly.id                   1 
_pdbx_struct_assembly.details              author_and_software_defined_assembly 
_pdbx_struct_assembly.method_details       PISA 
_pdbx_struct_assembly.oligomeric_details   dimeric 
_pdbx_struct_assembly.oligomeric_count     2 
# 
loop_
_pdbx_struct_assembly_prop.biol_id 
_pdbx_struct_assembly_prop.type 
_pdbx_struct_assembly_prop.value 
_pdbx_struct_assembly_prop.details 
1 'ABSA (A^2)' 3850  ? 
1 MORE         -22   ? 
1 'SSA (A^2)'  10350 ? 
# 
_pdbx_struct_assembly_gen.assembly_id       1 
_pdbx_struct_assembly_gen.oper_expression   1 
_pdbx_struct_assembly_gen.asym_id_list      A,B,C,D,E 
# 
_pdbx_struct_oper_list.id                   1 
_pdbx_struct_oper_list.type                 'identity operation' 
_pdbx_struct_oper_list.name                 1_555 
_pdbx_struct_oper_list.symmetry_operation   x,y,z 
_pdbx_struct_oper_list.matrix[1][1]         1.0000000000 
_pdbx_struct_oper_list.matrix[1][2]         0.0000000000 
_pdbx_struct_oper_list.matrix[1][3]         0.0000000000 
_pdbx_struct_oper_list.vector[1]            0.0000000000 
_pdbx_struct_oper_list.matrix[2][1]         0.0000000000 
_pdbx_struct_oper_list.matrix[2][2]         1.0000000000 
_pdbx_struct_oper_list.matrix[2][3]         0.0000000000 
_pdbx_struct_oper_list.vector[2]            0.0000000000 
_pdbx_struct_oper_list.matrix[3][1]         0.0000000000 
_pdbx_struct_oper_list.matrix[3][2]         0.0000000000 
_pdbx_struct_oper_list.matrix[3][3]         1.0000000000 
_pdbx_struct_oper_list.vector[3]            0.0000000000 
# 
_struct_biol.id                    1 
_struct_biol.details               'The biological unit is a dimer in the asymmetric unit' 
_struct_biol.pdbx_parent_biol_id   ? 
# 
loop_
_struct_conf.conf_type_id 
_struct_conf.id 
_struct_conf.pdbx_PDB_helix_id 
_struct_conf.beg_label_comp_id 
_struct_conf.beg_label_asym_id 
_struct_conf.beg_label_seq_id 
_struct_conf.pdbx_beg_PDB_ins_code 
_struct_conf.end_label_comp_id 
_struct_conf.end_label_asym_id 
_struct_conf.end_label_seq_id 
_struct_conf.pdbx_end_PDB_ins_code 
_struct_conf.beg_auth_comp_id 
_struct_conf.beg_auth_asym_id 
_struct_conf.beg_auth_seq_id 
_struct_conf.end_auth_comp_id 
_struct_conf.end_auth_asym_id 
_struct_conf.end_auth_seq_id 
_struct_conf.pdbx_PDB_helix_class 
_struct_conf.details 
_struct_conf.pdbx_PDB_helix_length 
HELX_P HELX_P1 1 GLY A 20 ? THR A 32 ? GLY A 21 THR A 33 1 ? 13 
HELX_P HELX_P2 2 GLN A 36 ? VAL A 42 ? GLN A 37 VAL A 43 5 ? 7  
HELX_P HELX_P3 3 SER A 67 ? PHE A 75 ? SER A 68 PHE A 76 1 ? 9  
HELX_P HELX_P4 4 ASP A 78 ? SER A 90 ? ASP A 79 SER A 91 1 ? 13 
HELX_P HELX_P5 5 GLY B 20 ? THR B 32 ? GLY B 21 THR B 33 1 ? 13 
HELX_P HELX_P6 6 GLY B 34 ? VAL B 42 ? GLY B 35 VAL B 43 5 ? 9  
HELX_P HELX_P7 7 SER B 67 ? VAL B 73 ? SER B 68 VAL B 74 1 ? 7  
HELX_P HELX_P8 8 ASP B 78 ? SER B 90 ? ASP B 79 SER B 91 1 ? 13 
# 
_struct_conf_type.id          HELX_P 
_struct_conf_type.criteria    ? 
_struct_conf_type.reference   ? 
# 
_struct_sheet.id               A 
_struct_sheet.type             ? 
_struct_sheet.number_strands   9 
_struct_sheet.details          ? 
# 
loop_
_struct_sheet_order.sheet_id 
_struct_sheet_order.range_id_1 
_struct_sheet_order.range_id_2 
_struct_sheet_order.offset 
_struct_sheet_order.sense 
A 1 2 ? anti-parallel 
A 2 3 ? anti-parallel 
A 3 4 ? anti-parallel 
A 4 5 ? anti-parallel 
A 5 6 ? anti-parallel 
A 6 7 ? anti-parallel 
A 7 8 ? anti-parallel 
A 8 9 ? anti-parallel 
# 
loop_
_struct_sheet_range.sheet_id 
_struct_sheet_range.id 
_struct_sheet_range.beg_label_comp_id 
_struct_sheet_range.beg_label_asym_id 
_struct_sheet_range.beg_label_seq_id 
_struct_sheet_range.pdbx_beg_PDB_ins_code 
_struct_sheet_range.end_label_comp_id 
_struct_sheet_range.end_label_asym_id 
_struct_sheet_range.end_label_seq_id 
_struct_sheet_range.pdbx_end_PDB_ins_code 
_struct_sheet_range.beg_auth_comp_id 
_struct_sheet_range.beg_auth_asym_id 
_struct_sheet_range.beg_auth_seq_id 
_struct_sheet_range.end_auth_comp_id 
_struct_sheet_range.end_auth_asym_id 
_struct_sheet_range.end_auth_seq_id 
A 1 PHE A 10 ? PRO A 17  ? PHE A 11  PRO A 18  
A 2 ALA A 58 ? TRP A 65  ? ALA A 59  TRP A 66  
A 3 PHE A 45 ? SER A 53  ? PHE A 46  SER A 54  
A 4 LYS B 99 ? ILE B 109 ? LYS B 100 ILE B 110 
A 5 PHE B 10 ? PRO B 17  ? PHE B 11  PRO B 18  
A 6 ALA B 58 ? TRP B 65  ? ALA B 59  TRP B 66  
A 7 PHE B 45 ? SER B 53  ? PHE B 46  SER B 54  
A 8 LYS A 99 ? ILE A 109 ? LYS A 100 ILE A 110 
A 9 PHE A 10 ? PRO A 17  ? PHE A 11  PRO A 18  
# 
loop_
_pdbx_struct_sheet_hbond.sheet_id 
_pdbx_struct_sheet_hbond.range_id_1 
_pdbx_struct_sheet_hbond.range_id_2 
_pdbx_struct_sheet_hbond.range_1_label_atom_id 
_pdbx_struct_sheet_hbond.range_1_label_comp_id 
_pdbx_struct_sheet_hbond.range_1_label_asym_id 
_pdbx_struct_sheet_hbond.range_1_label_seq_id 
_pdbx_struct_sheet_hbond.range_1_PDB_ins_code 
_pdbx_struct_sheet_hbond.range_1_auth_atom_id 
_pdbx_struct_sheet_hbond.range_1_auth_comp_id 
_pdbx_struct_sheet_hbond.range_1_auth_asym_id 
_pdbx_struct_sheet_hbond.range_1_auth_seq_id 
_pdbx_struct_sheet_hbond.range_2_label_atom_id 
_pdbx_struct_sheet_hbond.range_2_label_comp_id 
_pdbx_struct_sheet_hbond.range_2_label_asym_id 
_pdbx_struct_sheet_hbond.range_2_label_seq_id 
_pdbx_struct_sheet_hbond.range_2_PDB_ins_code 
_pdbx_struct_sheet_hbond.range_2_auth_atom_id 
_pdbx_struct_sheet_hbond.range_2_auth_comp_id 
_pdbx_struct_sheet_hbond.range_2_auth_asym_id 
_pdbx_struct_sheet_hbond.range_2_auth_seq_id 
A 1 2 N VAL A 14  ? N VAL A 15  O ASN A 61  ? O ASN A 62  
A 2 3 O VAL A 60  ? O VAL A 61  N HIS A 51  ? N HIS A 52  
A 3 4 N TYR A 50  ? N TYR A 51  O GLY B 107 ? O GLY B 108 
A 4 5 O MET B 103 ? O MET B 104 N VAL B 11  ? N VAL B 12  
A 5 6 N PHE B 16  ? N PHE B 17  O VAL B 59  ? O VAL B 60  
A 6 7 O TYR B 62  ? O TYR B 63  N THR B 49  ? N THR B 50  
A 7 8 O TYR B 50  ? O TYR B 51  N GLY A 107 ? N GLY A 108 
A 8 9 O LYS A 99  ? O LYS A 100 N THR A 15  ? N THR A 16  
# 
_struct_site.id                   AC1 
_struct_site.pdbx_evidence_code   Software 
_struct_site.pdbx_auth_asym_id    B 
_struct_site.pdbx_auth_comp_id    OAL 
_struct_site.pdbx_auth_seq_id     1001 
_struct_site.pdbx_auth_ins_code   ? 
_struct_site.pdbx_num_residues    9 
_struct_site.details              'BINDING SITE FOR RESIDUE OAL B 1001' 
# 
loop_
_struct_site_gen.id 
_struct_site_gen.site_id 
_struct_site_gen.pdbx_num_res 
_struct_site_gen.label_comp_id 
_struct_site_gen.label_asym_id 
_struct_site_gen.label_seq_id 
_struct_site_gen.pdbx_auth_ins_code 
_struct_site_gen.auth_comp_id 
_struct_site_gen.auth_asym_id 
_struct_site_gen.auth_seq_id 
_struct_site_gen.label_atom_id 
_struct_site_gen.label_alt_id 
_struct_site_gen.symmetry 
_struct_site_gen.details 
1 AC1 9 VAL B 14 ? VAL B 15 . ? 1_555 ? 
2 AC1 9 ALA B 48 ? ALA B 49 . ? 1_555 ? 
3 AC1 9 TYR B 50 ? TYR B 51 . ? 1_555 ? 
4 AC1 9 ASN B 61 ? ASN B 62 . ? 1_555 ? 
5 AC1 9 ALA B 63 ? ALA B 64 . ? 1_555 ? 
6 AC1 9 TRP B 65 ? TRP B 66 . ? 1_555 ? 
7 AC1 9 TYR B 71 ? TYR B 72 . ? 1_555 ? 
8 AC1 9 LEU B 84 ? LEU B 85 . ? 1_555 ? 
9 AC1 9 ARG B 85 ? ARG B 86 . ? 1_555 ? 
# 
loop_
_pdbx_validate_rmsd_angle.id 
_pdbx_validate_rmsd_angle.PDB_model_num 
_pdbx_validate_rmsd_angle.auth_atom_id_1 
_pdbx_validate_rmsd_angle.auth_asym_id_1 
_pdbx_validate_rmsd_angle.auth_comp_id_1 
_pdbx_validate_rmsd_angle.auth_seq_id_1 
_pdbx_validate_rmsd_angle.PDB_ins_code_1 
_pdbx_validate_rmsd_angle.label_alt_id_1 
_pdbx_validate_rmsd_angle.auth_atom_id_2 
_pdbx_validate_rmsd_angle.auth_asym_id_2 
_pdbx_validate_rmsd_angle.auth_comp_id_2 
_pdbx_validate_rmsd_angle.auth_seq_id_2 
_pdbx_validate_rmsd_angle.PDB_ins_code_2 
_pdbx_validate_rmsd_angle.label_alt_id_2 
_pdbx_validate_rmsd_angle.auth_atom_id_3 
_pdbx_validate_rmsd_angle.auth_asym_id_3 
_pdbx_validate_rmsd_angle.auth_comp_id_3 
_pdbx_validate_rmsd_angle.auth_seq_id_3 
_pdbx_validate_rmsd_angle.PDB_ins_code_3 
_pdbx_validate_rmsd_angle.label_alt_id_3 
_pdbx_validate_rmsd_angle.angle_value 
_pdbx_validate_rmsd_angle.angle_target_value 
_pdbx_validate_rmsd_angle.angle_deviation 
_pdbx_validate_rmsd_angle.angle_standard_deviation 
_pdbx_validate_rmsd_angle.linker_flag 
1  1 CD  A ARG 8  ? ? NE A ARG 8  ? ? CZ  A ARG 8  ? ? 132.65 123.60 9.05  1.40 N 
2  1 NE  A ARG 8  ? ? CZ A ARG 8  ? ? NH1 A ARG 8  ? ? 123.95 120.30 3.65  0.50 N 
3  1 NE  A ARG 8  ? ? CZ A ARG 8  ? ? NH2 A ARG 8  ? ? 115.03 120.30 -5.27 0.50 N 
4  1 NH1 A ARG 41 ? ? CZ A ARG 41 ? ? NH2 A ARG 41 ? ? 127.94 119.40 8.54  1.10 N 
5  1 NE  A ARG 41 ? ? CZ A ARG 41 ? ? NH2 A ARG 41 ? ? 114.59 120.30 -5.71 0.50 N 
6  1 N   B GLY 34 ? ? CA B GLY 34 ? ? C   B GLY 34 ? ? 130.70 113.10 17.60 2.50 N 
7  1 CD  B ARG 73 ? ? NE B ARG 73 ? ? CZ  B ARG 73 ? ? 138.08 123.60 14.48 1.40 N 
8  1 NH1 B ARG 73 ? ? CZ B ARG 73 ? ? NH2 B ARG 73 ? ? 112.69 119.40 -6.71 1.10 N 
9  1 NE  B ARG 73 ? ? CZ B ARG 73 ? ? NH1 B ARG 73 ? ? 123.83 120.30 3.53  0.50 N 
10 1 NE  B ARG 73 ? ? CZ B ARG 73 ? ? NH2 B ARG 73 ? ? 123.48 120.30 3.18  0.50 N 
11 1 CD  B ARG 86 ? ? NE B ARG 86 ? ? CZ  B ARG 86 ? ? 132.58 123.60 8.98  1.40 N 
12 1 NE  B ARG 86 ? ? CZ B ARG 86 ? ? NH1 B ARG 86 ? ? 124.11 120.30 3.81  0.50 N 
# 
loop_
_chem_comp_atom.comp_id 
_chem_comp_atom.atom_id 
_chem_comp_atom.type_symbol 
_chem_comp_atom.pdbx_aromatic_flag 
_chem_comp_atom.pdbx_stereo_config 
_chem_comp_atom.pdbx_ordinal 
ALA N    N N N 1   
ALA CA   C N S 2   
ALA C    C N N 3   
ALA O    O N N 4   
ALA CB   C N N 5   
ALA OXT  O N N 6   
ALA H    H N N 7   
ALA H2   H N N 8   
ALA HA   H N N 9   
ALA HB1  H N N 10  
ALA HB2  H N N 11  
ALA HB3  H N N 12  
ALA HXT  H N N 13  
ARG N    N N N 14  
ARG CA   C N S 15  
ARG C    C N N 16  
ARG O    O N N 17  
ARG CB   C N N 18  
ARG CG   C N N 19  
ARG CD   C N N 20  
ARG NE   N N N 21  
ARG CZ   C N N 22  
ARG NH1  N N N 23  
ARG NH2  N N N 24  
ARG OXT  O N N 25  
ARG H    H N N 26  
ARG H2   H N N 27  
ARG HA   H N N 28  
ARG HB2  H N N 29  
ARG HB3  H N N 30  
ARG HG2  H N N 31  
ARG HG3  H N N 32  
ARG HD2  H N N 33  
ARG HD3  H N N 34  
ARG HE   H N N 35  
ARG HH11 H N N 36  
ARG HH12 H N N 37  
ARG HH21 H N N 38  
ARG HH22 H N N 39  
ARG HXT  H N N 40  
ASN N    N N N 41  
ASN CA   C N S 42  
ASN C    C N N 43  
ASN O    O N N 44  
ASN CB   C N N 45  
ASN CG   C N N 46  
ASN OD1  O N N 47  
ASN ND2  N N N 48  
ASN OXT  O N N 49  
ASN H    H N N 50  
ASN H2   H N N 51  
ASN HA   H N N 52  
ASN HB2  H N N 53  
ASN HB3  H N N 54  
ASN HD21 H N N 55  
ASN HD22 H N N 56  
ASN HXT  H N N 57  
ASP N    N N N 58  
ASP CA   C N S 59  
ASP C    C N N 60  
ASP O    O N N 61  
ASP CB   C N N 62  
ASP CG   C N N 63  
ASP OD1  O N N 64  
ASP OD2  O N N 65  
ASP OXT  O N N 66  
ASP H    H N N 67  
ASP H2   H N N 68  
ASP HA   H N N 69  
ASP HB2  H N N 70  
ASP HB3  H N N 71  
ASP HD2  H N N 72  
ASP HXT  H N N 73  
GLN N    N N N 74  
GLN CA   C N S 75  
GLN C    C N N 76  
GLN O    O N N 77  
GLN CB   C N N 78  
GLN CG   C N N 79  
GLN CD   C N N 80  
GLN OE1  O N N 81  
GLN NE2  N N N 82  
GLN OXT  O N N 83  
GLN H    H N N 84  
GLN H2   H N N 85  
GLN HA   H N N 86  
GLN HB2  H N N 87  
GLN HB3  H N N 88  
GLN HG2  H N N 89  
GLN HG3  H N N 90  
GLN HE21 H N N 91  
GLN HE22 H N N 92  
GLN HXT  H N N 93  
GLU N    N N N 94  
GLU CA   C N S 95  
GLU C    C N N 96  
GLU O    O N N 97  
GLU CB   C N N 98  
GLU CG   C N N 99  
GLU CD   C N N 100 
GLU OE1  O N N 101 
GLU OE2  O N N 102 
GLU OXT  O N N 103 
GLU H    H N N 104 
GLU H2   H N N 105 
GLU HA   H N N 106 
GLU HB2  H N N 107 
GLU HB3  H N N 108 
GLU HG2  H N N 109 
GLU HG3  H N N 110 
GLU HE2  H N N 111 
GLU HXT  H N N 112 
GLY N    N N N 113 
GLY CA   C N N 114 
GLY C    C N N 115 
GLY O    O N N 116 
GLY OXT  O N N 117 
GLY H    H N N 118 
GLY H2   H N N 119 
GLY HA2  H N N 120 
GLY HA3  H N N 121 
GLY HXT  H N N 122 
HIS N    N N N 123 
HIS CA   C N S 124 
HIS C    C N N 125 
HIS O    O N N 126 
HIS CB   C N N 127 
HIS CG   C Y N 128 
HIS ND1  N Y N 129 
HIS CD2  C Y N 130 
HIS CE1  C Y N 131 
HIS NE2  N Y N 132 
HIS OXT  O N N 133 
HIS H    H N N 134 
HIS H2   H N N 135 
HIS HA   H N N 136 
HIS HB2  H N N 137 
HIS HB3  H N N 138 
HIS HD1  H N N 139 
HIS HD2  H N N 140 
HIS HE1  H N N 141 
HIS HE2  H N N 142 
HIS HXT  H N N 143 
HOH O    O N N 144 
HOH H1   H N N 145 
HOH H2   H N N 146 
ILE N    N N N 147 
ILE CA   C N S 148 
ILE C    C N N 149 
ILE O    O N N 150 
ILE CB   C N S 151 
ILE CG1  C N N 152 
ILE CG2  C N N 153 
ILE CD1  C N N 154 
ILE OXT  O N N 155 
ILE H    H N N 156 
ILE H2   H N N 157 
ILE HA   H N N 158 
ILE HB   H N N 159 
ILE HG12 H N N 160 
ILE HG13 H N N 161 
ILE HG21 H N N 162 
ILE HG22 H N N 163 
ILE HG23 H N N 164 
ILE HD11 H N N 165 
ILE HD12 H N N 166 
ILE HD13 H N N 167 
ILE HXT  H N N 168 
LEU N    N N N 169 
LEU CA   C N S 170 
LEU C    C N N 171 
LEU O    O N N 172 
LEU CB   C N N 173 
LEU CG   C N N 174 
LEU CD1  C N N 175 
LEU CD2  C N N 176 
LEU OXT  O N N 177 
LEU H    H N N 178 
LEU H2   H N N 179 
LEU HA   H N N 180 
LEU HB2  H N N 181 
LEU HB3  H N N 182 
LEU HG   H N N 183 
LEU HD11 H N N 184 
LEU HD12 H N N 185 
LEU HD13 H N N 186 
LEU HD21 H N N 187 
LEU HD22 H N N 188 
LEU HD23 H N N 189 
LEU HXT  H N N 190 
LYS N    N N N 191 
LYS CA   C N S 192 
LYS C    C N N 193 
LYS O    O N N 194 
LYS CB   C N N 195 
LYS CG   C N N 196 
LYS CD   C N N 197 
LYS CE   C N N 198 
LYS NZ   N N N 199 
LYS OXT  O N N 200 
LYS H    H N N 201 
LYS H2   H N N 202 
LYS HA   H N N 203 
LYS HB2  H N N 204 
LYS HB3  H N N 205 
LYS HG2  H N N 206 
LYS HG3  H N N 207 
LYS HD2  H N N 208 
LYS HD3  H N N 209 
LYS HE2  H N N 210 
LYS HE3  H N N 211 
LYS HZ1  H N N 212 
LYS HZ2  H N N 213 
LYS HZ3  H N N 214 
LYS HXT  H N N 215 
MET N    N N N 216 
MET CA   C N S 217 
MET C    C N N 218 
MET O    O N N 219 
MET CB   C N N 220 
MET CG   C N N 221 
MET SD   S N N 222 
MET CE   C N N 223 
MET OXT  O N N 224 
MET H    H N N 225 
MET H2   H N N 226 
MET HA   H N N 227 
MET HB2  H N N 228 
MET HB3  H N N 229 
MET HG2  H N N 230 
MET HG3  H N N 231 
MET HE1  H N N 232 
MET HE2  H N N 233 
MET HE3  H N N 234 
MET HXT  H N N 235 
OAL C1   C Y N 236 
OAL C2   C Y N 237 
OAL C3   C Y N 238 
OAL C4   C Y N 239 
OAL C5   C Y N 240 
OAL C6   C Y N 241 
OAL C7   C N N 242 
OAL C8   C Y N 243 
OAL C9   C Y N 244 
OAL C10  C N N 245 
OAL C11  C Y N 246 
OAL C12  C Y N 247 
OAL C13  C Y N 248 
OAL C14  C Y N 249 
OAL C15  C N N 250 
OAL C16  C N N 251 
OAL O1   O N N 252 
OAL O2   O N N 253 
OAL O3   O N N 254 
OAL O5   O N N 255 
OAL O4   O N N 256 
OAL O6   O N N 257 
OAL HC1  H N N 258 
OAL HC2  H N N 259 
OAL HC6  H N N 260 
OAL HC13 H N N 261 
OAL HC14 H N N 262 
OAL H151 H N N 263 
OAL H152 H N N 264 
OAL HO1  H N N 265 
OAL HO3  H N N 266 
OAL HO4  H N N 267 
PHE N    N N N 268 
PHE CA   C N S 269 
PHE C    C N N 270 
PHE O    O N N 271 
PHE CB   C N N 272 
PHE CG   C Y N 273 
PHE CD1  C Y N 274 
PHE CD2  C Y N 275 
PHE CE1  C Y N 276 
PHE CE2  C Y N 277 
PHE CZ   C Y N 278 
PHE OXT  O N N 279 
PHE H    H N N 280 
PHE H2   H N N 281 
PHE HA   H N N 282 
PHE HB2  H N N 283 
PHE HB3  H N N 284 
PHE HD1  H N N 285 
PHE HD2  H N N 286 
PHE HE1  H N N 287 
PHE HE2  H N N 288 
PHE HZ   H N N 289 
PHE HXT  H N N 290 
PRO N    N N N 291 
PRO CA   C N S 292 
PRO C    C N N 293 
PRO O    O N N 294 
PRO CB   C N N 295 
PRO CG   C N N 296 
PRO CD   C N N 297 
PRO OXT  O N N 298 
PRO H    H N N 299 
PRO HA   H N N 300 
PRO HB2  H N N 301 
PRO HB3  H N N 302 
PRO HG2  H N N 303 
PRO HG3  H N N 304 
PRO HD2  H N N 305 
PRO HD3  H N N 306 
PRO HXT  H N N 307 
SER N    N N N 308 
SER CA   C N S 309 
SER C    C N N 310 
SER O    O N N 311 
SER CB   C N N 312 
SER OG   O N N 313 
SER OXT  O N N 314 
SER H    H N N 315 
SER H2   H N N 316 
SER HA   H N N 317 
SER HB2  H N N 318 
SER HB3  H N N 319 
SER HG   H N N 320 
SER HXT  H N N 321 
THR N    N N N 322 
THR CA   C N S 323 
THR C    C N N 324 
THR O    O N N 325 
THR CB   C N R 326 
THR OG1  O N N 327 
THR CG2  C N N 328 
THR OXT  O N N 329 
THR H    H N N 330 
THR H2   H N N 331 
THR HA   H N N 332 
THR HB   H N N 333 
THR HG1  H N N 334 
THR HG21 H N N 335 
THR HG22 H N N 336 
THR HG23 H N N 337 
THR HXT  H N N 338 
TRP N    N N N 339 
TRP CA   C N S 340 
TRP C    C N N 341 
TRP O    O N N 342 
TRP CB   C N N 343 
TRP CG   C Y N 344 
TRP CD1  C Y N 345 
TRP CD2  C Y N 346 
TRP NE1  N Y N 347 
TRP CE2  C Y N 348 
TRP CE3  C Y N 349 
TRP CZ2  C Y N 350 
TRP CZ3  C Y N 351 
TRP CH2  C Y N 352 
TRP OXT  O N N 353 
TRP H    H N N 354 
TRP H2   H N N 355 
TRP HA   H N N 356 
TRP HB2  H N N 357 
TRP HB3  H N N 358 
TRP HD1  H N N 359 
TRP HE1  H N N 360 
TRP HE3  H N N 361 
TRP HZ2  H N N 362 
TRP HZ3  H N N 363 
TRP HH2  H N N 364 
TRP HXT  H N N 365 
TYR N    N N N 366 
TYR CA   C N S 367 
TYR C    C N N 368 
TYR O    O N N 369 
TYR CB   C N N 370 
TYR CG   C Y N 371 
TYR CD1  C Y N 372 
TYR CD2  C Y N 373 
TYR CE1  C Y N 374 
TYR CE2  C Y N 375 
TYR CZ   C Y N 376 
TYR OH   O N N 377 
TYR OXT  O N N 378 
TYR H    H N N 379 
TYR H2   H N N 380 
TYR HA   H N N 381 
TYR HB2  H N N 382 
TYR HB3  H N N 383 
TYR HD1  H N N 384 
TYR HD2  H N N 385 
TYR HE1  H N N 386 
TYR HE2  H N N 387 
TYR HH   H N N 388 
TYR HXT  H N N 389 
VAL N    N N N 390 
VAL CA   C N S 391 
VAL C    C N N 392 
VAL O    O N N 393 
VAL CB   C N N 394 
VAL CG1  C N N 395 
VAL CG2  C N N 396 
VAL OXT  O N N 397 
VAL H    H N N 398 
VAL H2   H N N 399 
VAL HA   H N N 400 
VAL HB   H N N 401 
VAL HG11 H N N 402 
VAL HG12 H N N 403 
VAL HG13 H N N 404 
VAL HG21 H N N 405 
VAL HG22 H N N 406 
VAL HG23 H N N 407 
VAL HXT  H N N 408 
# 
loop_
_chem_comp_bond.comp_id 
_chem_comp_bond.atom_id_1 
_chem_comp_bond.atom_id_2 
_chem_comp_bond.value_order 
_chem_comp_bond.pdbx_aromatic_flag 
_chem_comp_bond.pdbx_stereo_config 
_chem_comp_bond.pdbx_ordinal 
ALA N   CA   sing N N 1   
ALA N   H    sing N N 2   
ALA N   H2   sing N N 3   
ALA CA  C    sing N N 4   
ALA CA  CB   sing N N 5   
ALA CA  HA   sing N N 6   
ALA C   O    doub N N 7   
ALA C   OXT  sing N N 8   
ALA CB  HB1  sing N N 9   
ALA CB  HB2  sing N N 10  
ALA CB  HB3  sing N N 11  
ALA OXT HXT  sing N N 12  
ARG N   CA   sing N N 13  
ARG N   H    sing N N 14  
ARG N   H2   sing N N 15  
ARG CA  C    sing N N 16  
ARG CA  CB   sing N N 17  
ARG CA  HA   sing N N 18  
ARG C   O    doub N N 19  
ARG C   OXT  sing N N 20  
ARG CB  CG   sing N N 21  
ARG CB  HB2  sing N N 22  
ARG CB  HB3  sing N N 23  
ARG CG  CD   sing N N 24  
ARG CG  HG2  sing N N 25  
ARG CG  HG3  sing N N 26  
ARG CD  NE   sing N N 27  
ARG CD  HD2  sing N N 28  
ARG CD  HD3  sing N N 29  
ARG NE  CZ   sing N N 30  
ARG NE  HE   sing N N 31  
ARG CZ  NH1  sing N N 32  
ARG CZ  NH2  doub N N 33  
ARG NH1 HH11 sing N N 34  
ARG NH1 HH12 sing N N 35  
ARG NH2 HH21 sing N N 36  
ARG NH2 HH22 sing N N 37  
ARG OXT HXT  sing N N 38  
ASN N   CA   sing N N 39  
ASN N   H    sing N N 40  
ASN N   H2   sing N N 41  
ASN CA  C    sing N N 42  
ASN CA  CB   sing N N 43  
ASN CA  HA   sing N N 44  
ASN C   O    doub N N 45  
ASN C   OXT  sing N N 46  
ASN CB  CG   sing N N 47  
ASN CB  HB2  sing N N 48  
ASN CB  HB3  sing N N 49  
ASN CG  OD1  doub N N 50  
ASN CG  ND2  sing N N 51  
ASN ND2 HD21 sing N N 52  
ASN ND2 HD22 sing N N 53  
ASN OXT HXT  sing N N 54  
ASP N   CA   sing N N 55  
ASP N   H    sing N N 56  
ASP N   H2   sing N N 57  
ASP CA  C    sing N N 58  
ASP CA  CB   sing N N 59  
ASP CA  HA   sing N N 60  
ASP C   O    doub N N 61  
ASP C   OXT  sing N N 62  
ASP CB  CG   sing N N 63  
ASP CB  HB2  sing N N 64  
ASP CB  HB3  sing N N 65  
ASP CG  OD1  doub N N 66  
ASP CG  OD2  sing N N 67  
ASP OD2 HD2  sing N N 68  
ASP OXT HXT  sing N N 69  
GLN N   CA   sing N N 70  
GLN N   H    sing N N 71  
GLN N   H2   sing N N 72  
GLN CA  C    sing N N 73  
GLN CA  CB   sing N N 74  
GLN CA  HA   sing N N 75  
GLN C   O    doub N N 76  
GLN C   OXT  sing N N 77  
GLN CB  CG   sing N N 78  
GLN CB  HB2  sing N N 79  
GLN CB  HB3  sing N N 80  
GLN CG  CD   sing N N 81  
GLN CG  HG2  sing N N 82  
GLN CG  HG3  sing N N 83  
GLN CD  OE1  doub N N 84  
GLN CD  NE2  sing N N 85  
GLN NE2 HE21 sing N N 86  
GLN NE2 HE22 sing N N 87  
GLN OXT HXT  sing N N 88  
GLU N   CA   sing N N 89  
GLU N   H    sing N N 90  
GLU N   H2   sing N N 91  
GLU CA  C    sing N N 92  
GLU CA  CB   sing N N 93  
GLU CA  HA   sing N N 94  
GLU C   O    doub N N 95  
GLU C   OXT  sing N N 96  
GLU CB  CG   sing N N 97  
GLU CB  HB2  sing N N 98  
GLU CB  HB3  sing N N 99  
GLU CG  CD   sing N N 100 
GLU CG  HG2  sing N N 101 
GLU CG  HG3  sing N N 102 
GLU CD  OE1  doub N N 103 
GLU CD  OE2  sing N N 104 
GLU OE2 HE2  sing N N 105 
GLU OXT HXT  sing N N 106 
GLY N   CA   sing N N 107 
GLY N   H    sing N N 108 
GLY N   H2   sing N N 109 
GLY CA  C    sing N N 110 
GLY CA  HA2  sing N N 111 
GLY CA  HA3  sing N N 112 
GLY C   O    doub N N 113 
GLY C   OXT  sing N N 114 
GLY OXT HXT  sing N N 115 
HIS N   CA   sing N N 116 
HIS N   H    sing N N 117 
HIS N   H2   sing N N 118 
HIS CA  C    sing N N 119 
HIS CA  CB   sing N N 120 
HIS CA  HA   sing N N 121 
HIS C   O    doub N N 122 
HIS C   OXT  sing N N 123 
HIS CB  CG   sing N N 124 
HIS CB  HB2  sing N N 125 
HIS CB  HB3  sing N N 126 
HIS CG  ND1  sing Y N 127 
HIS CG  CD2  doub Y N 128 
HIS ND1 CE1  doub Y N 129 
HIS ND1 HD1  sing N N 130 
HIS CD2 NE2  sing Y N 131 
HIS CD2 HD2  sing N N 132 
HIS CE1 NE2  sing Y N 133 
HIS CE1 HE1  sing N N 134 
HIS NE2 HE2  sing N N 135 
HIS OXT HXT  sing N N 136 
HOH O   H1   sing N N 137 
HOH O   H2   sing N N 138 
ILE N   CA   sing N N 139 
ILE N   H    sing N N 140 
ILE N   H2   sing N N 141 
ILE CA  C    sing N N 142 
ILE CA  CB   sing N N 143 
ILE CA  HA   sing N N 144 
ILE C   O    doub N N 145 
ILE C   OXT  sing N N 146 
ILE CB  CG1  sing N N 147 
ILE CB  CG2  sing N N 148 
ILE CB  HB   sing N N 149 
ILE CG1 CD1  sing N N 150 
ILE CG1 HG12 sing N N 151 
ILE CG1 HG13 sing N N 152 
ILE CG2 HG21 sing N N 153 
ILE CG2 HG22 sing N N 154 
ILE CG2 HG23 sing N N 155 
ILE CD1 HD11 sing N N 156 
ILE CD1 HD12 sing N N 157 
ILE CD1 HD13 sing N N 158 
ILE OXT HXT  sing N N 159 
LEU N   CA   sing N N 160 
LEU N   H    sing N N 161 
LEU N   H2   sing N N 162 
LEU CA  C    sing N N 163 
LEU CA  CB   sing N N 164 
LEU CA  HA   sing N N 165 
LEU C   O    doub N N 166 
LEU C   OXT  sing N N 167 
LEU CB  CG   sing N N 168 
LEU CB  HB2  sing N N 169 
LEU CB  HB3  sing N N 170 
LEU CG  CD1  sing N N 171 
LEU CG  CD2  sing N N 172 
LEU CG  HG   sing N N 173 
LEU CD1 HD11 sing N N 174 
LEU CD1 HD12 sing N N 175 
LEU CD1 HD13 sing N N 176 
LEU CD2 HD21 sing N N 177 
LEU CD2 HD22 sing N N 178 
LEU CD2 HD23 sing N N 179 
LEU OXT HXT  sing N N 180 
LYS N   CA   sing N N 181 
LYS N   H    sing N N 182 
LYS N   H2   sing N N 183 
LYS CA  C    sing N N 184 
LYS CA  CB   sing N N 185 
LYS CA  HA   sing N N 186 
LYS C   O    doub N N 187 
LYS C   OXT  sing N N 188 
LYS CB  CG   sing N N 189 
LYS CB  HB2  sing N N 190 
LYS CB  HB3  sing N N 191 
LYS CG  CD   sing N N 192 
LYS CG  HG2  sing N N 193 
LYS CG  HG3  sing N N 194 
LYS CD  CE   sing N N 195 
LYS CD  HD2  sing N N 196 
LYS CD  HD3  sing N N 197 
LYS CE  NZ   sing N N 198 
LYS CE  HE2  sing N N 199 
LYS CE  HE3  sing N N 200 
LYS NZ  HZ1  sing N N 201 
LYS NZ  HZ2  sing N N 202 
LYS NZ  HZ3  sing N N 203 
LYS OXT HXT  sing N N 204 
MET N   CA   sing N N 205 
MET N   H    sing N N 206 
MET N   H2   sing N N 207 
MET CA  C    sing N N 208 
MET CA  CB   sing N N 209 
MET CA  HA   sing N N 210 
MET C   O    doub N N 211 
MET C   OXT  sing N N 212 
MET CB  CG   sing N N 213 
MET CB  HB2  sing N N 214 
MET CB  HB3  sing N N 215 
MET CG  SD   sing N N 216 
MET CG  HG2  sing N N 217 
MET CG  HG3  sing N N 218 
MET SD  CE   sing N N 219 
MET CE  HE1  sing N N 220 
MET CE  HE2  sing N N 221 
MET CE  HE3  sing N N 222 
MET OXT HXT  sing N N 223 
OAL C1  C2   doub Y N 224 
OAL C1  C6   sing Y N 225 
OAL C1  HC1  sing N N 226 
OAL C2  C3   sing Y N 227 
OAL C2  HC2  sing N N 228 
OAL C3  C4   doub Y N 229 
OAL C3  C10  sing N N 230 
OAL C4  C5   sing Y N 231 
OAL C4  C7   sing N N 232 
OAL C5  C6   doub Y N 233 
OAL C5  O1   sing N N 234 
OAL C6  HC6  sing N N 235 
OAL C7  C8   sing N N 236 
OAL C7  O2   doub N N 237 
OAL C8  C9   doub Y N 238 
OAL C8  C11  sing Y N 239 
OAL C9  C10  sing N N 240 
OAL C9  C14  sing Y N 241 
OAL C10 O6   doub N N 242 
OAL C11 C12  doub Y N 243 
OAL C11 O3   sing N N 244 
OAL C12 C13  sing Y N 245 
OAL C12 C15  sing N N 246 
OAL C13 C14  doub Y N 247 
OAL C13 HC13 sing N N 248 
OAL C14 HC14 sing N N 249 
OAL C15 C16  sing N N 250 
OAL C15 H151 sing N N 251 
OAL C15 H152 sing N N 252 
OAL C16 O5   doub N N 253 
OAL C16 O4   sing N N 254 
OAL O1  HO1  sing N N 255 
OAL O3  HO3  sing N N 256 
OAL O4  HO4  sing N N 257 
PHE N   CA   sing N N 258 
PHE N   H    sing N N 259 
PHE N   H2   sing N N 260 
PHE CA  C    sing N N 261 
PHE CA  CB   sing N N 262 
PHE CA  HA   sing N N 263 
PHE C   O    doub N N 264 
PHE C   OXT  sing N N 265 
PHE CB  CG   sing N N 266 
PHE CB  HB2  sing N N 267 
PHE CB  HB3  sing N N 268 
PHE CG  CD1  doub Y N 269 
PHE CG  CD2  sing Y N 270 
PHE CD1 CE1  sing Y N 271 
PHE CD1 HD1  sing N N 272 
PHE CD2 CE2  doub Y N 273 
PHE CD2 HD2  sing N N 274 
PHE CE1 CZ   doub Y N 275 
PHE CE1 HE1  sing N N 276 
PHE CE2 CZ   sing Y N 277 
PHE CE2 HE2  sing N N 278 
PHE CZ  HZ   sing N N 279 
PHE OXT HXT  sing N N 280 
PRO N   CA   sing N N 281 
PRO N   CD   sing N N 282 
PRO N   H    sing N N 283 
PRO CA  C    sing N N 284 
PRO CA  CB   sing N N 285 
PRO CA  HA   sing N N 286 
PRO C   O    doub N N 287 
PRO C   OXT  sing N N 288 
PRO CB  CG   sing N N 289 
PRO CB  HB2  sing N N 290 
PRO CB  HB3  sing N N 291 
PRO CG  CD   sing N N 292 
PRO CG  HG2  sing N N 293 
PRO CG  HG3  sing N N 294 
PRO CD  HD2  sing N N 295 
PRO CD  HD3  sing N N 296 
PRO OXT HXT  sing N N 297 
SER N   CA   sing N N 298 
SER N   H    sing N N 299 
SER N   H2   sing N N 300 
SER CA  C    sing N N 301 
SER CA  CB   sing N N 302 
SER CA  HA   sing N N 303 
SER C   O    doub N N 304 
SER C   OXT  sing N N 305 
SER CB  OG   sing N N 306 
SER CB  HB2  sing N N 307 
SER CB  HB3  sing N N 308 
SER OG  HG   sing N N 309 
SER OXT HXT  sing N N 310 
THR N   CA   sing N N 311 
THR N   H    sing N N 312 
THR N   H2   sing N N 313 
THR CA  C    sing N N 314 
THR CA  CB   sing N N 315 
THR CA  HA   sing N N 316 
THR C   O    doub N N 317 
THR C   OXT  sing N N 318 
THR CB  OG1  sing N N 319 
THR CB  CG2  sing N N 320 
THR CB  HB   sing N N 321 
THR OG1 HG1  sing N N 322 
THR CG2 HG21 sing N N 323 
THR CG2 HG22 sing N N 324 
THR CG2 HG23 sing N N 325 
THR OXT HXT  sing N N 326 
TRP N   CA   sing N N 327 
TRP N   H    sing N N 328 
TRP N   H2   sing N N 329 
TRP CA  C    sing N N 330 
TRP CA  CB   sing N N 331 
TRP CA  HA   sing N N 332 
TRP C   O    doub N N 333 
TRP C   OXT  sing N N 334 
TRP CB  CG   sing N N 335 
TRP CB  HB2  sing N N 336 
TRP CB  HB3  sing N N 337 
TRP CG  CD1  doub Y N 338 
TRP CG  CD2  sing Y N 339 
TRP CD1 NE1  sing Y N 340 
TRP CD1 HD1  sing N N 341 
TRP CD2 CE2  doub Y N 342 
TRP CD2 CE3  sing Y N 343 
TRP NE1 CE2  sing Y N 344 
TRP NE1 HE1  sing N N 345 
TRP CE2 CZ2  sing Y N 346 
TRP CE3 CZ3  doub Y N 347 
TRP CE3 HE3  sing N N 348 
TRP CZ2 CH2  doub Y N 349 
TRP CZ2 HZ2  sing N N 350 
TRP CZ3 CH2  sing Y N 351 
TRP CZ3 HZ3  sing N N 352 
TRP CH2 HH2  sing N N 353 
TRP OXT HXT  sing N N 354 
TYR N   CA   sing N N 355 
TYR N   H    sing N N 356 
TYR N   H2   sing N N 357 
TYR CA  C    sing N N 358 
TYR CA  CB   sing N N 359 
TYR CA  HA   sing N N 360 
TYR C   O    doub N N 361 
TYR C   OXT  sing N N 362 
TYR CB  CG   sing N N 363 
TYR CB  HB2  sing N N 364 
TYR CB  HB3  sing N N 365 
TYR CG  CD1  doub Y N 366 
TYR CG  CD2  sing Y N 367 
TYR CD1 CE1  sing Y N 368 
TYR CD1 HD1  sing N N 369 
TYR CD2 CE2  doub Y N 370 
TYR CD2 HD2  sing N N 371 
TYR CE1 CZ   doub Y N 372 
TYR CE1 HE1  sing N N 373 
TYR CE2 CZ   sing Y N 374 
TYR CE2 HE2  sing N N 375 
TYR CZ  OH   sing N N 376 
TYR OH  HH   sing N N 377 
TYR OXT HXT  sing N N 378 
VAL N   CA   sing N N 379 
VAL N   H    sing N N 380 
VAL N   H2   sing N N 381 
VAL CA  C    sing N N 382 
VAL CA  CB   sing N N 383 
VAL CA  HA   sing N N 384 
VAL C   O    doub N N 385 
VAL C   OXT  sing N N 386 
VAL CB  CG1  sing N N 387 
VAL CB  CG2  sing N N 388 
VAL CB  HB   sing N N 389 
VAL CG1 HG11 sing N N 390 
VAL CG1 HG12 sing N N 391 
VAL CG1 HG13 sing N N 392 
VAL CG2 HG21 sing N N 393 
VAL CG2 HG22 sing N N 394 
VAL CG2 HG23 sing N N 395 
VAL OXT HXT  sing N N 396 
# 
_pdbx_initial_refinement_model.id               1 
_pdbx_initial_refinement_model.entity_id_list   ? 
_pdbx_initial_refinement_model.type             'experimental model' 
_pdbx_initial_refinement_model.source_name      PDB 
_pdbx_initial_refinement_model.accession_code   1LQ9 
_pdbx_initial_refinement_model.details          'PDB ENTRY 1LQ9' 
# 
_atom_sites.entry_id                    1N5T 
_atom_sites.fract_transf_matrix[1][1]   0.01604320 
_atom_sites.fract_transf_matrix[1][2]   -0.01300331 
_atom_sites.fract_transf_matrix[1][3]   -0.00469890 
_atom_sites.fract_transf_matrix[2][1]   0.00890735 
_atom_sites.fract_transf_matrix[2][2]   0.00646316 
_atom_sites.fract_transf_matrix[2][3]   0.01252633 
_atom_sites.fract_transf_matrix[3][1]   -0.00523881 
_atom_sites.fract_transf_matrix[3][2]   -0.00959954 
_atom_sites.fract_transf_matrix[3][3]   0.00867831 
_atom_sites.fract_transf_vector[1]      0.859794 
_atom_sites.fract_transf_vector[2]      0.535160 
_atom_sites.fract_transf_vector[3]      0.041893 
# 
loop_
_atom_type.symbol 
C 
N 
O 
S 
# 
loop_
_atom_site.group_PDB 
_atom_site.id 
_atom_site.type_symbol 
_atom_site.label_atom_id 
_atom_site.label_alt_id 
_atom_site.label_comp_id 
_atom_site.label_asym_id 
_atom_site.label_entity_id 
_atom_site.label_seq_id 
_atom_site.pdbx_PDB_ins_code 
_atom_site.Cartn_x 
_atom_site.Cartn_y 
_atom_site.Cartn_z 
_atom_site.occupancy 
_atom_site.B_iso_or_equiv 
_atom_site.pdbx_formal_charge 
_atom_site.auth_seq_id 
_atom_site.auth_comp_id 
_atom_site.auth_asym_id 
_atom_site.auth_atom_id 
_atom_site.pdbx_PDB_model_num 
ATOM   1    N N   . ALA A 1 1   ? 8.695   -6.434  -5.830  1.00 28.86 ? 2    ALA A N   1 
ATOM   2    C CA  . ALA A 1 1   ? 8.453   -6.660  -7.278  1.00 30.11 ? 2    ALA A CA  1 
ATOM   3    C C   . ALA A 1 1   ? 7.706   -5.459  -7.856  1.00 31.98 ? 2    ALA A C   1 
ATOM   4    O O   . ALA A 1 1   ? 7.163   -4.672  -7.079  1.00 30.70 ? 2    ALA A O   1 
ATOM   5    C CB  . ALA A 1 1   ? 7.641   -7.910  -7.486  1.00 28.66 ? 2    ALA A CB  1 
ATOM   6    N N   . GLU A 1 2   ? 7.725   -5.324  -9.177  1.00 33.05 ? 3    GLU A N   1 
ATOM   7    C CA  . GLU A 1 2   ? 6.942   -4.264  -9.824  1.00 33.79 ? 3    GLU A CA  1 
ATOM   8    C C   . GLU A 1 2   ? 5.555   -4.345  -9.189  1.00 33.36 ? 3    GLU A C   1 
ATOM   9    O O   . GLU A 1 2   ? 5.143   -5.458  -8.839  1.00 30.86 ? 3    GLU A O   1 
ATOM   10   C CB  . GLU A 1 2   ? 6.868   -4.496  -11.330 1.00 37.57 ? 3    GLU A CB  1 
ATOM   11   C CG  . GLU A 1 2   ? 8.240   -4.768  -11.967 1.00 42.53 ? 3    GLU A CG  1 
ATOM   12   C CD  . GLU A 1 2   ? 9.145   -3.571  -12.010 1.00 46.16 ? 3    GLU A CD  1 
ATOM   13   O OE1 . GLU A 1 2   ? 9.016   -2.732  -11.081 1.00 49.07 ? 3    GLU A OE1 1 
ATOM   14   O OE2 . GLU A 1 2   ? 10.003  -3.396  -12.920 1.00 48.76 ? 3    GLU A OE2 1 
ATOM   15   N N   . VAL A 1 3   ? 4.872   -3.222  -8.983  1.00 31.12 ? 4    VAL A N   1 
ATOM   16   C CA  . VAL A 1 3   ? 3.583   -3.272  -8.280  1.00 30.39 ? 4    VAL A CA  1 
ATOM   17   C C   . VAL A 1 3   ? 2.491   -4.033  -9.004  1.00 31.80 ? 4    VAL A C   1 
ATOM   18   O O   . VAL A 1 3   ? 1.454   -4.376  -8.420  1.00 30.04 ? 4    VAL A O   1 
ATOM   19   C CB  . VAL A 1 3   ? 3.104   -1.807  -8.015  1.00 29.29 ? 4    VAL A CB  1 
ATOM   20   C CG1 . VAL A 1 3   ? 4.015   -1.243  -6.920  1.00 28.89 ? 4    VAL A CG1 1 
ATOM   21   C CG2 . VAL A 1 3   ? 3.143   -0.939  -9.260  1.00 26.75 ? 4    VAL A CG2 1 
ATOM   22   N N   . ASN A 1 4   ? 2.670   -4.198  -10.314 1.00 33.67 ? 5    ASN A N   1 
ATOM   23   C CA  . ASN A 1 4   ? 1.683   -4.871  -11.141 1.00 37.86 ? 5    ASN A CA  1 
ATOM   24   C C   . ASN A 1 4   ? 2.172   -6.227  -11.621 1.00 38.23 ? 5    ASN A C   1 
ATOM   25   O O   . ASN A 1 4   ? 1.478   -6.857  -12.429 1.00 39.69 ? 5    ASN A O   1 
ATOM   26   C CB  . ASN A 1 4   ? 1.246   -3.986  -12.321 1.00 41.34 ? 5    ASN A CB  1 
ATOM   27   C CG  . ASN A 1 4   ? 2.367   -3.706  -13.296 1.00 42.86 ? 5    ASN A CG  1 
ATOM   28   O OD1 . ASN A 1 4   ? 3.526   -3.577  -12.906 1.00 43.93 ? 5    ASN A OD1 1 
ATOM   29   N ND2 . ASN A 1 4   ? 2.005   -3.600  -14.583 1.00 45.59 ? 5    ASN A ND2 1 
ATOM   30   N N   . ASP A 1 5   ? 3.294   -6.708  -11.091 1.00 36.93 ? 6    ASP A N   1 
ATOM   31   C CA  . ASP A 1 5   ? 3.757   -8.047  -11.488 1.00 37.23 ? 6    ASP A CA  1 
ATOM   32   C C   . ASP A 1 5   ? 2.667   -9.063  -11.162 1.00 37.23 ? 6    ASP A C   1 
ATOM   33   O O   . ASP A 1 5   ? 2.227   -9.162  -10.014 1.00 33.14 ? 6    ASP A O   1 
ATOM   34   C CB  . ASP A 1 5   ? 5.042   -8.375  -10.734 1.00 38.31 ? 6    ASP A CB  1 
ATOM   35   C CG  . ASP A 1 5   ? 5.596   -9.755  -10.987 1.00 39.10 ? 6    ASP A CG  1 
ATOM   36   O OD1 . ASP A 1 5   ? 4.890   -10.646 -11.502 1.00 40.45 ? 6    ASP A OD1 1 
ATOM   37   O OD2 . ASP A 1 5   ? 6.777   -10.012 -10.698 1.00 39.08 ? 6    ASP A OD2 1 
ATOM   38   N N   . PRO A 1 6   ? 2.299   -9.903  -12.140 1.00 37.89 ? 7    PRO A N   1 
ATOM   39   C CA  . PRO A 1 6   ? 1.310   -10.955 -11.977 1.00 37.05 ? 7    PRO A CA  1 
ATOM   40   C C   . PRO A 1 6   ? 1.659   -12.009 -10.945 1.00 34.82 ? 7    PRO A C   1 
ATOM   41   O O   . PRO A 1 6   ? 0.735   -12.658 -10.406 1.00 35.60 ? 7    PRO A O   1 
ATOM   42   C CB  . PRO A 1 6   ? 1.162   -11.601 -13.360 1.00 38.17 ? 7    PRO A CB  1 
ATOM   43   C CG  . PRO A 1 6   ? 1.741   -10.610 -14.306 1.00 39.65 ? 7    PRO A CG  1 
ATOM   44   C CD  . PRO A 1 6   ? 2.829   -9.872  -13.532 1.00 39.14 ? 7    PRO A CD  1 
ATOM   45   N N   . ARG A 1 7   ? 2.920   -12.157 -10.566 1.00 33.40 ? 8    ARG A N   1 
ATOM   46   C CA  . ARG A 1 7   ? 3.330   -13.011 -9.459  1.00 32.14 ? 8    ARG A CA  1 
ATOM   47   C C   . ARG A 1 7   ? 2.778   -12.472 -8.142  1.00 30.15 ? 8    ARG A C   1 
ATOM   48   O O   . ARG A 1 7   ? 2.745   -13.272 -7.208  1.00 29.54 ? 8    ARG A O   1 
ATOM   49   C CB  . ARG A 1 7   ? 4.839   -13.112 -9.230  1.00 34.43 ? 8    ARG A CB  1 
ATOM   50   C CG  . ARG A 1 7   ? 5.561   -13.874 -10.352 1.00 38.80 ? 8    ARG A CG  1 
ATOM   51   C CD  . ARG A 1 7   ? 6.911   -14.409 -9.879  1.00 40.57 ? 8    ARG A CD  1 
ATOM   52   N NE  . ARG A 1 7   ? 7.804   -13.340 -9.530  1.00 44.18 ? 8    ARG A NE  1 
ATOM   53   C CZ  . ARG A 1 7   ? 8.817   -13.258 -8.678  1.00 45.93 ? 8    ARG A CZ  1 
ATOM   54   N NH1 . ARG A 1 7   ? 9.228   -14.266 -7.912  1.00 46.21 ? 8    ARG A NH1 1 
ATOM   55   N NH2 . ARG A 1 7   ? 9.408   -12.070 -8.620  1.00 46.23 ? 8    ARG A NH2 1 
ATOM   56   N N   . VAL A 1 8   ? 2.402   -11.193 -8.035  1.00 26.95 ? 9    VAL A N   1 
ATOM   57   C CA  . VAL A 1 8   ? 1.852   -10.741 -6.751  1.00 25.60 ? 9    VAL A CA  1 
ATOM   58   C C   . VAL A 1 8   ? 0.400   -11.215 -6.589  1.00 23.31 ? 9    VAL A C   1 
ATOM   59   O O   . VAL A 1 8   ? -0.520  -10.670 -7.206  1.00 24.00 ? 9    VAL A O   1 
ATOM   60   C CB  . VAL A 1 8   ? 1.945   -9.220  -6.566  1.00 22.73 ? 9    VAL A CB  1 
ATOM   61   C CG1 . VAL A 1 8   ? 1.382   -8.850  -5.184  1.00 23.67 ? 9    VAL A CG1 1 
ATOM   62   C CG2 . VAL A 1 8   ? 3.392   -8.799  -6.704  1.00 22.51 ? 9    VAL A CG2 1 
ATOM   63   N N   . GLY A 1 9   ? 0.219   -12.221 -5.768  1.00 22.42 ? 10   GLY A N   1 
ATOM   64   C CA  . GLY A 1 9   ? -1.076  -12.833 -5.510  1.00 21.97 ? 10   GLY A CA  1 
ATOM   65   C C   . GLY A 1 9   ? -1.700  -12.421 -4.193  1.00 22.70 ? 10   GLY A C   1 
ATOM   66   O O   . GLY A 1 9   ? -2.918  -12.559 -4.045  1.00 19.34 ? 10   GLY A O   1 
ATOM   67   N N   . PHE A 1 10  ? -0.929  -11.787 -3.290  1.00 19.88 ? 11   PHE A N   1 
ATOM   68   C CA  . PHE A 1 10  ? -1.515  -11.517 -1.987  1.00 19.89 ? 11   PHE A CA  1 
ATOM   69   C C   . PHE A 1 10  ? -0.750  -10.350 -1.348  1.00 19.07 ? 11   PHE A C   1 
ATOM   70   O O   . PHE A 1 10  ? 0.453   -10.281 -1.523  1.00 21.05 ? 11   PHE A O   1 
ATOM   71   C CB  . PHE A 1 10  ? -1.485  -12.765 -1.091  1.00 20.03 ? 11   PHE A CB  1 
ATOM   72   C CG  . PHE A 1 10  ? -2.107  -12.632 0.257   1.00 22.21 ? 11   PHE A CG  1 
ATOM   73   C CD1 . PHE A 1 10  ? -3.491  -12.788 0.377   1.00 22.90 ? 11   PHE A CD1 1 
ATOM   74   C CD2 . PHE A 1 10  ? -1.366  -12.329 1.381   1.00 20.87 ? 11   PHE A CD2 1 
ATOM   75   C CE1 . PHE A 1 10  ? -4.125  -12.663 1.599   1.00 23.72 ? 11   PHE A CE1 1 
ATOM   76   C CE2 . PHE A 1 10  ? -2.009  -12.227 2.618   1.00 21.03 ? 11   PHE A CE2 1 
ATOM   77   C CZ  . PHE A 1 10  ? -3.353  -12.383 2.716   1.00 22.77 ? 11   PHE A CZ  1 
ATOM   78   N N   . VAL A 1 11  ? -1.540  -9.439  -0.784  1.00 17.21 ? 12   VAL A N   1 
ATOM   79   C CA  . VAL A 1 11  ? -0.932  -8.219  -0.212  1.00 16.91 ? 12   VAL A CA  1 
ATOM   80   C C   . VAL A 1 11  ? -1.512  -8.006  1.176   1.00 16.10 ? 12   VAL A C   1 
ATOM   81   O O   . VAL A 1 11  ? -2.692  -8.132  1.487   1.00 18.09 ? 12   VAL A O   1 
ATOM   82   C CB  . VAL A 1 11  ? -1.192  -6.990  -1.077  1.00 17.01 ? 12   VAL A CB  1 
ATOM   83   C CG1 . VAL A 1 11  ? -0.864  -5.621  -0.328  1.00 15.31 ? 12   VAL A CG1 1 
ATOM   84   C CG2 . VAL A 1 11  ? -0.461  -6.993  -2.416  1.00 17.45 ? 12   VAL A CG2 1 
ATOM   85   N N   . ALA A 1 12  ? -0.645  -7.595  2.102   1.00 17.57 ? 13   ALA A N   1 
ATOM   86   C CA  . ALA A 1 12  ? -0.962  -7.209  3.451   1.00 16.78 ? 13   ALA A CA  1 
ATOM   87   C C   . ALA A 1 12  ? -0.450  -5.755  3.630   1.00 17.04 ? 13   ALA A C   1 
ATOM   88   O O   . ALA A 1 12  ? 0.696   -5.453  3.275   1.00 15.18 ? 13   ALA A O   1 
ATOM   89   C CB  . ALA A 1 12  ? -0.222  -8.074  4.492   1.00 19.35 ? 13   ALA A CB  1 
ATOM   90   N N   . VAL A 1 13  ? -1.320  -4.885  4.091   1.00 17.85 ? 14   VAL A N   1 
ATOM   91   C CA  . VAL A 1 13  ? -0.992  -3.468  4.379   1.00 15.96 ? 14   VAL A CA  1 
ATOM   92   C C   . VAL A 1 13  ? -1.193  -3.380  5.890   1.00 16.40 ? 14   VAL A C   1 
ATOM   93   O O   . VAL A 1 13  ? -2.307  -3.576  6.417   1.00 16.44 ? 14   VAL A O   1 
ATOM   94   C CB  . VAL A 1 13  ? -1.853  -2.447  3.665   1.00 17.07 ? 14   VAL A CB  1 
ATOM   95   C CG1 . VAL A 1 13  ? -1.494  -1.024  4.089   1.00 17.42 ? 14   VAL A CG1 1 
ATOM   96   C CG2 . VAL A 1 13  ? -1.693  -2.660  2.156   1.00 17.79 ? 14   VAL A CG2 1 
ATOM   97   N N   . VAL A 1 14  ? -0.031  -3.184  6.556   1.00 16.83 ? 15   VAL A N   1 
ATOM   98   C CA  . VAL A 1 14  ? 0.033   -3.206  7.993   1.00 15.59 ? 15   VAL A CA  1 
ATOM   99   C C   . VAL A 1 14  ? 0.446   -1.824  8.546   1.00 15.27 ? 15   VAL A C   1 
ATOM   100  O O   . VAL A 1 14  ? 1.477   -1.270  8.179   1.00 14.45 ? 15   VAL A O   1 
ATOM   101  C CB  . VAL A 1 14  ? 1.059   -4.285  8.463   1.00 17.55 ? 15   VAL A CB  1 
ATOM   102  C CG1 . VAL A 1 14  ? 1.039   -4.318  9.963   1.00 15.35 ? 15   VAL A CG1 1 
ATOM   103  C CG2 . VAL A 1 14  ? 0.734   -5.662  7.831   1.00 18.60 ? 15   VAL A CG2 1 
ATOM   104  N N   . THR A 1 15  ? -0.466  -1.281  9.357   1.00 15.63 ? 16   THR A N   1 
ATOM   105  C CA  . THR A 1 15  ? -0.302  0.065   9.912   1.00 14.60 ? 16   THR A CA  1 
ATOM   106  C C   . THR A 1 15  ? 0.024   -0.005  11.397  1.00 14.50 ? 16   THR A C   1 
ATOM   107  O O   . THR A 1 15  ? -0.766  -0.509  12.209  1.00 14.73 ? 16   THR A O   1 
ATOM   108  C CB  . THR A 1 15  ? -1.551  0.933   9.715   1.00 14.82 ? 16   THR A CB  1 
ATOM   109  O OG1 . THR A 1 15  ? -1.878  0.936   8.334   1.00 16.10 ? 16   THR A OG1 1 
ATOM   110  C CG2 . THR A 1 15  ? -1.355  2.350   10.246  1.00 18.29 ? 16   THR A CG2 1 
ATOM   111  N N   . PHE A 1 16  ? 1.133   0.631   11.756  1.00 14.38 ? 17   PHE A N   1 
ATOM   112  C CA  . PHE A 1 16  ? 1.627   0.659   13.143  1.00 12.86 ? 17   PHE A CA  1 
ATOM   113  C C   . PHE A 1 16  ? 1.432   2.059   13.711  1.00 15.79 ? 17   PHE A C   1 
ATOM   114  O O   . PHE A 1 16  ? 2.123   2.972   13.167  1.00 13.00 ? 17   PHE A O   1 
ATOM   115  C CB  . PHE A 1 16  ? 3.157   0.388   13.025  1.00 13.46 ? 17   PHE A CB  1 
ATOM   116  C CG  . PHE A 1 16  ? 3.603   -1.015  12.651  1.00 13.76 ? 17   PHE A CG  1 
ATOM   117  C CD1 . PHE A 1 16  ? 3.675   -1.377  11.318  1.00 14.29 ? 17   PHE A CD1 1 
ATOM   118  C CD2 . PHE A 1 16  ? 3.953   -1.947  13.640  1.00 15.42 ? 17   PHE A CD2 1 
ATOM   119  C CE1 . PHE A 1 16  ? 4.020   -2.677  10.944  1.00 17.85 ? 17   PHE A CE1 1 
ATOM   120  C CE2 . PHE A 1 16  ? 4.355   -3.236  13.268  1.00 14.30 ? 17   PHE A CE2 1 
ATOM   121  C CZ  . PHE A 1 16  ? 4.390   -3.583  11.944  1.00 16.11 ? 17   PHE A CZ  1 
ATOM   122  N N   . PRO A 1 17  ? 0.619   2.277   14.718  1.00 15.64 ? 18   PRO A N   1 
ATOM   123  C CA  . PRO A 1 17  ? 0.376   3.586   15.293  1.00 17.62 ? 18   PRO A CA  1 
ATOM   124  C C   . PRO A 1 17  ? 1.494   4.006   16.225  1.00 17.27 ? 18   PRO A C   1 
ATOM   125  O O   . PRO A 1 17  ? 1.920   3.242   17.106  1.00 19.98 ? 18   PRO A O   1 
ATOM   126  C CB  . PRO A 1 17  ? -0.970  3.453   16.023  1.00 19.21 ? 18   PRO A CB  1 
ATOM   127  C CG  . PRO A 1 17  ? -1.113  1.994   16.330  1.00 17.84 ? 18   PRO A CG  1 
ATOM   128  C CD  . PRO A 1 17  ? -0.176  1.224   15.405  1.00 17.75 ? 18   PRO A CD  1 
ATOM   129  N N   . VAL A 1 18  ? 2.093   5.196   15.956  1.00 16.15 ? 19   VAL A N   1 
ATOM   130  C CA  . VAL A 1 18  ? 3.259   5.623   16.751  1.00 14.73 ? 19   VAL A CA  1 
ATOM   131  C C   . VAL A 1 18  ? 3.048   7.031   17.271  1.00 14.97 ? 19   VAL A C   1 
ATOM   132  O O   . VAL A 1 18  ? 2.083   7.744   16.859  1.00 13.28 ? 19   VAL A O   1 
ATOM   133  C CB  . VAL A 1 18  ? 4.571   5.477   15.981  1.00 16.44 ? 19   VAL A CB  1 
ATOM   134  C CG1 . VAL A 1 18  ? 4.768   3.979   15.645  1.00 12.90 ? 19   VAL A CG1 1 
ATOM   135  C CG2 . VAL A 1 18  ? 4.586   6.371   14.738  1.00 12.86 ? 19   VAL A CG2 1 
ATOM   136  N N   . ASP A 1 19  ? 3.948   7.435   18.157  1.00 17.14 ? 20   ASP A N   1 
ATOM   137  C CA  . ASP A 1 19  ? 3.726   8.728   18.830  1.00 19.50 ? 20   ASP A CA  1 
ATOM   138  C C   . ASP A 1 19  ? 4.352   9.926   18.154  1.00 19.43 ? 20   ASP A C   1 
ATOM   139  O O   . ASP A 1 19  ? 4.212   11.071  18.684  1.00 19.04 ? 20   ASP A O   1 
ATOM   140  C CB  . ASP A 1 19  ? 4.103   8.609   20.306  1.00 20.64 ? 20   ASP A CB  1 
ATOM   141  C CG  . ASP A 1 19  ? 5.594   8.469   20.506  1.00 21.40 ? 20   ASP A CG  1 
ATOM   142  O OD1 . ASP A 1 19  ? 6.381   8.329   19.550  1.00 22.77 ? 20   ASP A OD1 1 
ATOM   143  O OD2 . ASP A 1 19  ? 6.045   8.419   21.668  1.00 21.17 ? 20   ASP A OD2 1 
ATOM   144  N N   . GLY A 1 20  ? 5.004   9.728   17.003  1.00 17.34 ? 21   GLY A N   1 
ATOM   145  C CA  . GLY A 1 20  ? 5.563   10.893  16.299  1.00 15.57 ? 21   GLY A CA  1 
ATOM   146  C C   . GLY A 1 20  ? 6.696   10.469  15.406  1.00 16.77 ? 21   GLY A C   1 
ATOM   147  O O   . GLY A 1 20  ? 7.032   9.260   15.363  1.00 14.90 ? 21   GLY A O   1 
ATOM   148  N N   . PRO A 1 21  ? 7.353   11.405  14.715  1.00 17.58 ? 22   PRO A N   1 
ATOM   149  C CA  . PRO A 1 21  ? 8.370   11.063  13.739  1.00 17.84 ? 22   PRO A CA  1 
ATOM   150  C C   . PRO A 1 21  ? 9.638   10.413  14.268  1.00 18.40 ? 22   PRO A C   1 
ATOM   151  O O   . PRO A 1 21  ? 10.262  9.587   13.550  1.00 16.90 ? 22   PRO A O   1 
ATOM   152  C CB  . PRO A 1 21  ? 8.707   12.424  13.076  1.00 20.63 ? 22   PRO A CB  1 
ATOM   153  C CG  . PRO A 1 21  ? 7.487   13.245  13.301  1.00 22.33 ? 22   PRO A CG  1 
ATOM   154  C CD  . PRO A 1 21  ? 6.941   12.835  14.642  1.00 19.64 ? 22   PRO A CD  1 
ATOM   155  N N   . ALA A 1 22  ? 10.066  10.767  15.491  1.00 16.44 ? 23   ALA A N   1 
ATOM   156  C CA  . ALA A 1 22  ? 11.244  10.083  16.045  1.00 14.64 ? 23   ALA A CA  1 
ATOM   157  C C   . ALA A 1 22  ? 11.006  8.590   16.201  1.00 16.98 ? 23   ALA A C   1 
ATOM   158  O O   . ALA A 1 22  ? 11.800  7.761   15.807  1.00 15.51 ? 23   ALA A O   1 
ATOM   159  C CB  . ALA A 1 22  ? 11.573  10.670  17.445  1.00 19.46 ? 23   ALA A CB  1 
ATOM   160  N N   . THR A 1 23  ? 9.801   8.227   16.685  1.00 16.86 ? 24   THR A N   1 
ATOM   161  C CA  . THR A 1 23  ? 9.437   6.799   16.743  1.00 18.18 ? 24   THR A CA  1 
ATOM   162  C C   . THR A 1 23  ? 9.208   6.202   15.359  1.00 15.11 ? 24   THR A C   1 
ATOM   163  O O   . THR A 1 23  ? 9.593   5.038   15.116  1.00 14.86 ? 24   THR A O   1 
ATOM   164  C CB  . THR A 1 23  ? 8.192   6.613   17.619  1.00 18.41 ? 24   THR A CB  1 
ATOM   165  O OG1 . THR A 1 23  ? 8.497   7.051   18.935  1.00 20.27 ? 24   THR A OG1 1 
ATOM   166  C CG2 . THR A 1 23  ? 7.802   5.127   17.651  1.00 17.40 ? 24   THR A CG2 1 
ATOM   167  N N   . GLN A 1 24  ? 8.590   6.946   14.430  1.00 14.04 ? 25   GLN A N   1 
ATOM   168  C CA  . GLN A 1 24  ? 8.521   6.406   13.072  1.00 15.66 ? 25   GLN A CA  1 
ATOM   169  C C   . GLN A 1 24  ? 9.929   6.000   12.627  1.00 15.70 ? 25   GLN A C   1 
ATOM   170  O O   . GLN A 1 24  ? 10.100  4.973   11.991  1.00 12.80 ? 25   GLN A O   1 
ATOM   171  C CB  . GLN A 1 24  ? 8.037   7.432   12.036  1.00 18.04 ? 25   GLN A CB  1 
ATOM   172  C CG  . GLN A 1 24  ? 6.523   7.778   12.145  1.00 14.13 ? 25   GLN A CG  1 
ATOM   173  C CD  . GLN A 1 24  ? 6.292   8.855   11.080  1.00 17.75 ? 25   GLN A CD  1 
ATOM   174  O OE1 . GLN A 1 24  ? 7.074   9.803   10.945  1.00 14.56 ? 25   GLN A OE1 1 
ATOM   175  N NE2 . GLN A 1 24  ? 5.188   8.685   10.328  1.00 13.94 ? 25   GLN A NE2 1 
ATOM   176  N N   . HIS A 1 25  ? 10.928  6.886   12.817  1.00 14.69 ? 26   HIS A N   1 
ATOM   177  C CA  . HIS A 1 25  ? 12.270  6.574   12.364  1.00 18.62 ? 26   HIS A CA  1 
ATOM   178  C C   . HIS A 1 25  ? 12.833  5.329   13.012  1.00 16.31 ? 26   HIS A C   1 
ATOM   179  O O   . HIS A 1 25  ? 13.467  4.476   12.361  1.00 16.17 ? 26   HIS A O   1 
ATOM   180  C CB  . HIS A 1 25  ? 13.255  7.753   12.678  1.00 24.83 ? 26   HIS A CB  1 
ATOM   181  C CG  . HIS A 1 25  ? 14.655  7.448   12.250  1.00 32.46 ? 26   HIS A CG  1 
ATOM   182  N ND1 . HIS A 1 25  ? 14.970  7.333   10.890  1.00 34.83 ? 26   HIS A ND1 1 
ATOM   183  C CD2 . HIS A 1 25  ? 15.802  7.192   12.944  1.00 34.31 ? 26   HIS A CD2 1 
ATOM   184  C CE1 . HIS A 1 25  ? 16.259  7.060   10.785  1.00 36.14 ? 26   HIS A CE1 1 
ATOM   185  N NE2 . HIS A 1 25  ? 16.788  6.975   11.990  1.00 35.90 ? 26   HIS A NE2 1 
ATOM   186  N N   . LYS A 1 26  ? 12.668  5.274   14.347  1.00 18.03 ? 27   LYS A N   1 
ATOM   187  C CA  . LYS A 1 26  ? 13.234  4.128   15.040  1.00 18.33 ? 27   LYS A CA  1 
ATOM   188  C C   . LYS A 1 26  ? 12.578  2.825   14.623  1.00 15.87 ? 27   LYS A C   1 
ATOM   189  O O   . LYS A 1 26  ? 13.195  1.762   14.593  1.00 15.66 ? 27   LYS A O   1 
ATOM   190  C CB  . LYS A 1 26  ? 13.057  4.345   16.567  1.00 22.49 ? 27   LYS A CB  1 
ATOM   191  C CG  . LYS A 1 26  ? 14.167  5.357   16.986  1.00 27.66 ? 27   LYS A CG  1 
ATOM   192  C CD  . LYS A 1 26  ? 13.909  5.784   18.426  1.00 34.75 ? 27   LYS A CD  1 
ATOM   193  C CE  . LYS A 1 26  ? 14.945  6.824   18.881  1.00 36.40 ? 27   LYS A CE  1 
ATOM   194  N NZ  . LYS A 1 26  ? 14.240  8.074   19.318  1.00 40.64 ? 27   LYS A NZ  1 
ATOM   195  N N   . LEU A 1 27  ? 11.263  2.889   14.303  1.00 13.93 ? 28   LEU A N   1 
ATOM   196  C CA  . LEU A 1 27  ? 10.547  1.647   13.989  1.00 13.16 ? 28   LEU A CA  1 
ATOM   197  C C   . LEU A 1 27  ? 11.008  1.167   12.619  1.00 14.20 ? 28   LEU A C   1 
ATOM   198  O O   . LEU A 1 27  ? 11.264  -0.018  12.472  1.00 14.94 ? 28   LEU A O   1 
ATOM   199  C CB  . LEU A 1 27  ? 9.040   1.877   14.071  1.00 13.19 ? 28   LEU A CB  1 
ATOM   200  C CG  . LEU A 1 27  ? 8.164   0.699   13.611  1.00 15.41 ? 28   LEU A CG  1 
ATOM   201  C CD1 . LEU A 1 27  ? 8.560   -0.582  14.362  1.00 16.82 ? 28   LEU A CD1 1 
ATOM   202  C CD2 . LEU A 1 27  ? 6.678   0.986   13.899  1.00 14.63 ? 28   LEU A CD2 1 
ATOM   203  N N   . VAL A 1 28  ? 11.149  2.050   11.637  1.00 14.72 ? 29   VAL A N   1 
ATOM   204  C CA  . VAL A 1 28  ? 11.721  1.642   10.332  1.00 15.95 ? 29   VAL A CA  1 
ATOM   205  C C   . VAL A 1 28  ? 13.149  1.140   10.528  1.00 16.73 ? 29   VAL A C   1 
ATOM   206  O O   . VAL A 1 28  ? 13.466  0.105   9.956   1.00 15.25 ? 29   VAL A O   1 
ATOM   207  C CB  . VAL A 1 28  ? 11.687  2.838   9.357   1.00 16.19 ? 29   VAL A CB  1 
ATOM   208  C CG1 . VAL A 1 28  ? 12.362  2.466   8.033   1.00 19.87 ? 29   VAL A CG1 1 
ATOM   209  C CG2 . VAL A 1 28  ? 10.226  3.233   9.136   1.00 15.78 ? 29   VAL A CG2 1 
ATOM   210  N N   . GLU A 1 29  ? 13.971  1.828   11.310  1.00 17.77 ? 30   GLU A N   1 
ATOM   211  C CA  . GLU A 1 29  ? 15.362  1.332   11.527  1.00 21.57 ? 30   GLU A CA  1 
ATOM   212  C C   . GLU A 1 29  ? 15.379  -0.062  12.157  1.00 19.38 ? 30   GLU A C   1 
ATOM   213  O O   . GLU A 1 29  ? 16.168  -0.926  11.847  1.00 18.34 ? 30   GLU A O   1 
ATOM   214  C CB  . GLU A 1 29  ? 16.085  2.306   12.449  1.00 25.51 ? 30   GLU A CB  1 
ATOM   215  C CG  . GLU A 1 29  ? 17.418  1.957   13.063  1.00 30.72 ? 30   GLU A CG  1 
ATOM   216  C CD  . GLU A 1 29  ? 17.995  2.969   14.051  1.00 33.11 ? 30   GLU A CD  1 
ATOM   217  O OE1 . GLU A 1 29  ? 17.435  3.229   15.163  1.00 34.73 ? 30   GLU A OE1 1 
ATOM   218  O OE2 . GLU A 1 29  ? 19.054  3.557   13.732  1.00 33.22 ? 30   GLU A OE2 1 
ATOM   219  N N   . LEU A 1 30  ? 14.456  -0.299  13.101  1.00 17.87 ? 31   LEU A N   1 
ATOM   220  C CA  . LEU A 1 30  ? 14.339  -1.639  13.695  1.00 18.84 ? 31   LEU A CA  1 
ATOM   221  C C   . LEU A 1 30  ? 13.940  -2.657  12.638  1.00 17.82 ? 31   LEU A C   1 
ATOM   222  O O   . LEU A 1 30  ? 14.570  -3.709  12.492  1.00 19.27 ? 31   LEU A O   1 
ATOM   223  C CB  . LEU A 1 30  ? 13.227  -1.598  14.774  1.00 16.89 ? 31   LEU A CB  1 
ATOM   224  C CG  . LEU A 1 30  ? 12.940  -2.971  15.403  1.00 20.44 ? 31   LEU A CG  1 
ATOM   225  C CD1 . LEU A 1 30  ? 14.144  -3.727  15.937  1.00 19.22 ? 31   LEU A CD1 1 
ATOM   226  C CD2 . LEU A 1 30  ? 11.915  -2.739  16.547  1.00 22.17 ? 31   LEU A CD2 1 
ATOM   227  N N   . ALA A 1 31  ? 12.885  -2.314  11.880  1.00 15.57 ? 32   ALA A N   1 
ATOM   228  C CA  . ALA A 1 31  ? 12.381  -3.271  10.870  1.00 16.36 ? 32   ALA A CA  1 
ATOM   229  C C   . ALA A 1 31  ? 13.440  -3.632  9.810   1.00 15.81 ? 32   ALA A C   1 
ATOM   230  O O   . ALA A 1 31  ? 13.430  -4.756  9.311   1.00 17.74 ? 32   ALA A O   1 
ATOM   231  C CB  . ALA A 1 31  ? 11.195  -2.634  10.093  1.00 16.86 ? 32   ALA A CB  1 
ATOM   232  N N   . THR A 1 32  ? 14.316  -2.711  9.440   1.00 15.80 ? 33   THR A N   1 
ATOM   233  C CA  . THR A 1 32  ? 15.296  -3.049  8.409   1.00 18.23 ? 33   THR A CA  1 
ATOM   234  C C   . THR A 1 32  ? 16.697  -3.190  9.015   1.00 19.36 ? 33   THR A C   1 
ATOM   235  O O   . THR A 1 32  ? 17.721  -3.228  8.333   1.00 18.65 ? 33   THR A O   1 
ATOM   236  C CB  . THR A 1 32  ? 15.327  -1.934  7.335   1.00 18.87 ? 33   THR A CB  1 
ATOM   237  O OG1 . THR A 1 32  ? 15.751  -0.766  8.053   1.00 17.41 ? 33   THR A OG1 1 
ATOM   238  C CG2 . THR A 1 32  ? 13.993  -1.660  6.689   1.00 18.26 ? 33   THR A CG2 1 
ATOM   239  N N   . GLY A 1 33  ? 16.777  -3.389  10.313  1.00 18.35 ? 34   GLY A N   1 
ATOM   240  C CA  . GLY A 1 33  ? 18.008  -3.546  11.035  1.00 20.31 ? 34   GLY A CA  1 
ATOM   241  C C   . GLY A 1 33  ? 18.552  -4.946  11.200  1.00 20.35 ? 34   GLY A C   1 
ATOM   242  O O   . GLY A 1 33  ? 19.562  -5.044  11.907  1.00 19.45 ? 34   GLY A O   1 
ATOM   243  N N   . GLY A 1 34  ? 17.919  -5.983  10.618  1.00 16.62 ? 35   GLY A N   1 
ATOM   244  C CA  . GLY A 1 34  ? 18.477  -7.312  10.732  1.00 20.73 ? 35   GLY A CA  1 
ATOM   245  C C   . GLY A 1 34  ? 17.556  -8.300  11.420  1.00 19.79 ? 35   GLY A C   1 
ATOM   246  O O   . GLY A 1 34  ? 17.593  -9.498  11.092  1.00 20.97 ? 35   GLY A O   1 
ATOM   247  N N   . VAL A 1 35  ? 16.529  -7.738  12.076  1.00 21.77 ? 36   VAL A N   1 
ATOM   248  C CA  . VAL A 1 35  ? 15.594  -8.650  12.777  1.00 23.19 ? 36   VAL A CA  1 
ATOM   249  C C   . VAL A 1 35  ? 14.832  -9.540  11.816  1.00 25.71 ? 36   VAL A C   1 
ATOM   250  O O   . VAL A 1 35  ? 14.491  -10.684 12.157  1.00 24.41 ? 36   VAL A O   1 
ATOM   251  C CB  . VAL A 1 35  ? 14.668  -7.843  13.711  1.00 22.33 ? 36   VAL A CB  1 
ATOM   252  C CG1 . VAL A 1 35  ? 13.561  -7.122  12.950  1.00 22.68 ? 36   VAL A CG1 1 
ATOM   253  C CG2 . VAL A 1 35  ? 14.086  -8.783  14.745  1.00 25.64 ? 36   VAL A CG2 1 
ATOM   254  N N   . GLN A 1 36  ? 14.577  -9.087  10.570  1.00 25.37 ? 37   GLN A N   1 
ATOM   255  C CA  . GLN A 1 36  ? 13.888  -9.965  9.657   1.00 24.87 ? 37   GLN A CA  1 
ATOM   256  C C   . GLN A 1 36  ? 14.692  -10.359 8.431   1.00 25.24 ? 37   GLN A C   1 
ATOM   257  O O   . GLN A 1 36  ? 14.146  -10.620 7.362   1.00 23.17 ? 37   GLN A O   1 
ATOM   258  C CB  . GLN A 1 36  ? 12.522  -9.416  9.309   1.00 28.89 ? 37   GLN A CB  1 
ATOM   259  C CG  . GLN A 1 36  ? 12.537  -8.050  8.649   1.00 27.06 ? 37   GLN A CG  1 
ATOM   260  C CD  . GLN A 1 36  ? 11.072  -7.620  8.495   1.00 31.10 ? 37   GLN A CD  1 
ATOM   261  O OE1 . GLN A 1 36  ? 10.670  -6.493  8.811   1.00 31.92 ? 37   GLN A OE1 1 
ATOM   262  N NE2 . GLN A 1 36  ? 10.301  -8.571  7.992   1.00 30.47 ? 37   GLN A NE2 1 
ATOM   263  N N   . GLU A 1 37  ? 16.000  -10.529 8.620   1.00 25.21 ? 38   GLU A N   1 
ATOM   264  C CA  . GLU A 1 37  ? 16.886  -11.045 7.585   1.00 26.59 ? 38   GLU A CA  1 
ATOM   265  C C   . GLU A 1 37  ? 16.338  -12.391 7.062   1.00 26.25 ? 38   GLU A C   1 
ATOM   266  O O   . GLU A 1 37  ? 16.321  -12.626 5.864   1.00 25.54 ? 38   GLU A O   1 
ATOM   267  C CB  . GLU A 1 37  ? 18.285  -11.312 8.172   1.00 25.78 ? 38   GLU A CB  1 
ATOM   268  C CG  . GLU A 1 37  ? 19.244  -12.012 7.234   1.00 31.02 ? 38   GLU A CG  1 
ATOM   269  C CD  . GLU A 1 37  ? 19.622  -11.211 5.986   1.00 32.81 ? 38   GLU A CD  1 
ATOM   270  O OE1 . GLU A 1 37  ? 19.284  -10.023 5.839   1.00 31.49 ? 38   GLU A OE1 1 
ATOM   271  O OE2 . GLU A 1 37  ? 20.287  -11.804 5.099   1.00 37.15 ? 38   GLU A OE2 1 
ATOM   272  N N   . TRP A 1 38  ? 15.837  -13.223 7.962   1.00 27.25 ? 39   TRP A N   1 
ATOM   273  C CA  . TRP A 1 38  ? 15.308  -14.537 7.636   1.00 27.11 ? 39   TRP A CA  1 
ATOM   274  C C   . TRP A 1 38  ? 14.149  -14.521 6.646   1.00 26.66 ? 39   TRP A C   1 
ATOM   275  O O   . TRP A 1 38  ? 13.980  -15.458 5.845   1.00 22.48 ? 39   TRP A O   1 
ATOM   276  C CB  . TRP A 1 38  ? 14.776  -15.157 8.922   1.00 27.51 ? 39   TRP A CB  1 
ATOM   277  C CG  . TRP A 1 38  ? 13.541  -14.590 9.551   1.00 27.61 ? 39   TRP A CG  1 
ATOM   278  C CD1 . TRP A 1 38  ? 13.473  -13.677 10.543  1.00 26.31 ? 39   TRP A CD1 1 
ATOM   279  C CD2 . TRP A 1 38  ? 12.181  -14.949 9.275   1.00 26.75 ? 39   TRP A CD2 1 
ATOM   280  N NE1 . TRP A 1 38  ? 12.168  -13.408 10.881  1.00 25.48 ? 39   TRP A NE1 1 
ATOM   281  C CE2 . TRP A 1 38  ? 11.359  -14.186 10.119  1.00 26.38 ? 39   TRP A CE2 1 
ATOM   282  C CE3 . TRP A 1 38  ? 11.569  -15.852 8.406   1.00 27.22 ? 39   TRP A CE3 1 
ATOM   283  C CZ2 . TRP A 1 38  ? 9.970   -14.321 10.161  1.00 25.00 ? 39   TRP A CZ2 1 
ATOM   284  C CZ3 . TRP A 1 38  ? 10.187  -15.953 8.406   1.00 26.73 ? 39   TRP A CZ3 1 
ATOM   285  C CH2 . TRP A 1 38  ? 9.410   -15.183 9.267   1.00 27.04 ? 39   TRP A CH2 1 
ATOM   286  N N   . ILE A 1 39  ? 13.351  -13.433 6.696   1.00 23.25 ? 40   ILE A N   1 
ATOM   287  C CA  . ILE A 1 39  ? 12.208  -13.396 5.773   1.00 25.56 ? 40   ILE A CA  1 
ATOM   288  C C   . ILE A 1 39  ? 12.568  -13.375 4.322   1.00 24.01 ? 40   ILE A C   1 
ATOM   289  O O   . ILE A 1 39  ? 11.906  -13.890 3.384   1.00 19.85 ? 40   ILE A O   1 
ATOM   290  C CB  . ILE A 1 39  ? 11.279  -12.211 6.136   1.00 27.32 ? 40   ILE A CB  1 
ATOM   291  C CG1 . ILE A 1 39  ? 9.894   -12.513 5.523   1.00 30.76 ? 40   ILE A CG1 1 
ATOM   292  C CG2 . ILE A 1 39  ? 11.777  -10.914 5.531   1.00 26.18 ? 40   ILE A CG2 1 
ATOM   293  C CD1 . ILE A 1 39  ? 8.779   -11.881 6.302   1.00 31.87 ? 40   ILE A CD1 1 
ATOM   294  N N   . ARG A 1 40  ? 13.743  -12.751 4.006   1.00 24.98 ? 41   ARG A N   1 
ATOM   295  C CA  . ARG A 1 40  ? 14.140  -12.568 2.616   1.00 24.70 ? 41   ARG A CA  1 
ATOM   296  C C   . ARG A 1 40  ? 14.182  -13.847 1.799   1.00 27.60 ? 41   ARG A C   1 
ATOM   297  O O   . ARG A 1 40  ? 13.781  -13.825 0.644   1.00 28.25 ? 41   ARG A O   1 
ATOM   298  C CB  . ARG A 1 40  ? 15.496  -11.818 2.562   1.00 26.91 ? 41   ARG A CB  1 
ATOM   299  C CG  . ARG A 1 40  ? 15.402  -10.524 3.355   1.00 28.39 ? 41   ARG A CG  1 
ATOM   300  C CD  . ARG A 1 40  ? 16.373  -9.376  3.039   1.00 31.68 ? 41   ARG A CD  1 
ATOM   301  N NE  . ARG A 1 40  ? 17.685  -9.961  3.183   1.00 31.65 ? 41   ARG A NE  1 
ATOM   302  C CZ  . ARG A 1 40  ? 18.367  -10.532 2.187   1.00 32.48 ? 41   ARG A CZ  1 
ATOM   303  N NH1 . ARG A 1 40  ? 17.839  -10.476 0.975   1.00 31.08 ? 41   ARG A NH1 1 
ATOM   304  N NH2 . ARG A 1 40  ? 19.502  -11.128 2.561   1.00 31.45 ? 41   ARG A NH2 1 
ATOM   305  N N   . GLU A 1 41  ? 14.569  -14.952 2.409   1.00 27.88 ? 42   GLU A N   1 
ATOM   306  C CA  . GLU A 1 41  ? 14.716  -16.241 1.773   1.00 32.84 ? 42   GLU A CA  1 
ATOM   307  C C   . GLU A 1 41  ? 13.483  -17.127 1.690   1.00 31.55 ? 42   GLU A C   1 
ATOM   308  O O   . GLU A 1 41  ? 13.494  -18.200 1.079   1.00 32.45 ? 42   GLU A O   1 
ATOM   309  C CB  . GLU A 1 41  ? 15.746  -16.988 2.678   1.00 36.04 ? 42   GLU A CB  1 
ATOM   310  C CG  . GLU A 1 41  ? 17.025  -16.194 2.941   1.00 42.24 ? 42   GLU A CG  1 
ATOM   311  C CD  . GLU A 1 41  ? 17.875  -16.022 1.694   1.00 45.85 ? 42   GLU A CD  1 
ATOM   312  O OE1 . GLU A 1 41  ? 17.656  -16.830 0.760   1.00 47.66 ? 42   GLU A OE1 1 
ATOM   313  O OE2 . GLU A 1 41  ? 18.728  -15.096 1.634   1.00 48.51 ? 42   GLU A OE2 1 
ATOM   314  N N   . VAL A 1 42  ? 12.404  -16.724 2.348   1.00 29.81 ? 43   VAL A N   1 
ATOM   315  C CA  . VAL A 1 42  ? 11.178  -17.515 2.443   1.00 28.68 ? 43   VAL A CA  1 
ATOM   316  C C   . VAL A 1 42  ? 10.497  -17.618 1.127   1.00 25.96 ? 43   VAL A C   1 
ATOM   317  O O   . VAL A 1 42  ? 10.310  -16.611 0.445   1.00 24.53 ? 43   VAL A O   1 
ATOM   318  C CB  . VAL A 1 42  ? 10.347  -16.794 3.535   1.00 30.44 ? 43   VAL A CB  1 
ATOM   319  C CG1 . VAL A 1 42  ? 8.873   -16.994 3.433   1.00 29.78 ? 43   VAL A CG1 1 
ATOM   320  C CG2 . VAL A 1 42  ? 10.959  -17.272 4.864   1.00 32.38 ? 43   VAL A CG2 1 
ATOM   321  N N   . PRO A 1 43  ? 10.093  -18.828 0.728   1.00 27.12 ? 44   PRO A N   1 
ATOM   322  C CA  . PRO A 1 43  ? 9.440   -19.030 -0.549  1.00 25.73 ? 44   PRO A CA  1 
ATOM   323  C C   . PRO A 1 43  ? 8.154   -18.223 -0.578  1.00 24.34 ? 44   PRO A C   1 
ATOM   324  O O   . PRO A 1 43  ? 7.383   -18.241 0.390   1.00 24.63 ? 44   PRO A O   1 
ATOM   325  C CB  . PRO A 1 43  ? 9.233   -20.540 -0.659  1.00 29.40 ? 44   PRO A CB  1 
ATOM   326  C CG  . PRO A 1 43  ? 10.200  -21.126 0.339   1.00 28.55 ? 44   PRO A CG  1 
ATOM   327  C CD  . PRO A 1 43  ? 10.294  -20.119 1.464   1.00 27.90 ? 44   PRO A CD  1 
ATOM   328  N N   . GLY A 1 44  ? 7.935   -17.481 -1.630  1.00 23.57 ? 45   GLY A N   1 
ATOM   329  C CA  . GLY A 1 44  ? 6.707   -16.704 -1.856  1.00 22.18 ? 45   GLY A CA  1 
ATOM   330  C C   . GLY A 1 44  ? 6.823   -15.260 -1.360  1.00 19.95 ? 45   GLY A C   1 
ATOM   331  O O   . GLY A 1 44  ? 5.966   -14.484 -1.757  1.00 19.53 ? 45   GLY A O   1 
ATOM   332  N N   . PHE A 1 45  ? 7.837   -14.936 -0.587  1.00 19.07 ? 46   PHE A N   1 
ATOM   333  C CA  . PHE A 1 45  ? 7.995   -13.569 -0.096  1.00 20.97 ? 46   PHE A CA  1 
ATOM   334  C C   . PHE A 1 45  ? 8.467   -12.680 -1.228  1.00 20.73 ? 46   PHE A C   1 
ATOM   335  O O   . PHE A 1 45  ? 9.490   -13.034 -1.851  1.00 21.18 ? 46   PHE A O   1 
ATOM   336  C CB  . PHE A 1 45  ? 8.995   -13.515 1.050   1.00 21.35 ? 46   PHE A CB  1 
ATOM   337  C CG  . PHE A 1 45  ? 9.323   -12.069 1.456   1.00 21.08 ? 46   PHE A CG  1 
ATOM   338  C CD1 . PHE A 1 45  ? 8.372   -11.318 2.088   1.00 20.13 ? 46   PHE A CD1 1 
ATOM   339  C CD2 . PHE A 1 45  ? 10.569  -11.554 1.173   1.00 21.02 ? 46   PHE A CD2 1 
ATOM   340  C CE1 . PHE A 1 45  ? 8.692   -10.009 2.494   1.00 20.93 ? 46   PHE A CE1 1 
ATOM   341  C CE2 . PHE A 1 45  ? 10.875  -10.224 1.567   1.00 21.21 ? 46   PHE A CE2 1 
ATOM   342  C CZ  . PHE A 1 45  ? 9.927   -9.464  2.215   1.00 20.61 ? 46   PHE A CZ  1 
ATOM   343  N N   . LEU A 1 46  ? 7.732   -11.628 -1.558  1.00 17.44 ? 47   LEU A N   1 
ATOM   344  C CA  . LEU A 1 46  ? 8.194   -10.746 -2.626  1.00 17.86 ? 47   LEU A CA  1 
ATOM   345  C C   . LEU A 1 46  ? 8.826   -9.448  -2.083  1.00 19.40 ? 47   LEU A C   1 
ATOM   346  O O   . LEU A 1 46  ? 9.867   -8.991  -2.603  1.00 18.35 ? 47   LEU A O   1 
ATOM   347  C CB  . LEU A 1 46  ? 7.067   -10.442 -3.608  1.00 19.72 ? 47   LEU A CB  1 
ATOM   348  C CG  . LEU A 1 46  ? 6.566   -11.733 -4.338  1.00 22.68 ? 47   LEU A CG  1 
ATOM   349  C CD1 . LEU A 1 46  ? 5.466   -11.358 -5.339  1.00 21.11 ? 47   LEU A CD1 1 
ATOM   350  C CD2 . LEU A 1 46  ? 7.772   -12.327 -5.078  1.00 24.02 ? 47   LEU A CD2 1 
ATOM   351  N N   . SER A 1 47  ? 8.203   -8.790  -1.132  1.00 17.47 ? 48   SER A N   1 
ATOM   352  C CA  . SER A 1 47  ? 8.795   -7.542  -0.602  1.00 18.72 ? 48   SER A CA  1 
ATOM   353  C C   . SER A 1 47  ? 8.015   -7.041  0.608   1.00 18.22 ? 48   SER A C   1 
ATOM   354  O O   . SER A 1 47  ? 6.863   -7.450  0.852   1.00 14.84 ? 48   SER A O   1 
ATOM   355  C CB  . SER A 1 47  ? 8.683   -6.442  -1.668  1.00 20.20 ? 48   SER A CB  1 
ATOM   356  O OG  . SER A 1 47  ? 7.356   -5.951  -1.846  1.00 18.50 ? 48   SER A OG  1 
ATOM   357  N N   . ALA A 1 48  ? 8.698   -6.195  1.394   1.00 16.69 ? 49   ALA A N   1 
ATOM   358  C CA  . ALA A 1 48  ? 8.017   -5.483  2.480   1.00 14.70 ? 49   ALA A CA  1 
ATOM   359  C C   . ALA A 1 48  ? 8.527   -4.037  2.454   1.00 16.59 ? 49   ALA A C   1 
ATOM   360  O O   . ALA A 1 48  ? 9.736   -3.892  2.664   1.00 17.65 ? 49   ALA A O   1 
ATOM   361  C CB  . ALA A 1 48  ? 8.270   -6.148  3.794   1.00 16.82 ? 49   ALA A CB  1 
ATOM   362  N N   . THR A 1 49  ? 7.681   -3.067  2.125   1.00 15.64 ? 50   THR A N   1 
ATOM   363  C CA  . THR A 1 49  ? 8.136   -1.695  2.059   1.00 15.74 ? 50   THR A CA  1 
ATOM   364  C C   . THR A 1 49  ? 7.600   -0.871  3.200   1.00 15.75 ? 50   THR A C   1 
ATOM   365  O O   . THR A 1 49  ? 6.380   -0.870  3.384   1.00 14.18 ? 50   THR A O   1 
ATOM   366  C CB  . THR A 1 49  ? 7.760   -1.062  0.698   1.00 15.47 ? 50   THR A CB  1 
ATOM   367  O OG1 . THR A 1 49  ? 8.493   -1.839  -0.288  1.00 15.75 ? 50   THR A OG1 1 
ATOM   368  C CG2 . THR A 1 49  ? 8.248   0.391   0.700   1.00 15.46 ? 50   THR A CG2 1 
ATOM   369  N N   . TYR A 1 50  ? 8.483   -0.318  4.024   1.00 14.63 ? 51   TYR A N   1 
ATOM   370  C CA  . TYR A 1 50  ? 8.012   0.426   5.207   1.00 13.91 ? 51   TYR A CA  1 
ATOM   371  C C   . TYR A 1 50  ? 8.012   1.906   4.869   1.00 15.71 ? 51   TYR A C   1 
ATOM   372  O O   . TYR A 1 50  ? 9.040   2.427   4.381   1.00 15.77 ? 51   TYR A O   1 
ATOM   373  C CB  . TYR A 1 50  ? 8.888   0.152   6.438   1.00 16.59 ? 51   TYR A CB  1 
ATOM   374  C CG  . TYR A 1 50  ? 8.683   -1.252  6.999   1.00 17.22 ? 51   TYR A CG  1 
ATOM   375  C CD1 . TYR A 1 50  ? 9.214   -2.361  6.347   1.00 19.08 ? 51   TYR A CD1 1 
ATOM   376  C CD2 . TYR A 1 50  ? 7.895   -1.430  8.117   1.00 19.84 ? 51   TYR A CD2 1 
ATOM   377  C CE1 . TYR A 1 50  ? 8.923   -3.629  6.821   1.00 20.27 ? 51   TYR A CE1 1 
ATOM   378  C CE2 . TYR A 1 50  ? 7.623   -2.697  8.597   1.00 20.84 ? 51   TYR A CE2 1 
ATOM   379  C CZ  . TYR A 1 50  ? 8.181   -3.779  7.950   1.00 21.44 ? 51   TYR A CZ  1 
ATOM   380  O OH  . TYR A 1 50  ? 7.923   -5.029  8.461   1.00 27.20 ? 51   TYR A OH  1 
ATOM   381  N N   . HIS A 1 51  ? 6.882   2.570   5.167   1.00 12.60 ? 52   HIS A N   1 
ATOM   382  C CA  . HIS A 1 51  ? 6.768   3.978   4.888   1.00 12.53 ? 52   HIS A CA  1 
ATOM   383  C C   . HIS A 1 51  ? 6.504   4.803   6.161   1.00 13.74 ? 52   HIS A C   1 
ATOM   384  O O   . HIS A 1 51  ? 5.814   4.240   7.031   1.00 12.29 ? 52   HIS A O   1 
ATOM   385  C CB  . HIS A 1 51  ? 5.520   4.181   3.989   1.00 11.96 ? 52   HIS A CB  1 
ATOM   386  C CG  . HIS A 1 51  ? 5.442   3.347   2.745   1.00 12.54 ? 52   HIS A CG  1 
ATOM   387  N ND1 . HIS A 1 51  ? 5.144   2.018   2.813   1.00 11.77 ? 52   HIS A ND1 1 
ATOM   388  C CD2 . HIS A 1 51  ? 5.548   3.644   1.431   1.00 13.72 ? 52   HIS A CD2 1 
ATOM   389  C CE1 . HIS A 1 51  ? 5.074   1.475   1.582   1.00 13.84 ? 52   HIS A CE1 1 
ATOM   390  N NE2 . HIS A 1 51  ? 5.288   2.486   0.708   1.00 13.57 ? 52   HIS A NE2 1 
ATOM   391  N N   . ALA A 1 52  ? 6.941   6.070   6.197   1.00 10.80 ? 53   ALA A N   1 
ATOM   392  C CA  . ALA A 1 52  ? 6.580   6.950   7.306   1.00 12.03 ? 53   ALA A CA  1 
ATOM   393  C C   . ALA A 1 52  ? 5.395   7.794   6.896   1.00 11.22 ? 53   ALA A C   1 
ATOM   394  O O   . ALA A 1 52  ? 5.495   8.573   5.906   1.00 13.53 ? 53   ALA A O   1 
ATOM   395  C CB  . ALA A 1 52  ? 7.802   7.838   7.750   1.00 11.01 ? 53   ALA A CB  1 
ATOM   396  N N   . SER A 1 53  ? 4.246   7.764   7.534   1.00 12.60 ? 54   SER A N   1 
ATOM   397  C CA  . SER A 1 53  ? 3.136   8.614   7.112   1.00 11.83 ? 54   SER A CA  1 
ATOM   398  C C   . SER A 1 53  ? 3.634   10.078  7.253   1.00 14.34 ? 54   SER A C   1 
ATOM   399  O O   . SER A 1 53  ? 4.444   10.404  8.141   1.00 13.19 ? 54   SER A O   1 
ATOM   400  C CB  . SER A 1 53  ? 1.836   8.402   7.900   1.00 13.04 ? 54   SER A CB  1 
ATOM   401  O OG  . SER A 1 53  ? 2.015   8.866   9.242   1.00 14.02 ? 54   SER A OG  1 
ATOM   402  N N   . THR A 1 54  ? 3.156   10.959  6.376   1.00 13.79 ? 55   THR A N   1 
ATOM   403  C CA  . THR A 1 54  ? 3.644   12.340  6.373   1.00 14.91 ? 55   THR A CA  1 
ATOM   404  C C   . THR A 1 54  ? 3.167   13.137  7.607   1.00 16.38 ? 55   THR A C   1 
ATOM   405  O O   . THR A 1 54  ? 3.866   14.019  8.113   1.00 15.38 ? 55   THR A O   1 
ATOM   406  C CB  . THR A 1 54  ? 3.190   13.115  5.126   1.00 16.28 ? 55   THR A CB  1 
ATOM   407  O OG1 . THR A 1 54  ? 1.751   13.016  5.026   1.00 16.78 ? 55   THR A OG1 1 
ATOM   408  C CG2 . THR A 1 54  ? 3.768   12.541  3.844   1.00 16.59 ? 55   THR A CG2 1 
ATOM   409  N N   . ASP A 1 55  ? 2.049   12.671  8.196   1.00 15.07 ? 56   ASP A N   1 
ATOM   410  C CA  . ASP A 1 55  ? 1.578   13.335  9.425   1.00 15.97 ? 56   ASP A CA  1 
ATOM   411  C C   . ASP A 1 55  ? 2.298   12.889  10.698  1.00 14.85 ? 56   ASP A C   1 
ATOM   412  O O   . ASP A 1 55  ? 1.960   13.302  11.810  1.00 15.40 ? 56   ASP A O   1 
ATOM   413  C CB  . ASP A 1 55  ? 0.088   13.175  9.570   1.00 15.84 ? 56   ASP A CB  1 
ATOM   414  C CG  . ASP A 1 55  ? -0.433  11.787  9.798   1.00 18.03 ? 56   ASP A CG  1 
ATOM   415  O OD1 . ASP A 1 55  ? 0.347   10.861  10.124  1.00 15.90 ? 56   ASP A OD1 1 
ATOM   416  O OD2 . ASP A 1 55  ? -1.686  11.605  9.765   1.00 18.35 ? 56   ASP A OD2 1 
ATOM   417  N N   . GLY A 1 56  ? 3.265   11.972  10.601  1.00 14.45 ? 57   GLY A N   1 
ATOM   418  C CA  . GLY A 1 56  ? 4.072   11.531  11.688  1.00 14.55 ? 57   GLY A CA  1 
ATOM   419  C C   . GLY A 1 56  ? 3.438   10.508  12.627  1.00 13.63 ? 57   GLY A C   1 
ATOM   420  O O   . GLY A 1 56  ? 4.127   10.035  13.534  1.00 14.30 ? 57   GLY A O   1 
ATOM   421  N N   . THR A 1 57  ? 2.198   10.068  12.358  1.00 11.55 ? 58   THR A N   1 
ATOM   422  C CA  . THR A 1 57  ? 1.530   9.226   13.356  1.00 14.63 ? 58   THR A CA  1 
ATOM   423  C C   . THR A 1 57  ? 1.597   7.717   13.082  1.00 14.64 ? 58   THR A C   1 
ATOM   424  O O   . THR A 1 57  ? 1.138   6.971   13.948  1.00 14.51 ? 58   THR A O   1 
ATOM   425  C CB  . THR A 1 57  ? 0.019   9.554   13.437  1.00 17.03 ? 58   THR A CB  1 
ATOM   426  O OG1 . THR A 1 57  ? -0.621  9.189   12.220  1.00 16.81 ? 58   THR A OG1 1 
ATOM   427  C CG2 . THR A 1 57  ? -0.222  11.052  13.657  1.00 18.23 ? 58   THR A CG2 1 
ATOM   428  N N   . ALA A 1 58  ? 2.149   7.313   11.928  1.00 12.66 ? 59   ALA A N   1 
ATOM   429  C CA  . ALA A 1 58  ? 2.146   5.875   11.676  1.00 13.45 ? 59   ALA A CA  1 
ATOM   430  C C   . ALA A 1 58  ? 3.250   5.372   10.777  1.00 13.93 ? 59   ALA A C   1 
ATOM   431  O O   . ALA A 1 58  ? 3.738   6.203   10.023  1.00 15.05 ? 59   ALA A O   1 
ATOM   432  C CB  . ALA A 1 58  ? 0.824   5.507   10.932  1.00 15.76 ? 59   ALA A CB  1 
ATOM   433  N N   . VAL A 1 59  ? 3.516   4.061   10.865  1.00 11.65 ? 60   VAL A N   1 
ATOM   434  C CA  . VAL A 1 59  ? 4.468   3.454   9.926   1.00 11.65 ? 60   VAL A CA  1 
ATOM   435  C C   . VAL A 1 59  ? 3.615   2.415   9.181   1.00 11.92 ? 60   VAL A C   1 
ATOM   436  O O   . VAL A 1 59  ? 2.814   1.733   9.799   1.00 12.61 ? 60   VAL A O   1 
ATOM   437  C CB  . VAL A 1 59  ? 5.683   2.793   10.607  1.00 11.97 ? 60   VAL A CB  1 
ATOM   438  C CG1 . VAL A 1 59  ? 6.510   1.949   9.645   1.00 13.44 ? 60   VAL A CG1 1 
ATOM   439  C CG2 . VAL A 1 59  ? 6.614   3.897   11.136  1.00 11.18 ? 60   VAL A CG2 1 
ATOM   440  N N   . VAL A 1 60  ? 3.682   2.457   7.857   1.00 13.12 ? 61   VAL A N   1 
ATOM   441  C CA  . VAL A 1 60  ? 2.797   1.502   7.132   1.00 12.04 ? 61   VAL A CA  1 
ATOM   442  C C   . VAL A 1 60  ? 3.710   0.591   6.322   1.00 14.25 ? 61   VAL A C   1 
ATOM   443  O O   . VAL A 1 60  ? 4.567   1.079   5.516   1.00 13.08 ? 61   VAL A O   1 
ATOM   444  C CB  . VAL A 1 60  ? 2.002   2.314   6.094   1.00 12.82 ? 61   VAL A CB  1 
ATOM   445  C CG1 . VAL A 1 60  ? 1.248   1.339   5.186   1.00 15.37 ? 61   VAL A CG1 1 
ATOM   446  C CG2 . VAL A 1 60  ? 1.021   3.211   6.853   1.00 15.34 ? 61   VAL A CG2 1 
ATOM   447  N N   . ASN A 1 61  ? 3.404   -0.699  6.395   1.00 11.16 ? 62   ASN A N   1 
ATOM   448  C CA  . ASN A 1 61  ? 4.154   -1.695  5.599   1.00 10.80 ? 62   ASN A CA  1 
ATOM   449  C C   . ASN A 1 61  ? 3.211   -2.240  4.478   1.00 13.02 ? 62   ASN A C   1 
ATOM   450  O O   . ASN A 1 61  ? 2.111   -2.653  4.807   1.00 12.65 ? 62   ASN A O   1 
ATOM   451  C CB  . ASN A 1 61  ? 4.524   -2.864  6.503   1.00 14.04 ? 62   ASN A CB  1 
ATOM   452  C CG  . ASN A 1 61  ? 5.051   -4.130  5.864   1.00 17.07 ? 62   ASN A CG  1 
ATOM   453  O OD1 . ASN A 1 61  ? 5.580   -4.123  4.767   1.00 15.70 ? 62   ASN A OD1 1 
ATOM   454  N ND2 . ASN A 1 61  ? 4.983   -5.276  6.575   1.00 18.78 ? 62   ASN A ND2 1 
ATOM   455  N N   . TYR A 1 62  ? 3.581   -2.115  3.234   1.00 12.13 ? 63   TYR A N   1 
ATOM   456  C CA  . TYR A 1 62  ? 2.941   -2.657  2.035   1.00 11.90 ? 63   TYR A CA  1 
ATOM   457  C C   . TYR A 1 62  ? 3.750   -3.907  1.685   1.00 12.76 ? 63   TYR A C   1 
ATOM   458  O O   . TYR A 1 62  ? 4.938   -3.786  1.310   1.00 14.44 ? 63   TYR A O   1 
ATOM   459  C CB  . TYR A 1 62  ? 2.996   -1.622  0.896   1.00 13.19 ? 63   TYR A CB  1 
ATOM   460  C CG  . TYR A 1 62  ? 2.365   -2.103  -0.398  1.00 14.57 ? 63   TYR A CG  1 
ATOM   461  C CD1 . TYR A 1 62  ? 1.005   -2.059  -0.555  1.00 14.65 ? 63   TYR A CD1 1 
ATOM   462  C CD2 . TYR A 1 62  ? 3.160   -2.628  -1.425  1.00 15.03 ? 63   TYR A CD2 1 
ATOM   463  C CE1 . TYR A 1 62  ? 0.366   -2.569  -1.724  1.00 16.58 ? 63   TYR A CE1 1 
ATOM   464  C CE2 . TYR A 1 62  ? 2.544   -3.149  -2.598  1.00 15.80 ? 63   TYR A CE2 1 
ATOM   465  C CZ  . TYR A 1 62  ? 1.169   -3.085  -2.713  1.00 17.66 ? 63   TYR A CZ  1 
ATOM   466  O OH  . TYR A 1 62  ? 0.586   -3.603  -3.851  1.00 16.92 ? 63   TYR A OH  1 
ATOM   467  N N   . ALA A 1 63  ? 3.197   -5.088  1.931   1.00 15.51 ? 64   ALA A N   1 
ATOM   468  C CA  . ALA A 1 63  ? 3.925   -6.348  1.717   1.00 15.84 ? 64   ALA A CA  1 
ATOM   469  C C   . ALA A 1 63  ? 3.316   -7.177  0.585   1.00 17.59 ? 64   ALA A C   1 
ATOM   470  O O   . ALA A 1 63  ? 2.107   -7.338  0.607   1.00 16.82 ? 64   ALA A O   1 
ATOM   471  C CB  . ALA A 1 63  ? 3.971   -7.158  2.979   1.00 15.72 ? 64   ALA A CB  1 
ATOM   472  N N   . GLN A 1 64  ? 4.137   -7.633  -0.334  1.00 18.03 ? 65   GLN A N   1 
ATOM   473  C CA  . GLN A 1 64  ? 3.740   -8.383  -1.509  1.00 17.85 ? 65   GLN A CA  1 
ATOM   474  C C   . GLN A 1 64  ? 4.165   -9.844  -1.295  1.00 16.99 ? 65   GLN A C   1 
ATOM   475  O O   . GLN A 1 64  ? 5.275   -10.136 -0.838  1.00 16.40 ? 65   GLN A O   1 
ATOM   476  C CB  . GLN A 1 64  ? 4.537   -7.883  -2.736  1.00 16.87 ? 65   GLN A CB  1 
ATOM   477  C CG  . GLN A 1 64  ? 4.246   -6.474  -3.204  1.00 19.36 ? 65   GLN A CG  1 
ATOM   478  C CD  . GLN A 1 64  ? 5.208   -6.087  -4.346  1.00 19.96 ? 65   GLN A CD  1 
ATOM   479  O OE1 . GLN A 1 64  ? 6.421   -6.287  -4.223  1.00 20.01 ? 65   GLN A OE1 1 
ATOM   480  N NE2 . GLN A 1 64  ? 4.715   -5.535  -5.428  1.00 20.01 ? 65   GLN A NE2 1 
ATOM   481  N N   . TRP A 1 65  ? 3.243   -10.743 -1.614  1.00 17.73 ? 66   TRP A N   1 
ATOM   482  C CA  . TRP A 1 65  ? 3.454   -12.165 -1.384  1.00 17.92 ? 66   TRP A CA  1 
ATOM   483  C C   . TRP A 1 65  ? 2.943   -12.886 -2.642  1.00 18.70 ? 66   TRP A C   1 
ATOM   484  O O   . TRP A 1 65  ? 2.006   -12.366 -3.277  1.00 18.73 ? 66   TRP A O   1 
ATOM   485  C CB  . TRP A 1 65  ? 2.680   -12.696 -0.174  1.00 16.63 ? 66   TRP A CB  1 
ATOM   486  C CG  . TRP A 1 65  ? 3.339   -12.324 1.134   1.00 16.78 ? 66   TRP A CG  1 
ATOM   487  C CD1 . TRP A 1 65  ? 3.199   -11.172 1.856   1.00 17.78 ? 66   TRP A CD1 1 
ATOM   488  C CD2 . TRP A 1 65  ? 4.298   -13.138 1.798   1.00 18.03 ? 66   TRP A CD2 1 
ATOM   489  N NE1 . TRP A 1 65  ? 4.005   -11.257 2.969   1.00 18.53 ? 66   TRP A NE1 1 
ATOM   490  C CE2 . TRP A 1 65  ? 4.717   -12.435 2.954   1.00 18.72 ? 66   TRP A CE2 1 
ATOM   491  C CE3 . TRP A 1 65  ? 4.869   -14.389 1.536   1.00 18.33 ? 66   TRP A CE3 1 
ATOM   492  C CZ2 . TRP A 1 65  ? 5.607   -12.987 3.842   1.00 18.77 ? 66   TRP A CZ2 1 
ATOM   493  C CZ3 . TRP A 1 65  ? 5.807   -14.923 2.419   1.00 19.00 ? 66   TRP A CZ3 1 
ATOM   494  C CH2 . TRP A 1 65  ? 6.145   -14.203 3.580   1.00 19.85 ? 66   TRP A CH2 1 
ATOM   495  N N   . GLU A 1 66  ? 3.575   -14.027 -2.962  1.00 19.16 ? 67   GLU A N   1 
ATOM   496  C CA  . GLU A 1 66  ? 3.136   -14.706 -4.204  1.00 21.85 ? 67   GLU A CA  1 
ATOM   497  C C   . GLU A 1 66  ? 1.720   -15.270 -4.091  1.00 22.27 ? 67   GLU A C   1 
ATOM   498  O O   . GLU A 1 66  ? 0.964   -15.280 -5.083  1.00 22.15 ? 67   GLU A O   1 
ATOM   499  C CB  . GLU A 1 66  ? 4.131   -15.809 -4.611  1.00 25.73 ? 67   GLU A CB  1 
ATOM   500  C CG  . GLU A 1 66  ? 5.407   -15.369 -5.285  1.00 30.01 ? 67   GLU A CG  1 
ATOM   501  C CD  . GLU A 1 66  ? 6.430   -16.479 -5.544  1.00 35.37 ? 67   GLU A CD  1 
ATOM   502  O OE1 . GLU A 1 66  ? 6.090   -17.678 -5.368  1.00 37.38 ? 67   GLU A OE1 1 
ATOM   503  O OE2 . GLU A 1 66  ? 7.611   -16.213 -5.895  1.00 36.78 ? 67   GLU A OE2 1 
ATOM   504  N N   . SER A 1 67  ? 1.315   -15.623 -2.876  1.00 21.40 ? 68   SER A N   1 
ATOM   505  C CA  . SER A 1 67  ? -0.059  -16.149 -2.700  1.00 23.31 ? 68   SER A CA  1 
ATOM   506  C C   . SER A 1 67  ? -0.380  -16.119 -1.227  1.00 22.02 ? 68   SER A C   1 
ATOM   507  O O   . SER A 1 67  ? 0.503   -16.053 -0.366  1.00 20.94 ? 68   SER A O   1 
ATOM   508  C CB  . SER A 1 67  ? -0.144  -17.586 -3.264  1.00 21.13 ? 68   SER A CB  1 
ATOM   509  O OG  . SER A 1 67  ? 0.652   -18.440 -2.446  1.00 22.23 ? 68   SER A OG  1 
ATOM   510  N N   . GLU A 1 68  ? -1.681  -16.253 -0.920  1.00 20.12 ? 69   GLU A N   1 
ATOM   511  C CA  . GLU A 1 68  ? -2.112  -16.311 0.449   1.00 21.69 ? 69   GLU A CA  1 
ATOM   512  C C   . GLU A 1 68  ? -1.516  -17.547 1.134   1.00 20.63 ? 69   GLU A C   1 
ATOM   513  O O   . GLU A 1 68  ? -1.082  -17.593 2.269   1.00 17.70 ? 69   GLU A O   1 
ATOM   514  C CB  . GLU A 1 68  ? -3.676  -16.406 0.491   1.00 19.67 ? 69   GLU A CB  1 
ATOM   515  C CG  . GLU A 1 68  ? -4.115  -16.514 1.940   1.00 21.59 ? 69   GLU A CG  1 
ATOM   516  C CD  . GLU A 1 68  ? -5.653  -16.476 2.109   1.00 23.72 ? 69   GLU A CD  1 
ATOM   517  O OE1 . GLU A 1 68  ? -6.403  -15.995 1.231   1.00 25.42 ? 69   GLU A OE1 1 
ATOM   518  O OE2 . GLU A 1 68  ? -6.106  -16.921 3.150   1.00 21.69 ? 69   GLU A OE2 1 
ATOM   519  N N   . GLN A 1 69  ? -1.509  -18.673 0.372   1.00 22.02 ? 70   GLN A N   1 
ATOM   520  C CA  . GLN A 1 69  ? -0.965  -19.898 1.000   1.00 22.22 ? 70   GLN A CA  1 
ATOM   521  C C   . GLN A 1 69  ? 0.502   -19.699 1.403   1.00 20.39 ? 70   GLN A C   1 
ATOM   522  O O   . GLN A 1 69  ? 0.915   -20.173 2.447   1.00 21.05 ? 70   GLN A O   1 
ATOM   523  C CB  . GLN A 1 69  ? -0.968  -21.042 -0.033  1.00 22.73 ? 70   GLN A CB  1 
ATOM   524  C CG  . GLN A 1 69  ? -0.722  -22.328 0.756   1.00 29.16 ? 70   GLN A CG  1 
ATOM   525  C CD  . GLN A 1 69  ? -0.481  -23.558 -0.061  1.00 31.98 ? 70   GLN A CD  1 
ATOM   526  O OE1 . GLN A 1 69  ? -0.978  -24.636 0.294   1.00 33.76 ? 70   GLN A OE1 1 
ATOM   527  N NE2 . GLN A 1 69  ? 0.267   -23.421 -1.137  1.00 32.62 ? 70   GLN A NE2 1 
ATOM   528  N N   . ALA A 1 70  ? 1.341   -19.125 0.533   1.00 20.61 ? 71   ALA A N   1 
ATOM   529  C CA  . ALA A 1 70  ? 2.770   -18.972 0.892   1.00 20.87 ? 71   ALA A CA  1 
ATOM   530  C C   . ALA A 1 70  ? 2.935   -18.064 2.100   1.00 19.45 ? 71   ALA A C   1 
ATOM   531  O O   . ALA A 1 70  ? 3.702   -18.383 3.022   1.00 22.66 ? 71   ALA A O   1 
ATOM   532  C CB  . ALA A 1 70  ? 3.667   -18.424 -0.194  1.00 20.77 ? 71   ALA A CB  1 
ATOM   533  N N   . TYR A 1 71  ? 2.078   -17.038 2.164   1.00 17.91 ? 72   TYR A N   1 
ATOM   534  C CA  . TYR A 1 71  ? 2.059   -16.185 3.350   1.00 18.10 ? 72   TYR A CA  1 
ATOM   535  C C   . TYR A 1 71  ? 1.713   -16.936 4.636   1.00 21.17 ? 72   TYR A C   1 
ATOM   536  O O   . TYR A 1 71  ? 2.351   -16.754 5.686   1.00 20.07 ? 72   TYR A O   1 
ATOM   537  C CB  . TYR A 1 71  ? 1.045   -15.077 3.035   1.00 20.96 ? 72   TYR A CB  1 
ATOM   538  C CG  . TYR A 1 71  ? 0.751   -14.284 4.269   1.00 22.58 ? 72   TYR A CG  1 
ATOM   539  C CD1 . TYR A 1 71  ? 1.642   -13.256 4.653   1.00 23.08 ? 72   TYR A CD1 1 
ATOM   540  C CD2 . TYR A 1 71  ? -0.383  -14.538 5.021   1.00 22.29 ? 72   TYR A CD2 1 
ATOM   541  C CE1 . TYR A 1 71  ? 1.412   -12.517 5.790   1.00 27.01 ? 72   TYR A CE1 1 
ATOM   542  C CE2 . TYR A 1 71  ? -0.598  -13.783 6.154   1.00 26.71 ? 72   TYR A CE2 1 
ATOM   543  C CZ  . TYR A 1 71  ? 0.280   -12.812 6.538   1.00 29.41 ? 72   TYR A CZ  1 
ATOM   544  O OH  . TYR A 1 71  ? 0.001   -12.094 7.679   1.00 34.80 ? 72   TYR A OH  1 
ATOM   545  N N   . ARG A 1 72  ? 0.621   -17.750 4.627   1.00 19.94 ? 73   ARG A N   1 
ATOM   546  C CA  . ARG A 1 72  ? 0.268   -18.500 5.818   1.00 19.21 ? 73   ARG A CA  1 
ATOM   547  C C   . ARG A 1 72  ? 1.294   -19.537 6.195   1.00 19.66 ? 73   ARG A C   1 
ATOM   548  O O   . ARG A 1 72  ? 1.592   -19.731 7.380   1.00 22.54 ? 73   ARG A O   1 
ATOM   549  C CB  . ARG A 1 72  ? -1.050  -19.296 5.532   1.00 20.24 ? 73   ARG A CB  1 
ATOM   550  C CG  . ARG A 1 72  ? -2.244  -18.361 5.409   1.00 19.03 ? 73   ARG A CG  1 
ATOM   551  C CD  . ARG A 1 72  ? -3.502  -19.291 5.249   1.00 22.75 ? 73   ARG A CD  1 
ATOM   552  N NE  . ARG A 1 72  ? -4.708  -18.471 5.066   1.00 21.33 ? 73   ARG A NE  1 
ATOM   553  C CZ  . ARG A 1 72  ? -5.498  -18.200 6.126   1.00 22.14 ? 73   ARG A CZ  1 
ATOM   554  N NH1 . ARG A 1 72  ? -5.181  -18.677 7.313   1.00 24.37 ? 73   ARG A NH1 1 
ATOM   555  N NH2 . ARG A 1 72  ? -6.636  -17.503 5.977   1.00 24.05 ? 73   ARG A NH2 1 
ATOM   556  N N   . VAL A 1 73  ? 1.809   -20.271 5.209   1.00 24.32 ? 74   VAL A N   1 
ATOM   557  C CA  . VAL A 1 73  ? 2.739   -21.365 5.519   1.00 26.21 ? 74   VAL A CA  1 
ATOM   558  C C   . VAL A 1 73  ? 4.109   -20.860 5.921   1.00 28.51 ? 74   VAL A C   1 
ATOM   559  O O   . VAL A 1 73  ? 4.655   -21.264 6.935   1.00 26.91 ? 74   VAL A O   1 
ATOM   560  C CB  . VAL A 1 73  ? 2.968   -22.251 4.279   1.00 28.65 ? 74   VAL A CB  1 
ATOM   561  C CG1 . VAL A 1 73  ? 4.128   -23.231 4.531   1.00 29.62 ? 74   VAL A CG1 1 
ATOM   562  C CG2 . VAL A 1 73  ? 1.701   -23.035 3.953   1.00 28.27 ? 74   VAL A CG2 1 
ATOM   563  N N   . ASN A 1 74  ? 4.575   -19.917 5.094   1.00 30.64 ? 75   ASN A N   1 
ATOM   564  C CA  . ASN A 1 74  ? 5.951   -19.419 5.254   1.00 31.56 ? 75   ASN A CA  1 
ATOM   565  C C   . ASN A 1 74  ? 6.145   -18.253 6.170   1.00 30.86 ? 75   ASN A C   1 
ATOM   566  O O   . ASN A 1 74  ? 7.281   -18.072 6.617   1.00 31.54 ? 75   ASN A O   1 
ATOM   567  C CB  . ASN A 1 74  ? 6.502   -19.084 3.852   1.00 33.53 ? 75   ASN A CB  1 
ATOM   568  C CG  . ASN A 1 74  ? 6.753   -20.361 3.086   1.00 36.35 ? 75   ASN A CG  1 
ATOM   569  O OD1 . ASN A 1 74  ? 6.285   -20.542 1.966   1.00 38.44 ? 75   ASN A OD1 1 
ATOM   570  N ND2 . ASN A 1 74  ? 7.516   -21.185 3.790   1.00 37.96 ? 75   ASN A ND2 1 
ATOM   571  N N   . PHE A 1 75  ? 5.119   -17.500 6.533   1.00 28.44 ? 76   PHE A N   1 
ATOM   572  C CA  . PHE A 1 75  ? 5.193   -16.428 7.472   1.00 27.00 ? 76   PHE A CA  1 
ATOM   573  C C   . PHE A 1 75  ? 4.288   -16.697 8.665   1.00 29.27 ? 76   PHE A C   1 
ATOM   574  O O   . PHE A 1 75  ? 4.755   -16.777 9.823   1.00 30.20 ? 76   PHE A O   1 
ATOM   575  C CB  . PHE A 1 75  ? 4.834   -15.084 6.793   1.00 26.14 ? 76   PHE A CB  1 
ATOM   576  C CG  . PHE A 1 75  ? 4.972   -13.929 7.731   1.00 25.30 ? 76   PHE A CG  1 
ATOM   577  C CD1 . PHE A 1 75  ? 6.246   -13.482 8.025   1.00 28.62 ? 76   PHE A CD1 1 
ATOM   578  C CD2 . PHE A 1 75  ? 3.910   -13.325 8.351   1.00 26.00 ? 76   PHE A CD2 1 
ATOM   579  C CE1 . PHE A 1 75  ? 6.447   -12.438 8.905   1.00 30.40 ? 76   PHE A CE1 1 
ATOM   580  C CE2 . PHE A 1 75  ? 4.089   -12.272 9.230   1.00 29.68 ? 76   PHE A CE2 1 
ATOM   581  C CZ  . PHE A 1 75  ? 5.378   -11.802 9.502   1.00 30.12 ? 76   PHE A CZ  1 
ATOM   582  N N   . GLY A 1 76  ? 2.988   -16.762 8.462   1.00 27.90 ? 77   GLY A N   1 
ATOM   583  C CA  . GLY A 1 76  ? 2.079   -17.010 9.584   1.00 32.50 ? 77   GLY A CA  1 
ATOM   584  C C   . GLY A 1 76  ? 2.374   -18.244 10.407  1.00 34.84 ? 77   GLY A C   1 
ATOM   585  O O   . GLY A 1 76  ? 2.398   -18.130 11.639  1.00 38.04 ? 77   GLY A O   1 
ATOM   586  N N   . ALA A 1 77  ? 2.704   -19.399 9.852   1.00 36.44 ? 78   ALA A N   1 
ATOM   587  C CA  . ALA A 1 77  ? 2.884   -20.632 10.624  1.00 38.38 ? 78   ALA A CA  1 
ATOM   588  C C   . ALA A 1 77  ? 4.304   -20.793 11.159  1.00 40.13 ? 78   ALA A C   1 
ATOM   589  O O   . ALA A 1 77  ? 4.575   -21.667 11.998  1.00 41.32 ? 78   ALA A O   1 
ATOM   590  C CB  . ALA A 1 77  ? 2.531   -21.847 9.753   1.00 38.83 ? 78   ALA A CB  1 
ATOM   591  N N   . ASP A 1 78  ? 5.203   -19.918 10.672  1.00 37.43 ? 79   ASP A N   1 
ATOM   592  C CA  . ASP A 1 78  ? 6.566   -19.944 11.153  1.00 37.48 ? 79   ASP A CA  1 
ATOM   593  C C   . ASP A 1 78  ? 6.552   -19.159 12.458  1.00 36.77 ? 79   ASP A C   1 
ATOM   594  O O   . ASP A 1 78  ? 6.069   -18.031 12.569  1.00 36.54 ? 79   ASP A O   1 
ATOM   595  C CB  . ASP A 1 78  ? 7.519   -19.422 10.100  1.00 38.00 ? 79   ASP A CB  1 
ATOM   596  C CG  . ASP A 1 78  ? 8.981   -19.505 10.413  1.00 38.56 ? 79   ASP A CG  1 
ATOM   597  O OD1 . ASP A 1 78  ? 9.784   -19.720 9.489   1.00 40.58 ? 79   ASP A OD1 1 
ATOM   598  O OD2 . ASP A 1 78  ? 9.365   -19.352 11.591  1.00 41.09 ? 79   ASP A OD2 1 
ATOM   599  N N   . PRO A 1 79  ? 7.072   -19.787 13.507  1.00 36.43 ? 80   PRO A N   1 
ATOM   600  C CA  . PRO A 1 79  ? 7.198   -19.185 14.827  1.00 34.42 ? 80   PRO A CA  1 
ATOM   601  C C   . PRO A 1 79  ? 8.098   -17.958 14.799  1.00 31.76 ? 80   PRO A C   1 
ATOM   602  O O   . PRO A 1 79  ? 7.937   -17.094 15.646  1.00 31.45 ? 80   PRO A O   1 
ATOM   603  C CB  . PRO A 1 79  ? 7.712   -20.282 15.728  1.00 35.24 ? 80   PRO A CB  1 
ATOM   604  C CG  . PRO A 1 79  ? 8.429   -21.198 14.793  1.00 35.44 ? 80   PRO A CG  1 
ATOM   605  C CD  . PRO A 1 79  ? 7.663   -21.155 13.502  1.00 36.97 ? 80   PRO A CD  1 
ATOM   606  N N   . ARG A 1 80  ? 8.975   -17.766 13.834  1.00 30.51 ? 81   ARG A N   1 
ATOM   607  C CA  . ARG A 1 80  ? 9.743   -16.527 13.726  1.00 31.22 ? 81   ARG A CA  1 
ATOM   608  C C   . ARG A 1 80  ? 8.885   -15.295 13.424  1.00 31.93 ? 81   ARG A C   1 
ATOM   609  O O   . ARG A 1 80  ? 9.325   -14.146 13.580  1.00 30.66 ? 81   ARG A O   1 
ATOM   610  C CB  . ARG A 1 80  ? 10.800  -16.764 12.642  1.00 31.94 ? 81   ARG A CB  1 
ATOM   611  C CG  . ARG A 1 80  ? 11.799  -17.829 13.088  1.00 31.52 ? 81   ARG A CG  1 
ATOM   612  C CD  . ARG A 1 80  ? 12.872  -18.071 12.030  1.00 31.64 ? 81   ARG A CD  1 
ATOM   613  N NE  . ARG A 1 80  ? 12.310  -18.632 10.793  1.00 31.54 ? 81   ARG A NE  1 
ATOM   614  C CZ  . ARG A 1 80  ? 13.104  -18.897 9.754   1.00 31.23 ? 81   ARG A CZ  1 
ATOM   615  N NH1 . ARG A 1 80  ? 14.400  -18.654 9.887   1.00 33.05 ? 81   ARG A NH1 1 
ATOM   616  N NH2 . ARG A 1 80  ? 12.626  -19.386 8.627   1.00 33.46 ? 81   ARG A NH2 1 
ATOM   617  N N   . SER A 1 81  ? 7.626   -15.441 13.011  1.00 29.18 ? 82   SER A N   1 
ATOM   618  C CA  . SER A 1 81  ? 6.748   -14.312 12.773  1.00 28.82 ? 82   SER A CA  1 
ATOM   619  C C   . SER A 1 81  ? 6.313   -13.738 14.123  1.00 29.30 ? 82   SER A C   1 
ATOM   620  O O   . SER A 1 81  ? 6.206   -12.524 14.298  1.00 25.15 ? 82   SER A O   1 
ATOM   621  C CB  . SER A 1 81  ? 5.481   -14.568 11.974  1.00 28.79 ? 82   SER A CB  1 
ATOM   622  O OG  . SER A 1 81  ? 4.769   -15.711 12.413  1.00 27.18 ? 82   SER A OG  1 
ATOM   623  N N   . ALA A 1 82  ? 6.159   -14.654 15.102  1.00 26.85 ? 83   ALA A N   1 
ATOM   624  C CA  . ALA A 1 82  ? 5.801   -14.197 16.452  1.00 26.95 ? 83   ALA A CA  1 
ATOM   625  C C   . ALA A 1 82  ? 7.030   -13.523 17.075  1.00 27.11 ? 83   ALA A C   1 
ATOM   626  O O   . ALA A 1 82  ? 6.854   -12.611 17.876  1.00 26.78 ? 83   ALA A O   1 
ATOM   627  C CB  . ALA A 1 82  ? 5.375   -15.346 17.345  1.00 27.40 ? 83   ALA A CB  1 
ATOM   628  N N   . GLU A 1 83  ? 8.210   -13.975 16.697  1.00 27.96 ? 84   GLU A N   1 
ATOM   629  C CA  . GLU A 1 83  ? 9.450   -13.381 17.156  1.00 31.63 ? 84   GLU A CA  1 
ATOM   630  C C   . GLU A 1 83  ? 9.543   -11.951 16.634  1.00 29.85 ? 84   GLU A C   1 
ATOM   631  O O   . GLU A 1 83  ? 9.890   -11.005 17.315  1.00 30.62 ? 84   GLU A O   1 
ATOM   632  C CB  . GLU A 1 83  ? 10.652  -14.181 16.648  1.00 36.63 ? 84   GLU A CB  1 
ATOM   633  C CG  . GLU A 1 83  ? 10.864  -15.464 17.466  1.00 42.67 ? 84   GLU A CG  1 
ATOM   634  C CD  . GLU A 1 83  ? 12.224  -16.090 17.210  1.00 46.17 ? 84   GLU A CD  1 
ATOM   635  O OE1 . GLU A 1 83  ? 12.984  -15.629 16.320  1.00 47.37 ? 84   GLU A OE1 1 
ATOM   636  O OE2 . GLU A 1 83  ? 12.532  -17.060 17.936  1.00 47.81 ? 84   GLU A OE2 1 
ATOM   637  N N   . LEU A 1 84  ? 9.271   -11.789 15.333  1.00 28.36 ? 85   LEU A N   1 
ATOM   638  C CA  . LEU A 1 84  ? 9.271   -10.513 14.665  1.00 26.28 ? 85   LEU A CA  1 
ATOM   639  C C   . LEU A 1 84  ? 8.298   -9.553  15.323  1.00 28.19 ? 85   LEU A C   1 
ATOM   640  O O   . LEU A 1 84  ? 8.572   -8.393  15.664  1.00 26.63 ? 85   LEU A O   1 
ATOM   641  C CB  . LEU A 1 84  ? 8.927   -10.690 13.160  1.00 24.90 ? 85   LEU A CB  1 
ATOM   642  C CG  . LEU A 1 84  ? 8.833   -9.337  12.435  1.00 24.53 ? 85   LEU A CG  1 
ATOM   643  C CD1 . LEU A 1 84  ? 10.166  -8.592  12.489  1.00 25.30 ? 85   LEU A CD1 1 
ATOM   644  C CD2 . LEU A 1 84  ? 8.386   -9.483  10.997  1.00 25.78 ? 85   LEU A CD2 1 
ATOM   645  N N   . ARG A 1 85  ? 7.050   -10.011 15.535  1.00 28.16 ? 86   ARG A N   1 
ATOM   646  C CA  . ARG A 1 85  ? 6.040   -9.219  16.198  1.00 28.02 ? 86   ARG A CA  1 
ATOM   647  C C   . ARG A 1 85  ? 6.480   -8.873  17.604  1.00 28.28 ? 86   ARG A C   1 
ATOM   648  O O   . ARG A 1 85  ? 6.227   -7.730  17.987  1.00 27.70 ? 86   ARG A O   1 
ATOM   649  C CB  . ARG A 1 85  ? 4.684   -9.964  16.278  1.00 33.90 ? 86   ARG A CB  1 
ATOM   650  C CG  . ARG A 1 85  ? 3.591   -9.114  16.933  1.00 36.80 ? 86   ARG A CG  1 
ATOM   651  C CD  . ARG A 1 85  ? 2.434   -9.940  17.480  1.00 39.70 ? 86   ARG A CD  1 
ATOM   652  N NE  . ARG A 1 85  ? 2.866   -10.850 18.520  1.00 41.38 ? 86   ARG A NE  1 
ATOM   653  C CZ  . ARG A 1 85  ? 3.012   -10.516 19.804  1.00 43.87 ? 86   ARG A CZ  1 
ATOM   654  N NH1 . ARG A 1 85  ? 2.750   -9.286  20.246  1.00 45.27 ? 86   ARG A NH1 1 
ATOM   655  N NH2 . ARG A 1 85  ? 3.439   -11.416 20.678  1.00 43.41 ? 86   ARG A NH2 1 
ATOM   656  N N   . GLU A 1 86  ? 7.108   -9.765  18.387  1.00 27.67 ? 87   GLU A N   1 
ATOM   657  C CA  . GLU A 1 86  ? 7.607   -9.406  19.692  1.00 29.54 ? 87   GLU A CA  1 
ATOM   658  C C   . GLU A 1 86  ? 8.621   -8.255  19.529  1.00 27.07 ? 87   GLU A C   1 
ATOM   659  O O   . GLU A 1 86  ? 8.476   -7.222  20.202  1.00 24.90 ? 87   GLU A O   1 
ATOM   660  C CB  . GLU A 1 86  ? 8.201   -10.558 20.502  1.00 36.71 ? 87   GLU A CB  1 
ATOM   661  C CG  . GLU A 1 86  ? 7.232   -11.526 21.172  1.00 44.95 ? 87   GLU A CG  1 
ATOM   662  C CD  . GLU A 1 86  ? 7.805   -12.868 21.601  1.00 48.67 ? 87   GLU A CD  1 
ATOM   663  O OE1 . GLU A 1 86  ? 8.915   -13.232 21.134  1.00 51.03 ? 87   GLU A OE1 1 
ATOM   664  O OE2 . GLU A 1 86  ? 7.212   -13.638 22.411  1.00 51.22 ? 87   GLU A OE2 1 
ATOM   665  N N   . ALA A 1 87  ? 9.563   -8.354  18.600  1.00 23.84 ? 88   ALA A N   1 
ATOM   666  C CA  . ALA A 1 87  ? 10.534  -7.285  18.376  1.00 22.15 ? 88   ALA A CA  1 
ATOM   667  C C   . ALA A 1 87  ? 9.912   -5.947  18.034  1.00 21.23 ? 88   ALA A C   1 
ATOM   668  O O   . ALA A 1 87  ? 10.183  -4.904  18.631  1.00 18.02 ? 88   ALA A O   1 
ATOM   669  C CB  . ALA A 1 87  ? 11.478  -7.721  17.247  1.00 24.48 ? 88   ALA A CB  1 
ATOM   670  N N   . LEU A 1 88  ? 8.987   -5.909  17.058  1.00 18.63 ? 89   LEU A N   1 
ATOM   671  C CA  . LEU A 1 88  ? 8.373   -4.639  16.673  1.00 18.72 ? 89   LEU A CA  1 
ATOM   672  C C   . LEU A 1 88  ? 7.412   -4.120  17.736  1.00 20.12 ? 89   LEU A C   1 
ATOM   673  O O   . LEU A 1 88  ? 7.312   -2.898  17.827  1.00 22.15 ? 89   LEU A O   1 
ATOM   674  C CB  . LEU A 1 88  ? 7.625   -4.725  15.336  1.00 16.61 ? 89   LEU A CB  1 
ATOM   675  C CG  . LEU A 1 88  ? 8.466   -5.280  14.139  1.00 20.34 ? 89   LEU A CG  1 
ATOM   676  C CD1 . LEU A 1 88  ? 7.611   -5.297  12.874  1.00 21.20 ? 89   LEU A CD1 1 
ATOM   677  C CD2 . LEU A 1 88  ? 9.705   -4.426  13.871  1.00 20.97 ? 89   LEU A CD2 1 
ATOM   678  N N   . SER A 1 89  ? 6.783   -4.963  18.538  1.00 21.74 ? 90   SER A N   1 
ATOM   679  C CA  . SER A 1 89  ? 5.885   -4.407  19.558  1.00 24.64 ? 90   SER A CA  1 
ATOM   680  C C   . SER A 1 89  ? 6.673   -4.000  20.787  1.00 22.05 ? 90   SER A C   1 
ATOM   681  O O   . SER A 1 89  ? 6.139   -3.302  21.658  1.00 21.56 ? 90   SER A O   1 
ATOM   682  C CB  . SER A 1 89  ? 4.766   -5.410  19.910  1.00 28.63 ? 90   SER A CB  1 
ATOM   683  O OG  . SER A 1 89  ? 5.373   -6.615  20.350  1.00 34.82 ? 90   SER A OG  1 
ATOM   684  N N   . SER A 1 90  ? 7.964   -4.241  20.881  1.00 22.79 ? 91   SER A N   1 
ATOM   685  C CA  . SER A 1 90  ? 8.776   -3.878  22.036  1.00 22.36 ? 91   SER A CA  1 
ATOM   686  C C   . SER A 1 90  ? 9.203   -2.421  22.051  1.00 21.94 ? 91   SER A C   1 
ATOM   687  O O   . SER A 1 90  ? 9.736   -1.906  23.046  1.00 20.13 ? 91   SER A O   1 
ATOM   688  C CB  . SER A 1 90  ? 10.033  -4.748  22.170  1.00 24.89 ? 91   SER A CB  1 
ATOM   689  O OG  . SER A 1 90  ? 10.966  -4.350  21.107  1.00 28.44 ? 91   SER A OG  1 
ATOM   690  N N   . LEU A 1 91  ? 9.088   -1.744  20.907  1.00 21.35 ? 92   LEU A N   1 
ATOM   691  C CA  . LEU A 1 91  ? 9.571   -0.377  20.838  1.00 22.60 ? 92   LEU A CA  1 
ATOM   692  C C   . LEU A 1 91  ? 8.775   0.643   21.616  1.00 22.52 ? 92   LEU A C   1 
ATOM   693  O O   . LEU A 1 91  ? 7.582   0.814   21.361  1.00 22.07 ? 92   LEU A O   1 
ATOM   694  C CB  . LEU A 1 91  ? 9.508   0.067   19.367  1.00 27.09 ? 92   LEU A CB  1 
ATOM   695  C CG  . LEU A 1 91  ? 10.227  1.359   19.022  1.00 29.61 ? 92   LEU A CG  1 
ATOM   696  C CD1 . LEU A 1 91  ? 11.725  1.183   19.246  1.00 32.67 ? 92   LEU A CD1 1 
ATOM   697  C CD2 . LEU A 1 91  ? 9.873   1.738   17.584  1.00 31.32 ? 92   LEU A CD2 1 
ATOM   698  N N   . PRO A 1 92  ? 9.445   1.458   22.398  1.00 21.71 ? 93   PRO A N   1 
ATOM   699  C CA  . PRO A 1 92  ? 8.823   2.578   23.100  1.00 22.15 ? 93   PRO A CA  1 
ATOM   700  C C   . PRO A 1 92  ? 8.227   3.560   22.084  1.00 21.62 ? 93   PRO A C   1 
ATOM   701  O O   . PRO A 1 92  ? 8.887   3.760   21.032  1.00 20.39 ? 93   PRO A O   1 
ATOM   702  C CB  . PRO A 1 92  ? 10.021  3.254   23.787  1.00 23.44 ? 93   PRO A CB  1 
ATOM   703  C CG  . PRO A 1 92  ? 11.003  2.118   23.974  1.00 25.13 ? 93   PRO A CG  1 
ATOM   704  C CD  . PRO A 1 92  ? 10.904  1.355   22.659  1.00 23.95 ? 93   PRO A CD  1 
ATOM   705  N N   . GLY A 1 93  ? 7.037   4.072   22.244  1.00 20.25 ? 94   GLY A N   1 
ATOM   706  C CA  . GLY A 1 93  ? 6.473   5.019   21.282  1.00 20.81 ? 94   GLY A CA  1 
ATOM   707  C C   . GLY A 1 93  ? 5.435   4.361   20.363  1.00 21.51 ? 94   GLY A C   1 
ATOM   708  O O   . GLY A 1 93  ? 4.719   5.090   19.691  1.00 19.97 ? 94   GLY A O   1 
ATOM   709  N N   . LEU A 1 94  ? 5.360   3.045   20.313  1.00 22.49 ? 95   LEU A N   1 
ATOM   710  C CA  . LEU A 1 94  ? 4.364   2.279   19.595  1.00 22.98 ? 95   LEU A CA  1 
ATOM   711  C C   . LEU A 1 94  ? 3.078   2.361   20.397  1.00 25.57 ? 95   LEU A C   1 
ATOM   712  O O   . LEU A 1 94  ? 3.098   1.837   21.506  1.00 27.71 ? 95   LEU A O   1 
ATOM   713  C CB  . LEU A 1 94  ? 4.787   0.813   19.423  1.00 26.49 ? 95   LEU A CB  1 
ATOM   714  C CG  . LEU A 1 94  ? 3.851   -0.026  18.563  1.00 30.25 ? 95   LEU A CG  1 
ATOM   715  C CD1 . LEU A 1 94  ? 3.805   0.484   17.099  1.00 30.59 ? 95   LEU A CD1 1 
ATOM   716  C CD2 . LEU A 1 94  ? 4.248   -1.506  18.560  1.00 31.38 ? 95   LEU A CD2 1 
ATOM   717  N N   . MET A 1 95  ? 2.033   3.011   19.950  1.00 22.07 ? 96   MET A N   1 
ATOM   718  C CA  . MET A 1 95  ? 0.855   3.305   20.694  1.00 25.62 ? 96   MET A CA  1 
ATOM   719  C C   . MET A 1 95  ? -0.304  2.330   20.691  1.00 27.07 ? 96   MET A C   1 
ATOM   720  O O   . MET A 1 95  ? -1.208  2.485   21.538  1.00 28.67 ? 96   MET A O   1 
ATOM   721  C CB  . MET A 1 95  ? 0.328   4.692   20.251  1.00 24.83 ? 96   MET A CB  1 
ATOM   722  C CG  . MET A 1 95  ? 1.349   5.781   20.520  1.00 26.86 ? 96   MET A CG  1 
ATOM   723  S SD  . MET A 1 95  ? 2.317   5.667   22.061  1.00 30.75 ? 96   MET A SD  1 
ATOM   724  C CE  . MET A 1 95  ? 1.075   5.810   23.328  1.00 33.51 ? 96   MET A CE  1 
ATOM   725  N N   . GLY A 1 96  ? -0.291  1.288   19.892  1.00 25.26 ? 97   GLY A N   1 
ATOM   726  C CA  . GLY A 1 96  ? -1.391  0.324   19.868  1.00 22.55 ? 97   GLY A CA  1 
ATOM   727  C C   . GLY A 1 96  ? -0.848  -0.848  19.069  1.00 21.72 ? 97   GLY A C   1 
ATOM   728  O O   . GLY A 1 96  ? 0.195   -0.735  18.438  1.00 19.43 ? 97   GLY A O   1 
ATOM   729  N N   . PRO A 1 97  ? -1.632  -1.908  18.957  1.00 21.72 ? 98   PRO A N   1 
ATOM   730  C CA  . PRO A 1 97  ? -1.192  -3.033  18.173  1.00 20.93 ? 98   PRO A CA  1 
ATOM   731  C C   . PRO A 1 97  ? -1.345  -2.690  16.692  1.00 21.15 ? 98   PRO A C   1 
ATOM   732  O O   . PRO A 1 97  ? -2.226  -1.935  16.278  1.00 19.06 ? 98   PRO A O   1 
ATOM   733  C CB  . PRO A 1 97  ? -2.162  -4.137  18.620  1.00 22.38 ? 98   PRO A CB  1 
ATOM   734  C CG  . PRO A 1 97  ? -3.408  -3.380  18.980  1.00 23.70 ? 98   PRO A CG  1 
ATOM   735  C CD  . PRO A 1 97  ? -2.895  -2.137  19.695  1.00 23.26 ? 98   PRO A CD  1 
ATOM   736  N N   . PRO A 1 98  ? -0.516  -3.256  15.839  1.00 20.78 ? 99   PRO A N   1 
ATOM   737  C CA  . PRO A 1 98  ? -0.614  -3.021  14.409  1.00 19.90 ? 99   PRO A CA  1 
ATOM   738  C C   . PRO A 1 98  ? -1.976  -3.452  13.852  1.00 19.74 ? 99   PRO A C   1 
ATOM   739  O O   . PRO A 1 98  ? -2.540  -4.396  14.395  1.00 19.27 ? 99   PRO A O   1 
ATOM   740  C CB  . PRO A 1 98  ? 0.452   -3.927  13.804  1.00 20.78 ? 99   PRO A CB  1 
ATOM   741  C CG  . PRO A 1 98  ? 1.317   -4.408  14.922  1.00 23.60 ? 99   PRO A CG  1 
ATOM   742  C CD  . PRO A 1 98  ? 0.575   -4.174  16.203  1.00 22.98 ? 99   PRO A CD  1 
ATOM   743  N N   . LYS A 1 99  ? -2.467  -2.780  12.850  1.00 17.11 ? 100  LYS A N   1 
ATOM   744  C CA  . LYS A 1 99  ? -3.705  -3.104  12.172  1.00 19.02 ? 100  LYS A CA  1 
ATOM   745  C C   . LYS A 1 99  ? -3.321  -3.582  10.758  1.00 18.67 ? 100  LYS A C   1 
ATOM   746  O O   . LYS A 1 99  ? -2.670  -2.867  9.992   1.00 19.17 ? 100  LYS A O   1 
ATOM   747  C CB  . LYS A 1 99  ? -4.633  -1.882  12.037  1.00 21.41 ? 100  LYS A CB  1 
ATOM   748  C CG  . LYS A 1 99  ? -4.991  -1.244  13.379  1.00 26.93 ? 100  LYS A CG  1 
ATOM   749  C CD  . LYS A 1 99  ? -5.927  -0.050  13.213  1.00 30.88 ? 100  LYS A CD  1 
ATOM   750  C CE  . LYS A 1 99  ? -7.347  -0.547  12.930  1.00 35.50 ? 100  LYS A CE  1 
ATOM   751  N NZ  . LYS A 1 99  ? -8.328  0.605   12.850  1.00 38.94 ? 100  LYS A NZ  1 
ATOM   752  N N   . ALA A 1 100 ? -3.920  -4.684  10.345  1.00 16.94 ? 101  ALA A N   1 
ATOM   753  C CA  . ALA A 1 100 ? -3.634  -5.193  9.010   1.00 18.20 ? 101  ALA A CA  1 
ATOM   754  C C   . ALA A 1 100 ? -4.877  -5.285  8.132   1.00 18.57 ? 101  ALA A C   1 
ATOM   755  O O   . ALA A 1 100 ? -6.020  -5.437  8.629   1.00 17.88 ? 101  ALA A O   1 
ATOM   756  C CB  . ALA A 1 100 ? -3.122  -6.630  9.279   1.00 19.91 ? 101  ALA A CB  1 
ATOM   757  N N   . VAL A 1 101 ? -4.635  -5.150  6.848   1.00 16.49 ? 102  VAL A N   1 
ATOM   758  C CA  . VAL A 1 101 ? -5.702  -5.326  5.830   1.00 18.24 ? 102  VAL A CA  1 
ATOM   759  C C   . VAL A 1 101 ? -5.158  -6.297  4.790   1.00 16.72 ? 102  VAL A C   1 
ATOM   760  O O   . VAL A 1 101 ? -4.034  -6.106  4.267   1.00 17.38 ? 102  VAL A O   1 
ATOM   761  C CB  . VAL A 1 101 ? -6.152  -4.021  5.170   1.00 16.93 ? 102  VAL A CB  1 
ATOM   762  C CG1 . VAL A 1 101 ? -7.264  -4.281  4.140   1.00 18.01 ? 102  VAL A CG1 1 
ATOM   763  C CG2 . VAL A 1 101 ? -6.691  -3.005  6.211   1.00 16.44 ? 102  VAL A CG2 1 
ATOM   764  N N   . PHE A 1 102 ? -5.889  -7.380  4.511   1.00 15.95 ? 103  PHE A N   1 
ATOM   765  C CA  . PHE A 1 102 ? -5.436  -8.345  3.493   1.00 15.81 ? 103  PHE A CA  1 
ATOM   766  C C   . PHE A 1 102 ? -6.259  -8.106  2.219   1.00 14.82 ? 103  PHE A C   1 
ATOM   767  O O   . PHE A 1 102 ? -7.465  -7.784  2.302   1.00 18.11 ? 103  PHE A O   1 
ATOM   768  C CB  . PHE A 1 102 ? -5.531  -9.785  4.018   1.00 16.95 ? 103  PHE A CB  1 
ATOM   769  C CG  . PHE A 1 102 ? -4.812  -9.992  5.322   1.00 16.68 ? 103  PHE A CG  1 
ATOM   770  C CD1 . PHE A 1 102 ? -3.438  -10.002 5.414   1.00 18.49 ? 103  PHE A CD1 1 
ATOM   771  C CD2 . PHE A 1 102 ? -5.543  -10.178 6.485   1.00 19.14 ? 103  PHE A CD2 1 
ATOM   772  C CE1 . PHE A 1 102 ? -2.766  -10.193 6.621   1.00 17.66 ? 103  PHE A CE1 1 
ATOM   773  C CE2 . PHE A 1 102 ? -4.924  -10.362 7.715   1.00 19.08 ? 103  PHE A CE2 1 
ATOM   774  C CZ  . PHE A 1 102 ? -3.544  -10.385 7.763   1.00 19.56 ? 103  PHE A CZ  1 
ATOM   775  N N   . MET A 1 103 ? -5.587  -8.194  1.113   1.00 16.04 ? 104  MET A N   1 
ATOM   776  C CA  . MET A 1 103 ? -6.147  -7.866  -0.190  1.00 17.41 ? 104  MET A CA  1 
ATOM   777  C C   . MET A 1 103 ? -5.368  -8.508  -1.321  1.00 19.32 ? 104  MET A C   1 
ATOM   778  O O   . MET A 1 103 ? -4.260  -9.072  -1.236  1.00 17.49 ? 104  MET A O   1 
ATOM   779  C CB  . MET A 1 103 ? -6.082  -6.310  -0.324  1.00 15.47 ? 104  MET A CB  1 
ATOM   780  C CG  . MET A 1 103 ? -4.682  -5.744  -0.422  1.00 17.11 ? 104  MET A CG  1 
ATOM   781  S SD  . MET A 1 103 ? -4.560  -3.933  -0.235  1.00 15.18 ? 104  MET A SD  1 
ATOM   782  C CE  . MET A 1 103 ? -5.099  -3.723  1.437   1.00 14.76 ? 104  MET A CE  1 
ATOM   783  N N   . THR A 1 104 ? -6.029  -8.407  -2.490  1.00 18.92 ? 105  THR A N   1 
ATOM   784  C CA  . THR A 1 104 ? -5.521  -8.969  -3.719  1.00 22.17 ? 105  THR A CA  1 
ATOM   785  C C   . THR A 1 104 ? -5.505  -7.882  -4.774  1.00 20.91 ? 105  THR A C   1 
ATOM   786  O O   . THR A 1 104 ? -6.518  -7.200  -4.968  1.00 19.45 ? 105  THR A O   1 
ATOM   787  C CB  . THR A 1 104 ? -6.539  -10.087 -4.149  1.00 24.81 ? 105  THR A CB  1 
ATOM   788  O OG1 . THR A 1 104 ? -6.308  -11.161 -3.187  1.00 30.05 ? 105  THR A OG1 1 
ATOM   789  C CG2 . THR A 1 104 ? -6.192  -10.601 -5.510  1.00 28.26 ? 105  THR A CG2 1 
ATOM   790  N N   . PRO A 1 105 ? -4.418  -7.761  -5.494  1.00 22.09 ? 106  PRO A N   1 
ATOM   791  C CA  . PRO A 1 105 ? -4.312  -6.779  -6.557  1.00 24.96 ? 106  PRO A CA  1 
ATOM   792  C C   . PRO A 1 105 ? -5.324  -7.102  -7.667  1.00 28.24 ? 106  PRO A C   1 
ATOM   793  O O   . PRO A 1 105 ? -5.525  -8.290  -7.940  1.00 29.60 ? 106  PRO A O   1 
ATOM   794  C CB  . PRO A 1 105 ? -2.891  -6.824  -7.019  1.00 25.36 ? 106  PRO A CB  1 
ATOM   795  C CG  . PRO A 1 105 ? -2.171  -7.831  -6.192  1.00 25.61 ? 106  PRO A CG  1 
ATOM   796  C CD  . PRO A 1 105 ? -3.193  -8.582  -5.368  1.00 24.30 ? 106  PRO A CD  1 
ATOM   797  N N   . ARG A 1 106 ? -5.994  -6.080  -8.165  1.00 28.02 ? 107  ARG A N   1 
ATOM   798  C CA  . ARG A 1 106 ? -7.059  -6.293  -9.144  1.00 32.27 ? 107  ARG A CA  1 
ATOM   799  C C   . ARG A 1 106 ? -6.909  -5.521  -10.437 1.00 33.41 ? 107  ARG A C   1 
ATOM   800  O O   . ARG A 1 106 ? -7.456  -5.914  -11.472 1.00 35.77 ? 107  ARG A O   1 
ATOM   801  C CB  . ARG A 1 106 ? -8.402  -5.953  -8.491  1.00 33.15 ? 107  ARG A CB  1 
ATOM   802  C CG  . ARG A 1 106 ? -9.011  -6.977  -7.572  1.00 36.13 ? 107  ARG A CG  1 
ATOM   803  C CD  . ARG A 1 106 ? -9.259  -8.330  -8.216  1.00 40.10 ? 107  ARG A CD  1 
ATOM   804  N NE  . ARG A 1 106 ? -9.505  -9.405  -7.253  1.00 43.53 ? 107  ARG A NE  1 
ATOM   805  C CZ  . ARG A 1 106 ? -9.046  -10.650 -7.366  1.00 45.37 ? 107  ARG A CZ  1 
ATOM   806  N NH1 . ARG A 1 106 ? -8.311  -10.995 -8.422  1.00 46.92 ? 107  ARG A NH1 1 
ATOM   807  N NH2 . ARG A 1 106 ? -9.338  -11.558 -6.435  1.00 46.13 ? 107  ARG A NH2 1 
ATOM   808  N N   . GLY A 1 107 ? -6.234  -4.384  -10.462 1.00 31.89 ? 108  GLY A N   1 
ATOM   809  C CA  . GLY A 1 107 ? -6.084  -3.584  -11.682 1.00 30.50 ? 108  GLY A CA  1 
ATOM   810  C C   . GLY A 1 107 ? -4.961  -2.572  -11.363 1.00 30.77 ? 108  GLY A C   1 
ATOM   811  O O   . GLY A 1 107 ? -4.735  -2.229  -10.193 1.00 26.18 ? 108  GLY A O   1 
ATOM   812  N N   . ALA A 1 108 ? -4.326  -2.056  -12.399 1.00 30.10 ? 109  ALA A N   1 
ATOM   813  C CA  . ALA A 1 108 ? -3.231  -1.117  -12.165 1.00 29.32 ? 109  ALA A CA  1 
ATOM   814  C C   . ALA A 1 108 ? -3.045  -0.215  -13.368 1.00 31.07 ? 109  ALA A C   1 
ATOM   815  O O   . ALA A 1 108 ? -3.386  -0.595  -14.516 1.00 33.73 ? 109  ALA A O   1 
ATOM   816  C CB  . ALA A 1 108 ? -1.929  -1.834  -11.860 1.00 26.79 ? 109  ALA A CB  1 
ATOM   817  N N   . ILE A 1 109 ? -2.610  0.985   -13.070 1.00 26.50 ? 110  ILE A N   1 
ATOM   818  C CA  . ILE A 1 109 ? -2.326  1.946   -14.159 1.00 26.16 ? 110  ILE A CA  1 
ATOM   819  C C   . ILE A 1 109 ? -0.847  2.282   -14.127 1.00 26.55 ? 110  ILE A C   1 
ATOM   820  O O   . ILE A 1 109 ? -0.405  2.783   -13.057 1.00 22.77 ? 110  ILE A O   1 
ATOM   821  C CB  . ILE A 1 109 ? -3.144  3.232   -13.934 1.00 26.65 ? 110  ILE A CB  1 
ATOM   822  C CG1 . ILE A 1 109 ? -4.660  2.969   -13.877 1.00 28.54 ? 110  ILE A CG1 1 
ATOM   823  C CG2 . ILE A 1 109 ? -2.808  4.217   -15.047 1.00 26.00 ? 110  ILE A CG2 1 
ATOM   824  C CD1 . ILE A 1 109 ? -5.491  4.214   -13.576 1.00 29.89 ? 110  ILE A CD1 1 
ATOM   825  N N   . LEU A 1 110 ? -0.083  2.022   -15.185 1.00 23.75 ? 111  LEU A N   1 
ATOM   826  C CA  . LEU A 1 110 ? 1.350   2.384   -15.178 1.00 26.43 ? 111  LEU A CA  1 
ATOM   827  C C   . LEU A 1 110 ? 1.624   3.423   -16.249 1.00 28.10 ? 111  LEU A C   1 
ATOM   828  O O   . LEU A 1 110 ? 0.779   3.622   -17.128 1.00 26.99 ? 111  LEU A O   1 
ATOM   829  C CB  . LEU A 1 110 ? 2.241   1.138   -15.208 1.00 30.18 ? 111  LEU A CB  1 
ATOM   830  C CG  . LEU A 1 110 ? 2.514   0.633   -13.754 1.00 31.23 ? 111  LEU A CG  1 
ATOM   831  C CD1 . LEU A 1 110 ? 1.468   -0.390  -13.385 1.00 32.87 ? 111  LEU A CD1 1 
ATOM   832  C CD2 . LEU A 1 110 ? 3.910   0.140   -13.496 1.00 31.72 ? 111  LEU A CD2 1 
ATOM   833  N N   . PRO A 1 111 ? 2.656   4.257   -16.135 1.00 32.13 ? 112  PRO A N   1 
ATOM   834  C CA  . PRO A 1 111 ? 2.931   5.370   -17.016 1.00 35.37 ? 112  PRO A CA  1 
ATOM   835  C C   . PRO A 1 111 ? 3.129   5.044   -18.486 1.00 40.55 ? 112  PRO A C   1 
ATOM   836  O O   . PRO A 1 111 ? 3.434   3.914   -18.858 1.00 39.71 ? 112  PRO A O   1 
ATOM   837  C CB  . PRO A 1 111 ? 4.168   6.073   -16.475 1.00 36.20 ? 112  PRO A CB  1 
ATOM   838  C CG  . PRO A 1 111 ? 4.634   5.239   -15.341 1.00 33.71 ? 112  PRO A CG  1 
ATOM   839  C CD  . PRO A 1 111 ? 3.710   4.093   -15.113 1.00 31.87 ? 112  PRO A CD  1 
ATOM   840  N N   . SER A 1 112 ? 2.855   6.057   -19.300 1.00 46.17 ? 113  SER A N   1 
ATOM   841  C CA  . SER A 1 112 ? 2.920   6.064   -20.739 1.00 50.62 ? 113  SER A CA  1 
ATOM   842  C C   . SER A 1 112 ? 2.124   7.267   -21.288 1.00 53.13 ? 113  SER A C   1 
ATOM   843  O O   . SER A 1 112 ? 0.933   7.123   -21.660 1.00 55.28 ? 113  SER A O   1 
ATOM   844  C CB  . SER A 1 112 ? 2.420   4.821   -21.466 1.00 52.15 ? 113  SER A CB  1 
ATOM   845  O OG  . SER A 1 112 ? 3.052   4.737   -22.737 1.00 52.39 ? 113  SER A OG  1 
ATOM   846  O OXT . SER A 1 112 ? 2.664   8.359   -20.940 1.00 55.45 ? 113  SER A OXT 1 
ATOM   847  N N   . ALA B 1 1   ? 6.243   1.041   -10.706 1.00 20.16 ? 2    ALA B N   1 
ATOM   848  C CA  . ALA B 1 1   ? 7.712   1.005   -10.495 1.00 22.80 ? 2    ALA B CA  1 
ATOM   849  C C   . ALA B 1 1   ? 8.023   -0.080  -9.450  1.00 23.16 ? 2    ALA B C   1 
ATOM   850  O O   . ALA B 1 1   ? 7.107   -0.376  -8.658  1.00 23.24 ? 2    ALA B O   1 
ATOM   851  C CB  . ALA B 1 1   ? 8.171   2.367   -9.926  1.00 20.24 ? 2    ALA B CB  1 
ATOM   852  N N   . GLU B 1 2   ? 9.241   -0.533  -9.398  1.00 23.88 ? 3    GLU B N   1 
ATOM   853  C CA  . GLU B 1 2   ? 9.610   -1.499  -8.319  1.00 25.00 ? 3    GLU B CA  1 
ATOM   854  C C   . GLU B 1 2   ? 9.310   -0.758  -7.024  1.00 24.36 ? 3    GLU B C   1 
ATOM   855  O O   . GLU B 1 2   ? 9.457   0.479   -6.990  1.00 22.94 ? 3    GLU B O   1 
ATOM   856  C CB  . GLU B 1 2   ? 11.095  -1.808  -8.365  1.00 29.18 ? 3    GLU B CB  1 
ATOM   857  C CG  . GLU B 1 2   ? 11.465  -3.206  -8.821  1.00 36.32 ? 3    GLU B CG  1 
ATOM   858  C CD  . GLU B 1 2   ? 11.003  -4.327  -7.914  1.00 38.28 ? 3    GLU B CD  1 
ATOM   859  O OE1 . GLU B 1 2   ? 11.148  -5.519  -8.271  1.00 40.35 ? 3    GLU B OE1 1 
ATOM   860  O OE2 . GLU B 1 2   ? 10.436  -4.099  -6.803  1.00 39.28 ? 3    GLU B OE2 1 
ATOM   861  N N   . VAL B 1 3   ? 9.041   -1.495  -5.949  1.00 22.67 ? 4    VAL B N   1 
ATOM   862  C CA  . VAL B 1 3   ? 8.648   -0.850  -4.703  1.00 21.51 ? 4    VAL B CA  1 
ATOM   863  C C   . VAL B 1 3   ? 9.756   -0.031  -4.086  1.00 21.59 ? 4    VAL B C   1 
ATOM   864  O O   . VAL B 1 3   ? 9.454   0.869   -3.285  1.00 19.16 ? 4    VAL B O   1 
ATOM   865  C CB  . VAL B 1 3   ? 8.082   -1.851  -3.668  1.00 19.20 ? 4    VAL B CB  1 
ATOM   866  C CG1 . VAL B 1 3   ? 6.786   -2.398  -4.240  1.00 18.87 ? 4    VAL B CG1 1 
ATOM   867  C CG2 . VAL B 1 3   ? 9.039   -2.969  -3.250  1.00 16.61 ? 4    VAL B CG2 1 
ATOM   868  N N   . ASN B 1 4   ? 11.009  -0.404  -4.377  1.00 20.17 ? 5    ASN B N   1 
ATOM   869  C CA  . ASN B 1 4   ? 12.079  0.388   -3.777  1.00 22.35 ? 5    ASN B CA  1 
ATOM   870  C C   . ASN B 1 4   ? 12.792  1.234   -4.817  1.00 23.35 ? 5    ASN B C   1 
ATOM   871  O O   . ASN B 1 4   ? 13.940  1.641   -4.622  1.00 24.69 ? 5    ASN B O   1 
ATOM   872  C CB  . ASN B 1 4   ? 13.032  -0.616  -3.066  1.00 25.23 ? 5    ASN B CB  1 
ATOM   873  C CG  . ASN B 1 4   ? 13.746  -1.463  -4.129  1.00 28.47 ? 5    ASN B CG  1 
ATOM   874  O OD1 . ASN B 1 4   ? 13.096  -1.870  -5.074  1.00 27.77 ? 5    ASN B OD1 1 
ATOM   875  N ND2 . ASN B 1 4   ? 15.054  -1.722  -3.961  1.00 28.70 ? 5    ASN B ND2 1 
ATOM   876  N N   . ASP B 1 5   ? 12.138  1.492   -5.958  1.00 20.68 ? 6    ASP B N   1 
ATOM   877  C CA  . ASP B 1 5   ? 12.761  2.335   -7.002  1.00 24.40 ? 6    ASP B CA  1 
ATOM   878  C C   . ASP B 1 5   ? 12.914  3.702   -6.375  1.00 24.52 ? 6    ASP B C   1 
ATOM   879  O O   . ASP B 1 5   ? 11.976  4.278   -5.823  1.00 22.56 ? 6    ASP B O   1 
ATOM   880  C CB  . ASP B 1 5   ? 11.873  2.317   -8.221  1.00 25.52 ? 6    ASP B CB  1 
ATOM   881  C CG  . ASP B 1 5   ? 12.263  3.158   -9.439  1.00 29.21 ? 6    ASP B CG  1 
ATOM   882  O OD1 . ASP B 1 5   ? 12.952  4.164   -9.256  1.00 27.85 ? 6    ASP B OD1 1 
ATOM   883  O OD2 . ASP B 1 5   ? 11.787  2.769   -10.545 1.00 31.15 ? 6    ASP B OD2 1 
ATOM   884  N N   . PRO B 1 6   ? 14.115  4.289   -6.391  1.00 26.59 ? 7    PRO B N   1 
ATOM   885  C CA  . PRO B 1 6   ? 14.406  5.563   -5.787  1.00 25.10 ? 7    PRO B CA  1 
ATOM   886  C C   . PRO B 1 6   ? 13.661  6.754   -6.360  1.00 22.19 ? 7    PRO B C   1 
ATOM   887  O O   . PRO B 1 6   ? 13.604  7.803   -5.666  1.00 23.56 ? 7    PRO B O   1 
ATOM   888  C CB  . PRO B 1 6   ? 15.931  5.749   -5.931  1.00 28.34 ? 7    PRO B CB  1 
ATOM   889  C CG  . PRO B 1 6   ? 16.309  4.840   -7.054  1.00 28.92 ? 7    PRO B CG  1 
ATOM   890  C CD  . PRO B 1 6   ? 15.331  3.685   -7.038  1.00 27.59 ? 7    PRO B CD  1 
ATOM   891  N N   . ARG B 1 7   ? 13.004  6.634   -7.509  1.00 21.66 ? 8    ARG B N   1 
ATOM   892  C CA  . ARG B 1 7   ? 12.192  7.787   -7.978  1.00 21.51 ? 8    ARG B CA  1 
ATOM   893  C C   . ARG B 1 7   ? 10.919  7.973   -7.123  1.00 20.88 ? 8    ARG B C   1 
ATOM   894  O O   . ARG B 1 7   ? 10.273  9.027   -7.243  1.00 19.30 ? 8    ARG B O   1 
ATOM   895  C CB  . ARG B 1 7   ? 11.760  7.506   -9.396  1.00 24.09 ? 8    ARG B CB  1 
ATOM   896  C CG  . ARG B 1 7   ? 12.862  7.370   -10.453 1.00 30.82 ? 8    ARG B CG  1 
ATOM   897  C CD  . ARG B 1 7   ? 12.172  7.283   -11.828 1.00 34.31 ? 8    ARG B CD  1 
ATOM   898  N NE  . ARG B 1 7   ? 11.575  5.935   -11.942 1.00 37.75 ? 8    ARG B NE  1 
ATOM   899  C CZ  . ARG B 1 7   ? 10.704  5.520   -12.850 1.00 39.39 ? 8    ARG B CZ  1 
ATOM   900  N NH1 . ARG B 1 7   ? 10.240  6.303   -13.817 1.00 38.54 ? 8    ARG B NH1 1 
ATOM   901  N NH2 . ARG B 1 7   ? 10.264  4.247   -12.818 1.00 39.87 ? 8    ARG B NH2 1 
ATOM   902  N N   . VAL B 1 8   ? 10.468  6.946   -6.391  1.00 17.52 ? 9    VAL B N   1 
ATOM   903  C CA  . VAL B 1 8   ? 9.222   7.094   -5.623  1.00 17.07 ? 9    VAL B CA  1 
ATOM   904  C C   . VAL B 1 8   ? 9.555   7.933   -4.390  1.00 17.00 ? 9    VAL B C   1 
ATOM   905  O O   . VAL B 1 8   ? 10.033  7.376   -3.340  1.00 16.29 ? 9    VAL B O   1 
ATOM   906  C CB  . VAL B 1 8   ? 8.630   5.750   -5.210  1.00 18.35 ? 9    VAL B CB  1 
ATOM   907  C CG1 . VAL B 1 8   ? 7.220   5.768   -4.534  1.00 13.21 ? 9    VAL B CG1 1 
ATOM   908  C CG2 . VAL B 1 8   ? 8.495   4.812   -6.426  1.00 18.52 ? 9    VAL B CG2 1 
ATOM   909  N N   . GLY B 1 9   ? 9.132   9.203   -4.449  1.00 13.31 ? 10   GLY B N   1 
ATOM   910  C CA  . GLY B 1 9   ? 9.341   10.050  -3.279  1.00 18.22 ? 10   GLY B CA  1 
ATOM   911  C C   . GLY B 1 9   ? 8.079   10.241  -2.433  1.00 18.24 ? 10   GLY B C   1 
ATOM   912  O O   . GLY B 1 9   ? 8.094   10.781  -1.302  1.00 16.41 ? 10   GLY B O   1 
ATOM   913  N N   . PHE B 1 10  ? 6.939   9.775   -2.941  1.00 14.99 ? 11   PHE B N   1 
ATOM   914  C CA  . PHE B 1 10  ? 5.666   9.981   -2.297  1.00 13.80 ? 11   PHE B CA  1 
ATOM   915  C C   . PHE B 1 10  ? 4.649   8.911   -2.661  1.00 14.62 ? 11   PHE B C   1 
ATOM   916  O O   . PHE B 1 10  ? 4.500   8.501   -3.819  1.00 12.99 ? 11   PHE B O   1 
ATOM   917  C CB  . PHE B 1 10  ? 5.125   11.367  -2.705  1.00 14.16 ? 11   PHE B CB  1 
ATOM   918  C CG  . PHE B 1 10  ? 3.795   11.804  -2.119  1.00 16.31 ? 11   PHE B CG  1 
ATOM   919  C CD1 . PHE B 1 10  ? 3.772   12.371  -0.840  1.00 17.05 ? 11   PHE B CD1 1 
ATOM   920  C CD2 . PHE B 1 10  ? 2.614   11.651  -2.814  1.00 15.23 ? 11   PHE B CD2 1 
ATOM   921  C CE1 . PHE B 1 10  ? 2.566   12.816  -0.285  1.00 16.10 ? 11   PHE B CE1 1 
ATOM   922  C CE2 . PHE B 1 10  ? 1.406   12.063  -2.257  1.00 16.88 ? 11   PHE B CE2 1 
ATOM   923  C CZ  . PHE B 1 10  ? 1.421   12.652  -0.994  1.00 16.59 ? 11   PHE B CZ  1 
ATOM   924  N N   . VAL B 1 11  ? 3.915   8.458   -1.641  1.00 13.45 ? 12   VAL B N   1 
ATOM   925  C CA  . VAL B 1 11  ? 2.917   7.415   -1.856  1.00 14.43 ? 12   VAL B CA  1 
ATOM   926  C C   . VAL B 1 11  ? 1.567   7.796   -1.258  1.00 14.02 ? 12   VAL B C   1 
ATOM   927  O O   . VAL B 1 11  ? 1.565   8.321   -0.149  1.00 14.32 ? 12   VAL B O   1 
ATOM   928  C CB  . VAL B 1 11  ? 3.392   6.084   -1.143  1.00 12.57 ? 12   VAL B CB  1 
ATOM   929  C CG1 . VAL B 1 11  ? 2.225   5.072   -1.078  1.00 11.53 ? 12   VAL B CG1 1 
ATOM   930  C CG2 . VAL B 1 11  ? 4.572   5.492   -1.949  1.00 13.20 ? 12   VAL B CG2 1 
ATOM   931  N N   . ALA B 1 12  ? 0.486   7.453   -1.965  1.00 15.45 ? 13   ALA B N   1 
ATOM   932  C CA  . ALA B 1 12  ? -0.827  7.639   -1.314  1.00 14.36 ? 13   ALA B CA  1 
ATOM   933  C C   . ALA B 1 12  ? -1.474  6.243   -1.263  1.00 16.22 ? 13   ALA B C   1 
ATOM   934  O O   . ALA B 1 12  ? -1.331  5.431   -2.215  1.00 18.12 ? 13   ALA B O   1 
ATOM   935  C CB  . ALA B 1 12  ? -1.674  8.598   -2.146  1.00 16.04 ? 13   ALA B CB  1 
ATOM   936  N N   . VAL B 1 13  ? -2.170  5.919   -0.203  1.00 13.81 ? 14   VAL B N   1 
ATOM   937  C CA  . VAL B 1 13  ? -2.865  4.649   -0.007  1.00 13.95 ? 14   VAL B CA  1 
ATOM   938  C C   . VAL B 1 13  ? -4.307  5.135   0.295   1.00 15.04 ? 14   VAL B C   1 
ATOM   939  O O   . VAL B 1 13  ? -4.552  5.762   1.324   1.00 16.37 ? 14   VAL B O   1 
ATOM   940  C CB  . VAL B 1 13  ? -2.323  3.802   1.129   1.00 13.40 ? 14   VAL B CB  1 
ATOM   941  C CG1 . VAL B 1 13  ? -3.153  2.546   1.398   1.00 14.57 ? 14   VAL B CG1 1 
ATOM   942  C CG2 . VAL B 1 13  ? -0.855  3.342   0.844   1.00 13.11 ? 14   VAL B CG2 1 
ATOM   943  N N   . VAL B 1 14  ? -5.197  4.868   -0.663  1.00 15.91 ? 15   VAL B N   1 
ATOM   944  C CA  . VAL B 1 14  ? -6.553  5.379   -0.648  1.00 16.66 ? 15   VAL B CA  1 
ATOM   945  C C   . VAL B 1 14  ? -7.500  4.204   -0.480  1.00 16.04 ? 15   VAL B C   1 
ATOM   946  O O   . VAL B 1 14  ? -7.397  3.262   -1.246  1.00 15.89 ? 15   VAL B O   1 
ATOM   947  C CB  . VAL B 1 14  ? -6.873  6.098   -1.988  1.00 19.55 ? 15   VAL B CB  1 
ATOM   948  C CG1 . VAL B 1 14  ? -8.220  6.818   -1.890  1.00 20.89 ? 15   VAL B CG1 1 
ATOM   949  C CG2 . VAL B 1 14  ? -5.779  7.089   -2.359  1.00 19.19 ? 15   VAL B CG2 1 
ATOM   950  N N   . THR B 1 15  ? -8.261  4.224   0.621   1.00 15.65 ? 16   THR B N   1 
ATOM   951  C CA  . THR B 1 15  ? -9.187  3.099   0.852   1.00 14.90 ? 16   THR B CA  1 
ATOM   952  C C   . THR B 1 15  ? -10.631 3.594   0.599   1.00 18.41 ? 16   THR B C   1 
ATOM   953  O O   . THR B 1 15  ? -11.109 4.533   1.228   1.00 19.86 ? 16   THR B O   1 
ATOM   954  C CB  . THR B 1 15  ? -9.049  2.632   2.321   1.00 18.18 ? 16   THR B CB  1 
ATOM   955  O OG1 . THR B 1 15  ? -7.722  2.118   2.451   1.00 15.79 ? 16   THR B OG1 1 
ATOM   956  C CG2 . THR B 1 15  ? -9.993  1.516   2.777   1.00 15.74 ? 16   THR B CG2 1 
ATOM   957  N N   . PHE B 1 16  ? -11.356 2.831   -0.206  1.00 17.69 ? 17   PHE B N   1 
ATOM   958  C CA  . PHE B 1 16  ? -12.766 3.114   -0.518  1.00 19.41 ? 17   PHE B CA  1 
ATOM   959  C C   . PHE B 1 16  ? -13.678 2.058   0.107   1.00 20.06 ? 17   PHE B C   1 
ATOM   960  O O   . PHE B 1 16  ? -13.544 0.884   -0.291  1.00 19.84 ? 17   PHE B O   1 
ATOM   961  C CB  . PHE B 1 16  ? -12.900 2.999   -2.055  1.00 19.94 ? 17   PHE B CB  1 
ATOM   962  C CG  . PHE B 1 16  ? -12.104 3.980   -2.902  1.00 22.09 ? 17   PHE B CG  1 
ATOM   963  C CD1 . PHE B 1 16  ? -10.785 3.749   -3.220  1.00 21.87 ? 17   PHE B CD1 1 
ATOM   964  C CD2 . PHE B 1 16  ? -12.730 5.131   -3.392  1.00 22.15 ? 17   PHE B CD2 1 
ATOM   965  C CE1 . PHE B 1 16  ? -10.055 4.673   -3.991  1.00 23.13 ? 17   PHE B CE1 1 
ATOM   966  C CE2 . PHE B 1 16  ? -12.001 6.032   -4.180  1.00 22.71 ? 17   PHE B CE2 1 
ATOM   967  C CZ  . PHE B 1 16  ? -10.696 5.792   -4.487  1.00 20.63 ? 17   PHE B CZ  1 
ATOM   968  N N   . PRO B 1 17  ? -14.452 2.389   1.114   1.00 22.04 ? 18   PRO B N   1 
ATOM   969  C CA  . PRO B 1 17  ? -15.333 1.430   1.768   1.00 21.83 ? 18   PRO B CA  1 
ATOM   970  C C   . PRO B 1 17  ? -16.521 1.101   0.874   1.00 22.12 ? 18   PRO B C   1 
ATOM   971  O O   . PRO B 1 17  ? -17.185 2.008   0.368   1.00 21.05 ? 18   PRO B O   1 
ATOM   972  C CB  . PRO B 1 17  ? -15.718 2.147   3.064   1.00 24.63 ? 18   PRO B CB  1 
ATOM   973  C CG  . PRO B 1 17  ? -15.706 3.615   2.692   1.00 25.37 ? 18   PRO B CG  1 
ATOM   974  C CD  . PRO B 1 17  ? -14.567 3.764   1.690   1.00 22.68 ? 18   PRO B CD  1 
ATOM   975  N N   . VAL B 1 18  ? -16.709 -0.203  0.554   1.00 23.02 ? 19   VAL B N   1 
ATOM   976  C CA  . VAL B 1 18  ? -17.786 -0.618  -0.351  1.00 23.33 ? 19   VAL B CA  1 
ATOM   977  C C   . VAL B 1 18  ? -18.690 -1.669  0.298   1.00 25.35 ? 19   VAL B C   1 
ATOM   978  O O   . VAL B 1 18  ? -18.360 -2.280  1.305   1.00 20.52 ? 19   VAL B O   1 
ATOM   979  C CB  . VAL B 1 18  ? -17.287 -1.081  -1.710  1.00 21.66 ? 19   VAL B CB  1 
ATOM   980  C CG1 . VAL B 1 18  ? -16.527 0.028   -2.476  1.00 21.81 ? 19   VAL B CG1 1 
ATOM   981  C CG2 . VAL B 1 18  ? -16.402 -2.319  -1.633  1.00 23.68 ? 19   VAL B CG2 1 
ATOM   982  N N   . ASP B 1 19  ? -19.868 -1.891  -0.291  1.00 29.13 ? 20   ASP B N   1 
ATOM   983  C CA  . ASP B 1 19  ? -20.841 -2.821  0.348   1.00 30.54 ? 20   ASP B CA  1 
ATOM   984  C C   . ASP B 1 19  ? -20.637 -4.262  -0.034  1.00 30.94 ? 20   ASP B C   1 
ATOM   985  O O   . ASP B 1 19  ? -21.285 -5.154  0.552   1.00 33.26 ? 20   ASP B O   1 
ATOM   986  C CB  . ASP B 1 19  ? -22.276 -2.374  0.046   1.00 31.50 ? 20   ASP B CB  1 
ATOM   987  C CG  . ASP B 1 19  ? -22.623 -2.450  -1.418  1.00 33.65 ? 20   ASP B CG  1 
ATOM   988  O OD1 . ASP B 1 19  ? -21.862 -2.954  -2.268  1.00 34.85 ? 20   ASP B OD1 1 
ATOM   989  O OD2 . ASP B 1 19  ? -23.727 -1.977  -1.788  1.00 36.28 ? 20   ASP B OD2 1 
ATOM   990  N N   . GLY B 1 20  ? -19.755 -4.608  -0.935  1.00 31.11 ? 21   GLY B N   1 
ATOM   991  C CA  . GLY B 1 20  ? -19.480 -5.998  -1.215  1.00 31.95 ? 21   GLY B CA  1 
ATOM   992  C C   . GLY B 1 20  ? -18.654 -6.202  -2.451  1.00 32.17 ? 21   GLY B C   1 
ATOM   993  O O   . GLY B 1 20  ? -18.282 -5.238  -3.115  1.00 32.89 ? 21   GLY B O   1 
ATOM   994  N N   . PRO B 1 21  ? -18.345 -7.455  -2.747  1.00 31.99 ? 22   PRO B N   1 
ATOM   995  C CA  . PRO B 1 21  ? -17.549 -7.787  -3.910  1.00 32.04 ? 22   PRO B CA  1 
ATOM   996  C C   . PRO B 1 21  ? -18.080 -7.242  -5.215  1.00 32.67 ? 22   PRO B C   1 
ATOM   997  O O   . PRO B 1 21  ? -17.261 -6.908  -6.087  1.00 31.59 ? 22   PRO B O   1 
ATOM   998  C CB  . PRO B 1 21  ? -17.449 -9.294  -3.889  1.00 32.37 ? 22   PRO B CB  1 
ATOM   999  C CG  . PRO B 1 21  ? -17.817 -9.733  -2.522  1.00 32.54 ? 22   PRO B CG  1 
ATOM   1000 C CD  . PRO B 1 21  ? -18.691 -8.652  -1.933  1.00 33.25 ? 22   PRO B CD  1 
ATOM   1001 N N   . ALA B 1 22  ? -19.402 -7.126  -5.439  1.00 32.73 ? 23   ALA B N   1 
ATOM   1002 C CA  . ALA B 1 22  ? -19.832 -6.597  -6.742  1.00 31.40 ? 23   ALA B CA  1 
ATOM   1003 C C   . ALA B 1 22  ? -19.348 -5.163  -6.930  1.00 30.04 ? 23   ALA B C   1 
ATOM   1004 O O   . ALA B 1 22  ? -18.853 -4.829  -8.012  1.00 30.44 ? 23   ALA B O   1 
ATOM   1005 C CB  . ALA B 1 22  ? -21.351 -6.572  -6.901  1.00 34.00 ? 23   ALA B CB  1 
ATOM   1006 N N   . THR B 1 23  ? -19.587 -4.349  -5.912  1.00 27.71 ? 24   THR B N   1 
ATOM   1007 C CA  . THR B 1 23  ? -19.130 -2.947  -5.999  1.00 29.63 ? 24   THR B CA  1 
ATOM   1008 C C   . THR B 1 23  ? -17.622 -2.847  -6.062  1.00 29.25 ? 24   THR B C   1 
ATOM   1009 O O   . THR B 1 23  ? -17.150 -1.950  -6.747  1.00 28.77 ? 24   THR B O   1 
ATOM   1010 C CB  . THR B 1 23  ? -19.675 -2.179  -4.801  1.00 30.63 ? 24   THR B CB  1 
ATOM   1011 O OG1 . THR B 1 23  ? -21.107 -2.360  -4.737  1.00 31.54 ? 24   THR B OG1 1 
ATOM   1012 C CG2 . THR B 1 23  ? -19.402 -0.690  -4.886  1.00 30.11 ? 24   THR B CG2 1 
ATOM   1013 N N   . GLN B 1 24  ? -16.854 -3.720  -5.378  1.00 28.38 ? 25   GLN B N   1 
ATOM   1014 C CA  . GLN B 1 24  ? -15.391 -3.740  -5.507  1.00 28.22 ? 25   GLN B CA  1 
ATOM   1015 C C   . GLN B 1 24  ? -15.018 -3.851  -6.988  1.00 30.23 ? 25   GLN B C   1 
ATOM   1016 O O   . GLN B 1 24  ? -14.197 -3.110  -7.509  1.00 27.43 ? 25   GLN B O   1 
ATOM   1017 C CB  . GLN B 1 24  ? -14.746 -4.926  -4.794  1.00 26.71 ? 25   GLN B CB  1 
ATOM   1018 C CG  . GLN B 1 24  ? -14.782 -4.899  -3.250  1.00 24.08 ? 25   GLN B CG  1 
ATOM   1019 C CD  . GLN B 1 24  ? -14.064 -6.119  -2.712  1.00 25.60 ? 25   GLN B CD  1 
ATOM   1020 O OE1 . GLN B 1 24  ? -14.290 -7.260  -3.177  1.00 25.13 ? 25   GLN B OE1 1 
ATOM   1021 N NE2 . GLN B 1 24  ? -13.170 -5.996  -1.735  1.00 19.06 ? 25   GLN B NE2 1 
ATOM   1022 N N   . HIS B 1 25  ? -15.596 -4.828  -7.720  1.00 30.86 ? 26   HIS B N   1 
ATOM   1023 C CA  . HIS B 1 25  ? -15.304 -4.959  -9.133  1.00 32.81 ? 26   HIS B CA  1 
ATOM   1024 C C   . HIS B 1 25  ? -15.786 -3.721  -9.900  1.00 32.79 ? 26   HIS B C   1 
ATOM   1025 O O   . HIS B 1 25  ? -15.057 -3.245  -10.769 1.00 31.50 ? 26   HIS B O   1 
ATOM   1026 C CB  . HIS B 1 25  ? -15.959 -6.216  -9.737  1.00 38.02 ? 26   HIS B CB  1 
ATOM   1027 C CG  . HIS B 1 25  ? -15.549 -6.463  -11.155 1.00 41.09 ? 26   HIS B CG  1 
ATOM   1028 N ND1 . HIS B 1 25  ? -16.274 -6.082  -12.277 1.00 42.70 ? 26   HIS B ND1 1 
ATOM   1029 C CD2 . HIS B 1 25  ? -14.415 -7.050  -11.618 1.00 42.43 ? 26   HIS B CD2 1 
ATOM   1030 C CE1 . HIS B 1 25  ? -15.616 -6.439  -13.360 1.00 43.05 ? 26   HIS B CE1 1 
ATOM   1031 N NE2 . HIS B 1 25  ? -14.494 -7.051  -12.982 1.00 44.21 ? 26   HIS B NE2 1 
ATOM   1032 N N   . LYS B 1 26  ? -16.946 -3.163  -9.560  1.00 31.77 ? 27   LYS B N   1 
ATOM   1033 C CA  . LYS B 1 26  ? -17.463 -2.015  -10.306 1.00 32.53 ? 27   LYS B CA  1 
ATOM   1034 C C   . LYS B 1 26  ? -16.644 -0.753  -10.058 1.00 31.79 ? 27   LYS B C   1 
ATOM   1035 O O   . LYS B 1 26  ? -16.381 0.049   -10.955 1.00 29.57 ? 27   LYS B O   1 
ATOM   1036 C CB  . LYS B 1 26  ? -18.943 -1.789  -10.021 1.00 35.15 ? 27   LYS B CB  1 
ATOM   1037 C CG  . LYS B 1 26  ? -19.838 -2.950  -10.459 1.00 39.58 ? 27   LYS B CG  1 
ATOM   1038 C CD  . LYS B 1 26  ? -20.165 -2.916  -11.941 1.00 42.61 ? 27   LYS B CD  1 
ATOM   1039 C CE  . LYS B 1 26  ? -19.291 -3.804  -12.793 1.00 44.62 ? 27   LYS B CE  1 
ATOM   1040 N NZ  . LYS B 1 26  ? -19.783 -5.217  -12.937 1.00 46.96 ? 27   LYS B NZ  1 
ATOM   1041 N N   . LEU B 1 27  ? -16.139 -0.607  -8.830  1.00 28.64 ? 28   LEU B N   1 
ATOM   1042 C CA  . LEU B 1 27  ? -15.268 0.522   -8.512  1.00 27.89 ? 28   LEU B CA  1 
ATOM   1043 C C   . LEU B 1 27  ? -13.952 0.394   -9.241  1.00 27.09 ? 28   LEU B C   1 
ATOM   1044 O O   . LEU B 1 27  ? -13.500 1.383   -9.830  1.00 26.87 ? 28   LEU B O   1 
ATOM   1045 C CB  . LEU B 1 27  ? -15.098 0.685   -6.995  1.00 27.10 ? 28   LEU B CB  1 
ATOM   1046 C CG  . LEU B 1 27  ? -14.413 1.952   -6.475  1.00 29.11 ? 28   LEU B CG  1 
ATOM   1047 C CD1 . LEU B 1 27  ? -14.598 3.140   -7.416  1.00 30.67 ? 28   LEU B CD1 1 
ATOM   1048 C CD2 . LEU B 1 27  ? -14.957 2.386   -5.096  1.00 28.81 ? 28   LEU B CD2 1 
ATOM   1049 N N   . VAL B 1 28  ? -13.332 -0.770  -9.289  1.00 27.59 ? 29   VAL B N   1 
ATOM   1050 C CA  . VAL B 1 28  ? -12.049 -0.931  -9.966  1.00 31.27 ? 29   VAL B CA  1 
ATOM   1051 C C   . VAL B 1 28  ? -12.190 -0.634  -11.459 1.00 34.99 ? 29   VAL B C   1 
ATOM   1052 O O   . VAL B 1 28  ? -11.376 0.033   -12.098 1.00 34.61 ? 29   VAL B O   1 
ATOM   1053 C CB  . VAL B 1 28  ? -11.523 -2.365  -9.754  1.00 30.14 ? 29   VAL B CB  1 
ATOM   1054 C CG1 . VAL B 1 28  ? -10.346 -2.691  -10.653 1.00 31.22 ? 29   VAL B CG1 1 
ATOM   1055 C CG2 . VAL B 1 28  ? -11.156 -2.556  -8.279  1.00 30.00 ? 29   VAL B CG2 1 
ATOM   1056 N N   . GLU B 1 29  ? -13.258 -1.192  -12.040 1.00 36.49 ? 30   GLU B N   1 
ATOM   1057 C CA  . GLU B 1 29  ? -13.533 -1.030  -13.464 1.00 37.49 ? 30   GLU B CA  1 
ATOM   1058 C C   . GLU B 1 29  ? -13.741 0.426   -13.830 1.00 35.80 ? 30   GLU B C   1 
ATOM   1059 O O   . GLU B 1 29  ? -13.345 0.807   -14.927 1.00 36.94 ? 30   GLU B O   1 
ATOM   1060 C CB  . GLU B 1 29  ? -14.705 -1.901  -13.906 1.00 41.04 ? 30   GLU B CB  1 
ATOM   1061 C CG  . GLU B 1 29  ? -14.384 -3.334  -14.268 1.00 45.48 ? 30   GLU B CG  1 
ATOM   1062 C CD  . GLU B 1 29  ? -13.411 -3.566  -15.404 1.00 48.66 ? 30   GLU B CD  1 
ATOM   1063 O OE1 . GLU B 1 29  ? -13.634 -3.168  -16.579 1.00 50.10 ? 30   GLU B OE1 1 
ATOM   1064 O OE2 . GLU B 1 29  ? -12.347 -4.194  -15.147 1.00 50.31 ? 30   GLU B OE2 1 
ATOM   1065 N N   . LEU B 1 30  ? -14.280 1.284   -12.987 1.00 33.76 ? 31   LEU B N   1 
ATOM   1066 C CA  . LEU B 1 30  ? -14.433 2.687   -13.203 1.00 34.89 ? 31   LEU B CA  1 
ATOM   1067 C C   . LEU B 1 30  ? -13.110 3.454   -13.054 1.00 37.93 ? 31   LEU B C   1 
ATOM   1068 O O   . LEU B 1 30  ? -12.847 4.382   -13.828 1.00 38.29 ? 31   LEU B O   1 
ATOM   1069 C CB  . LEU B 1 30  ? -15.470 3.285   -12.244 1.00 34.69 ? 31   LEU B CB  1 
ATOM   1070 C CG  . LEU B 1 30  ? -15.710 4.784   -12.380 1.00 36.15 ? 31   LEU B CG  1 
ATOM   1071 C CD1 . LEU B 1 30  ? -16.216 5.133   -13.779 1.00 36.63 ? 31   LEU B CD1 1 
ATOM   1072 C CD2 . LEU B 1 30  ? -16.690 5.296   -11.344 1.00 35.79 ? 31   LEU B CD2 1 
ATOM   1073 N N   . ALA B 1 31  ? -12.265 3.088   -12.089 1.00 37.75 ? 32   ALA B N   1 
ATOM   1074 C CA  . ALA B 1 31  ? -10.980 3.791   -11.950 1.00 38.87 ? 32   ALA B CA  1 
ATOM   1075 C C   . ALA B 1 31  ? -9.929  3.306   -12.948 1.00 39.80 ? 32   ALA B C   1 
ATOM   1076 O O   . ALA B 1 31  ? -8.916  3.986   -13.167 1.00 41.79 ? 32   ALA B O   1 
ATOM   1077 C CB  . ALA B 1 31  ? -10.444 3.617   -10.531 1.00 38.20 ? 32   ALA B CB  1 
ATOM   1078 N N   . THR B 1 32  ? -10.049 2.131   -13.531 1.00 40.54 ? 33   THR B N   1 
ATOM   1079 C CA  . THR B 1 32  ? -9.048  1.683   -14.499 1.00 42.71 ? 33   THR B CA  1 
ATOM   1080 C C   . THR B 1 32  ? -9.610  1.692   -15.920 1.00 43.72 ? 33   THR B C   1 
ATOM   1081 O O   . THR B 1 32  ? -8.954  1.237   -16.845 1.00 42.90 ? 33   THR B O   1 
ATOM   1082 C CB  . THR B 1 32  ? -8.551  0.271   -14.135 1.00 43.40 ? 33   THR B CB  1 
ATOM   1083 O OG1 . THR B 1 32  ? -9.708  -0.583  -14.078 1.00 45.50 ? 33   THR B OG1 1 
ATOM   1084 C CG2 . THR B 1 32  ? -7.858  0.259   -12.783 1.00 42.36 ? 33   THR B CG2 1 
ATOM   1085 N N   . GLY B 1 33  ? -10.803 2.200   -16.143 1.00 44.86 ? 34   GLY B N   1 
ATOM   1086 C CA  . GLY B 1 33  ? -11.597 2.287   -17.294 1.00 46.31 ? 34   GLY B CA  1 
ATOM   1087 C C   . GLY B 1 33  ? -11.246 2.673   -18.689 1.00 49.44 ? 34   GLY B C   1 
ATOM   1088 O O   . GLY B 1 33  ? -12.101 2.479   -19.594 1.00 51.06 ? 34   GLY B O   1 
ATOM   1089 N N   . GLY B 1 34  ? -10.080 3.225   -19.000 1.00 49.24 ? 35   GLY B N   1 
ATOM   1090 C CA  . GLY B 1 34  ? -9.845  3.556   -20.429 1.00 49.05 ? 35   GLY B CA  1 
ATOM   1091 C C   . GLY B 1 34  ? -9.927  5.068   -20.547 1.00 48.87 ? 35   GLY B C   1 
ATOM   1092 O O   . GLY B 1 34  ? -8.914  5.686   -20.886 1.00 51.20 ? 35   GLY B O   1 
ATOM   1093 N N   . VAL B 1 35  ? -11.008 5.678   -20.072 1.00 47.47 ? 36   VAL B N   1 
ATOM   1094 C CA  . VAL B 1 35  ? -11.118 7.139   -20.058 1.00 46.01 ? 36   VAL B CA  1 
ATOM   1095 C C   . VAL B 1 35  ? -10.168 7.785   -19.062 1.00 44.13 ? 36   VAL B C   1 
ATOM   1096 O O   . VAL B 1 35  ? -9.898  9.000   -19.111 1.00 43.87 ? 36   VAL B O   1 
ATOM   1097 C CB  . VAL B 1 35  ? -12.585 7.567   -19.896 1.00 46.99 ? 36   VAL B CB  1 
ATOM   1098 C CG1 . VAL B 1 35  ? -13.396 6.594   -19.056 1.00 47.93 ? 36   VAL B CG1 1 
ATOM   1099 C CG2 . VAL B 1 35  ? -12.757 8.964   -19.299 1.00 48.60 ? 36   VAL B CG2 1 
ATOM   1100 N N   . GLN B 1 36  ? -9.578  7.009   -18.155 1.00 40.57 ? 37   GLN B N   1 
ATOM   1101 C CA  . GLN B 1 36  ? -8.609  7.518   -17.198 1.00 37.13 ? 37   GLN B CA  1 
ATOM   1102 C C   . GLN B 1 36  ? -7.175  7.354   -17.677 1.00 36.43 ? 37   GLN B C   1 
ATOM   1103 O O   . GLN B 1 36  ? -6.223  7.597   -16.916 1.00 35.29 ? 37   GLN B O   1 
ATOM   1104 C CB  . GLN B 1 36  ? -8.791  6.891   -15.827 1.00 37.14 ? 37   GLN B CB  1 
ATOM   1105 C CG  . GLN B 1 36  ? -10.197 6.785   -15.290 1.00 36.74 ? 37   GLN B CG  1 
ATOM   1106 C CD  . GLN B 1 36  ? -11.033 8.042   -15.436 1.00 38.70 ? 37   GLN B CD  1 
ATOM   1107 O OE1 . GLN B 1 36  ? -12.261 7.983   -15.590 1.00 39.61 ? 37   GLN B OE1 1 
ATOM   1108 N NE2 . GLN B 1 36  ? -10.384 9.205   -15.401 1.00 37.02 ? 37   GLN B NE2 1 
ATOM   1109 N N   . GLU B 1 37  ? -6.936  7.117   -18.970 1.00 34.48 ? 38   GLU B N   1 
ATOM   1110 C CA  . GLU B 1 37  ? -5.582  7.035   -19.481 1.00 34.74 ? 38   GLU B CA  1 
ATOM   1111 C C   . GLU B 1 37  ? -4.849  8.375   -19.447 1.00 31.04 ? 38   GLU B C   1 
ATOM   1112 O O   . GLU B 1 37  ? -3.620  8.325   -19.414 1.00 29.05 ? 38   GLU B O   1 
ATOM   1113 C CB  . GLU B 1 37  ? -5.505  6.384   -20.863 1.00 40.09 ? 38   GLU B CB  1 
ATOM   1114 C CG  . GLU B 1 37  ? -5.625  4.866   -20.749 1.00 45.11 ? 38   GLU B CG  1 
ATOM   1115 C CD  . GLU B 1 37  ? -4.535  4.114   -21.486 1.00 48.80 ? 38   GLU B CD  1 
ATOM   1116 O OE1 . GLU B 1 37  ? -3.875  4.703   -22.375 1.00 51.10 ? 38   GLU B OE1 1 
ATOM   1117 O OE2 . GLU B 1 37  ? -4.326  2.912   -21.168 1.00 49.36 ? 38   GLU B OE2 1 
ATOM   1118 N N   . TRP B 1 38  ? -5.494  9.524   -19.195 1.00 27.69 ? 39   TRP B N   1 
ATOM   1119 C CA  . TRP B 1 38  ? -4.721  10.764  -19.059 1.00 25.93 ? 39   TRP B CA  1 
ATOM   1120 C C   . TRP B 1 38  ? -3.764  10.709  -17.869 1.00 23.92 ? 39   TRP B C   1 
ATOM   1121 O O   . TRP B 1 38  ? -2.640  11.257  -17.880 1.00 19.56 ? 39   TRP B O   1 
ATOM   1122 C CB  . TRP B 1 38  ? -5.665  11.967  -18.931 1.00 27.32 ? 39   TRP B CB  1 
ATOM   1123 C CG  . TRP B 1 38  ? -6.447  11.900  -17.644 1.00 27.44 ? 39   TRP B CG  1 
ATOM   1124 C CD1 . TRP B 1 38  ? -7.561  11.139  -17.402 1.00 28.84 ? 39   TRP B CD1 1 
ATOM   1125 C CD2 . TRP B 1 38  ? -6.147  12.602  -16.435 1.00 25.95 ? 39   TRP B CD2 1 
ATOM   1126 N NE1 . TRP B 1 38  ? -7.975  11.356  -16.098 1.00 28.39 ? 39   TRP B NE1 1 
ATOM   1127 C CE2 . TRP B 1 38  ? -7.121  12.252  -15.495 1.00 26.91 ? 39   TRP B CE2 1 
ATOM   1128 C CE3 . TRP B 1 38  ? -5.161  13.541  -16.090 1.00 26.31 ? 39   TRP B CE3 1 
ATOM   1129 C CZ2 . TRP B 1 38  ? -7.133  12.769  -14.193 1.00 24.90 ? 39   TRP B CZ2 1 
ATOM   1130 C CZ3 . TRP B 1 38  ? -5.162  14.065  -14.810 1.00 25.56 ? 39   TRP B CZ3 1 
ATOM   1131 C CH2 . TRP B 1 38  ? -6.147  13.672  -13.876 1.00 25.78 ? 39   TRP B CH2 1 
ATOM   1132 N N   . ILE B 1 39  ? -4.163  9.986   -16.783 1.00 24.79 ? 40   ILE B N   1 
ATOM   1133 C CA  . ILE B 1 39  ? -3.288  9.847   -15.596 1.00 22.06 ? 40   ILE B CA  1 
ATOM   1134 C C   . ILE B 1 39  ? -1.923  9.285   -15.904 1.00 20.83 ? 40   ILE B C   1 
ATOM   1135 O O   . ILE B 1 39  ? -0.861  9.735   -15.400 1.00 19.57 ? 40   ILE B O   1 
ATOM   1136 C CB  . ILE B 1 39  ? -4.015  8.847   -14.643 1.00 24.77 ? 40   ILE B CB  1 
ATOM   1137 C CG1 . ILE B 1 39  ? -5.302  9.544   -14.182 1.00 27.08 ? 40   ILE B CG1 1 
ATOM   1138 C CG2 . ILE B 1 39  ? -3.148  8.541   -13.445 1.00 26.37 ? 40   ILE B CG2 1 
ATOM   1139 C CD1 . ILE B 1 39  ? -6.246  8.592   -13.446 1.00 28.22 ? 40   ILE B CD1 1 
ATOM   1140 N N   . ARG B 1 40  ? -1.855  8.378   -16.877 1.00 20.92 ? 41   ARG B N   1 
ATOM   1141 C CA  . ARG B 1 40  ? -0.612  7.773   -17.310 1.00 25.04 ? 41   ARG B CA  1 
ATOM   1142 C C   . ARG B 1 40  ? 0.402   8.781   -17.802 1.00 24.25 ? 41   ARG B C   1 
ATOM   1143 O O   . ARG B 1 40  ? 1.608   8.509   -17.695 1.00 24.99 ? 41   ARG B O   1 
ATOM   1144 C CB  . ARG B 1 40  ? -0.881  6.773   -18.477 1.00 27.51 ? 41   ARG B CB  1 
ATOM   1145 C CG  . ARG B 1 40  ? -1.869  5.702   -18.018 1.00 32.54 ? 41   ARG B CG  1 
ATOM   1146 C CD  . ARG B 1 40  ? -2.163  4.751   -19.183 1.00 36.47 ? 41   ARG B CD  1 
ATOM   1147 N NE  . ARG B 1 40  ? -1.037  3.861   -19.377 1.00 40.19 ? 41   ARG B NE  1 
ATOM   1148 C CZ  . ARG B 1 40  ? -0.656  3.153   -20.425 1.00 44.10 ? 41   ARG B CZ  1 
ATOM   1149 N NH1 . ARG B 1 40  ? -1.347  3.133   -21.568 1.00 44.38 ? 41   ARG B NH1 1 
ATOM   1150 N NH2 . ARG B 1 40  ? 0.464   2.437   -20.306 1.00 45.70 ? 41   ARG B NH2 1 
ATOM   1151 N N   . GLU B 1 41  ? -0.055  9.884   -18.350 1.00 23.69 ? 42   GLU B N   1 
ATOM   1152 C CA  . GLU B 1 41  ? 0.820   10.917  -18.859 1.00 21.71 ? 42   GLU B CA  1 
ATOM   1153 C C   . GLU B 1 41  ? 1.022   12.064  -17.913 1.00 20.95 ? 42   GLU B C   1 
ATOM   1154 O O   . GLU B 1 41  ? 1.730   13.031  -18.317 1.00 18.55 ? 42   GLU B O   1 
ATOM   1155 C CB  . GLU B 1 41  ? 0.166   11.445  -20.190 1.00 23.38 ? 42   GLU B CB  1 
ATOM   1156 C CG  . GLU B 1 41  ? -0.016  10.303  -21.144 1.00 26.47 ? 42   GLU B CG  1 
ATOM   1157 C CD  . GLU B 1 41  ? -0.573  10.638  -22.506 1.00 29.72 ? 42   GLU B CD  1 
ATOM   1158 O OE1 . GLU B 1 41  ? -0.917  11.781  -22.820 1.00 29.28 ? 42   GLU B OE1 1 
ATOM   1159 O OE2 . GLU B 1 41  ? -0.765  9.725   -23.319 1.00 31.02 ? 42   GLU B OE2 1 
ATOM   1160 N N   . VAL B 1 42  ? 0.455   12.011  -16.687 1.00 16.78 ? 43   VAL B N   1 
ATOM   1161 C CA  . VAL B 1 42  ? 0.710   13.123  -15.752 1.00 17.94 ? 43   VAL B CA  1 
ATOM   1162 C C   . VAL B 1 42  ? 2.198   13.100  -15.335 1.00 16.14 ? 43   VAL B C   1 
ATOM   1163 O O   . VAL B 1 42  ? 2.694   12.031  -14.986 1.00 18.52 ? 43   VAL B O   1 
ATOM   1164 C CB  . VAL B 1 42  ? -0.168  13.056  -14.504 1.00 19.60 ? 43   VAL B CB  1 
ATOM   1165 C CG1 . VAL B 1 42  ? 0.119   14.112  -13.442 1.00 17.20 ? 43   VAL B CG1 1 
ATOM   1166 C CG2 . VAL B 1 42  ? -1.660  13.180  -14.911 1.00 19.26 ? 43   VAL B CG2 1 
ATOM   1167 N N   . PRO B 1 43  ? 2.876   14.199  -15.335 1.00 17.31 ? 44   PRO B N   1 
ATOM   1168 C CA  . PRO B 1 43  ? 4.291   14.302  -14.988 1.00 17.96 ? 44   PRO B CA  1 
ATOM   1169 C C   . PRO B 1 43  ? 4.459   13.892  -13.506 1.00 17.71 ? 44   PRO B C   1 
ATOM   1170 O O   . PRO B 1 43  ? 3.628   14.373  -12.705 1.00 15.83 ? 44   PRO B O   1 
ATOM   1171 C CB  . PRO B 1 43  ? 4.593   15.807  -15.134 1.00 21.85 ? 44   PRO B CB  1 
ATOM   1172 C CG  . PRO B 1 43  ? 3.527   16.341  -16.064 1.00 22.16 ? 44   PRO B CG  1 
ATOM   1173 C CD  . PRO B 1 43  ? 2.293   15.515  -15.826 1.00 18.20 ? 44   PRO B CD  1 
ATOM   1174 N N   . GLY B 1 44  ? 5.352   12.984  -13.201 1.00 18.14 ? 45   GLY B N   1 
ATOM   1175 C CA  . GLY B 1 44  ? 5.596   12.565  -11.777 1.00 16.29 ? 45   GLY B CA  1 
ATOM   1176 C C   . GLY B 1 44  ? 4.742   11.376  -11.403 1.00 19.62 ? 45   GLY B C   1 
ATOM   1177 O O   . GLY B 1 44  ? 5.000   10.784  -10.301 1.00 21.33 ? 45   GLY B O   1 
ATOM   1178 N N   . PHE B 1 45  ? 3.771   10.952  -12.216 1.00 15.34 ? 46   PHE B N   1 
ATOM   1179 C CA  . PHE B 1 45  ? 2.965   9.786   -11.876 1.00 18.35 ? 46   PHE B CA  1 
ATOM   1180 C C   . PHE B 1 45  ? 3.789   8.533   -12.120 1.00 19.30 ? 46   PHE B C   1 
ATOM   1181 O O   . PHE B 1 45  ? 4.422   8.370   -13.200 1.00 17.43 ? 46   PHE B O   1 
ATOM   1182 C CB  . PHE B 1 45  ? 1.691   9.708   -12.704 1.00 18.69 ? 46   PHE B CB  1 
ATOM   1183 C CG  . PHE B 1 45  ? 0.905   8.414   -12.630 1.00 20.39 ? 46   PHE B CG  1 
ATOM   1184 C CD1 . PHE B 1 45  ? 0.144   8.088   -11.510 1.00 18.19 ? 46   PHE B CD1 1 
ATOM   1185 C CD2 . PHE B 1 45  ? 0.966   7.533   -13.687 1.00 20.34 ? 46   PHE B CD2 1 
ATOM   1186 C CE1 . PHE B 1 45  ? -0.588  6.910   -11.494 1.00 17.98 ? 46   PHE B CE1 1 
ATOM   1187 C CE2 . PHE B 1 45  ? 0.280   6.327   -13.654 1.00 20.29 ? 46   PHE B CE2 1 
ATOM   1188 C CZ  . PHE B 1 45  ? -0.532  6.024   -12.560 1.00 19.39 ? 46   PHE B CZ  1 
ATOM   1189 N N   . LEU B 1 46  ? 3.851   7.658   -11.103 1.00 15.79 ? 47   LEU B N   1 
ATOM   1190 C CA  . LEU B 1 46  ? 4.593   6.407   -11.306 1.00 16.40 ? 47   LEU B CA  1 
ATOM   1191 C C   . LEU B 1 46  ? 3.684   5.181   -11.365 1.00 18.94 ? 47   LEU B C   1 
ATOM   1192 O O   . LEU B 1 46  ? 3.979   4.272   -12.175 1.00 18.81 ? 47   LEU B O   1 
ATOM   1193 C CB  . LEU B 1 46  ? 5.690   6.227   -10.256 1.00 14.81 ? 47   LEU B CB  1 
ATOM   1194 C CG  . LEU B 1 46  ? 6.764   7.348   -10.325 1.00 16.20 ? 47   LEU B CG  1 
ATOM   1195 C CD1 . LEU B 1 46  ? 7.571   7.292   -9.043  1.00 14.20 ? 47   LEU B CD1 1 
ATOM   1196 C CD2 . LEU B 1 46  ? 7.640   7.200   -11.567 1.00 18.76 ? 47   LEU B CD2 1 
ATOM   1197 N N   . SER B 1 47  ? 2.639   5.094   -10.556 1.00 17.32 ? 48   SER B N   1 
ATOM   1198 C CA  . SER B 1 47  ? 1.719   3.975   -10.681 1.00 19.29 ? 48   SER B CA  1 
ATOM   1199 C C   . SER B 1 47  ? 0.510   4.106   -9.775  1.00 19.69 ? 48   SER B C   1 
ATOM   1200 O O   . SER B 1 47  ? 0.615   4.907   -8.845  1.00 18.07 ? 48   SER B O   1 
ATOM   1201 C CB  . SER B 1 47  ? 2.316   2.611   -10.271 1.00 20.00 ? 48   SER B CB  1 
ATOM   1202 O OG  . SER B 1 47  ? 2.598   2.690   -8.834  1.00 19.35 ? 48   SER B OG  1 
ATOM   1203 N N   . ALA B 1 48  ? -0.552  3.389   -10.149 1.00 18.06 ? 49   ALA B N   1 
ATOM   1204 C CA  . ALA B 1 48  ? -1.692  3.258   -9.225  1.00 18.12 ? 49   ALA B CA  1 
ATOM   1205 C C   . ALA B 1 48  ? -2.155  1.799   -9.295  1.00 20.71 ? 49   ALA B C   1 
ATOM   1206 O O   . ALA B 1 48  ? -2.467  1.255   -10.380 1.00 19.97 ? 49   ALA B O   1 
ATOM   1207 C CB  . ALA B 1 48  ? -2.775  4.261   -9.511  1.00 19.78 ? 49   ALA B CB  1 
ATOM   1208 N N   . THR B 1 49  ? -2.075  1.028   -8.216  1.00 18.73 ? 50   THR B N   1 
ATOM   1209 C CA  . THR B 1 49  ? -2.466  -0.377  -8.162  1.00 19.54 ? 50   THR B CA  1 
ATOM   1210 C C   . THR B 1 49  ? -3.672  -0.561  -7.247  1.00 20.13 ? 50   THR B C   1 
ATOM   1211 O O   . THR B 1 49  ? -3.601  -0.311  -6.021  1.00 15.58 ? 50   THR B O   1 
ATOM   1212 C CB  . THR B 1 49  ? -1.314  -1.251  -7.643  1.00 20.37 ? 50   THR B CB  1 
ATOM   1213 O OG1 . THR B 1 49  ? -0.189  -0.947  -8.456  1.00 20.87 ? 50   THR B OG1 1 
ATOM   1214 C CG2 . THR B 1 49  ? -1.634  -2.745  -7.684  1.00 17.98 ? 50   THR B CG2 1 
ATOM   1215 N N   . TYR B 1 50  ? -4.805  -0.929  -7.852  1.00 18.16 ? 51   TYR B N   1 
ATOM   1216 C CA  . TYR B 1 50  ? -6.021  -1.164  -7.133  1.00 20.71 ? 51   TYR B CA  1 
ATOM   1217 C C   . TYR B 1 50  ? -6.135  -2.619  -6.688  1.00 20.96 ? 51   TYR B C   1 
ATOM   1218 O O   . TYR B 1 50  ? -5.797  -3.567  -7.410  1.00 23.03 ? 51   TYR B O   1 
ATOM   1219 C CB  . TYR B 1 50  ? -7.215  -0.807  -8.053  1.00 20.88 ? 51   TYR B CB  1 
ATOM   1220 C CG  . TYR B 1 50  ? -7.393  0.695   -8.167  1.00 23.44 ? 51   TYR B CG  1 
ATOM   1221 C CD1 . TYR B 1 50  ? -6.709  1.425   -9.139  1.00 24.54 ? 51   TYR B CD1 1 
ATOM   1222 C CD2 . TYR B 1 50  ? -8.299  1.350   -7.350  1.00 25.42 ? 51   TYR B CD2 1 
ATOM   1223 C CE1 . TYR B 1 50  ? -6.882  2.796   -9.240  1.00 26.51 ? 51   TYR B CE1 1 
ATOM   1224 C CE2 . TYR B 1 50  ? -8.496  2.709   -7.452  1.00 25.91 ? 51   TYR B CE2 1 
ATOM   1225 C CZ  . TYR B 1 50  ? -7.778  3.411   -8.407  1.00 27.28 ? 51   TYR B CZ  1 
ATOM   1226 O OH  . TYR B 1 50  ? -7.994  4.781   -8.493  1.00 28.39 ? 51   TYR B OH  1 
ATOM   1227 N N   . HIS B 1 51  ? -6.562  -2.782  -5.444  1.00 18.81 ? 52   HIS B N   1 
ATOM   1228 C CA  . HIS B 1 51  ? -6.697  -4.093  -4.826  1.00 18.34 ? 52   HIS B CA  1 
ATOM   1229 C C   . HIS B 1 51  ? -8.090  -4.284  -4.283  1.00 18.85 ? 52   HIS B C   1 
ATOM   1230 O O   . HIS B 1 51  ? -8.667  -3.282  -3.909  1.00 18.31 ? 52   HIS B O   1 
ATOM   1231 C CB  . HIS B 1 51  ? -5.779  -4.232  -3.568  1.00 17.58 ? 52   HIS B CB  1 
ATOM   1232 C CG  . HIS B 1 51  ? -4.340  -3.861  -3.813  1.00 15.60 ? 52   HIS B CG  1 
ATOM   1233 N ND1 . HIS B 1 51  ? -3.990  -2.542  -4.007  1.00 16.72 ? 52   HIS B ND1 1 
ATOM   1234 C CD2 . HIS B 1 51  ? -3.180  -4.574  -3.801  1.00 15.66 ? 52   HIS B CD2 1 
ATOM   1235 C CE1 . HIS B 1 51  ? -2.652  -2.441  -4.167  1.00 17.28 ? 52   HIS B CE1 1 
ATOM   1236 N NE2 . HIS B 1 51  ? -2.173  -3.665  -4.017  1.00 17.76 ? 52   HIS B NE2 1 
ATOM   1237 N N   . ALA B 1 52  ? -8.538  -5.557  -4.155  1.00 18.17 ? 53   ALA B N   1 
ATOM   1238 C CA  . ALA B 1 52  ? -9.822  -5.776  -3.508  1.00 18.63 ? 53   ALA B CA  1 
ATOM   1239 C C   . ALA B 1 52  ? -9.547  -6.493  -2.172  1.00 18.58 ? 53   ALA B C   1 
ATOM   1240 O O   . ALA B 1 52  ? -8.725  -7.454  -2.172  1.00 18.99 ? 53   ALA B O   1 
ATOM   1241 C CB  . ALA B 1 52  ? -10.778 -6.680  -4.314  1.00 19.91 ? 53   ALA B CB  1 
ATOM   1242 N N   . SER B 1 53  ? -10.033 -5.852  -1.113  1.00 19.02 ? 54   SER B N   1 
ATOM   1243 C CA  . SER B 1 53  ? -9.818  -6.522  0.188   1.00 21.38 ? 54   SER B CA  1 
ATOM   1244 C C   . SER B 1 53  ? -10.414 -7.925  0.158   1.00 21.85 ? 54   SER B C   1 
ATOM   1245 O O   . SER B 1 53  ? -11.456 -8.099  -0.515  1.00 21.18 ? 54   SER B O   1 
ATOM   1246 C CB  . SER B 1 53  ? -10.346 -5.802  1.418   1.00 24.06 ? 54   SER B CB  1 
ATOM   1247 O OG  . SER B 1 53  ? -11.772 -5.659  1.411   1.00 21.33 ? 54   SER B OG  1 
ATOM   1248 N N   . THR B 1 54  ? -9.765  -8.907  0.806   1.00 19.64 ? 55   THR B N   1 
ATOM   1249 C CA  . THR B 1 54  ? -10.305 -10.273 0.706   1.00 22.56 ? 55   THR B CA  1 
ATOM   1250 C C   . THR B 1 54  ? -11.697 -10.348 1.294   1.00 24.03 ? 55   THR B C   1 
ATOM   1251 O O   . THR B 1 54  ? -12.516 -11.101 0.735   1.00 26.82 ? 55   THR B O   1 
ATOM   1252 C CB  . THR B 1 54  ? -9.435  -11.384 1.285   1.00 24.42 ? 55   THR B CB  1 
ATOM   1253 O OG1 . THR B 1 54  ? -9.481  -11.362 2.734   1.00 29.87 ? 55   THR B OG1 1 
ATOM   1254 C CG2 . THR B 1 54  ? -7.995  -11.219 0.896   1.00 20.03 ? 55   THR B CG2 1 
ATOM   1255 N N   . ASP B 1 55  ? -12.022 -9.577  2.332   1.00 21.64 ? 56   ASP B N   1 
ATOM   1256 C CA  . ASP B 1 55  ? -13.368 -9.632  2.893   1.00 23.38 ? 56   ASP B CA  1 
ATOM   1257 C C   . ASP B 1 55  ? -14.462 -8.954  2.085   1.00 24.56 ? 56   ASP B C   1 
ATOM   1258 O O   . ASP B 1 55  ? -15.609 -8.814  2.576   1.00 24.36 ? 56   ASP B O   1 
ATOM   1259 C CB  . ASP B 1 55  ? -13.294 -9.093  4.313   1.00 22.36 ? 56   ASP B CB  1 
ATOM   1260 C CG  . ASP B 1 55  ? -13.072 -7.603  4.439   1.00 19.59 ? 56   ASP B CG  1 
ATOM   1261 O OD1 . ASP B 1 55  ? -13.179 -6.894  3.425   1.00 19.98 ? 56   ASP B OD1 1 
ATOM   1262 O OD2 . ASP B 1 55  ? -12.764 -7.211  5.586   1.00 20.41 ? 56   ASP B OD2 1 
ATOM   1263 N N   . GLY B 1 56  ? -14.168 -8.399  0.901   1.00 25.42 ? 57   GLY B N   1 
ATOM   1264 C CA  . GLY B 1 56  ? -15.149 -7.717  0.081   1.00 24.82 ? 57   GLY B CA  1 
ATOM   1265 C C   . GLY B 1 56  ? -15.580 -6.329  0.486   1.00 26.62 ? 57   GLY B C   1 
ATOM   1266 O O   . GLY B 1 56  ? -16.365 -5.743  -0.303  1.00 26.97 ? 57   GLY B O   1 
ATOM   1267 N N   . THR B 1 57  ? -15.051 -5.744  1.562   1.00 23.22 ? 58   THR B N   1 
ATOM   1268 C CA  . THR B 1 57  ? -15.519 -4.491  2.090   1.00 24.30 ? 58   THR B CA  1 
ATOM   1269 C C   . THR B 1 57  ? -14.783 -3.237  1.619   1.00 21.56 ? 58   THR B C   1 
ATOM   1270 O O   . THR B 1 57  ? -15.240 -2.134  1.930   1.00 18.93 ? 58   THR B O   1 
ATOM   1271 C CB  . THR B 1 57  ? -15.496 -4.440  3.630   1.00 23.90 ? 58   THR B CB  1 
ATOM   1272 O OG1 . THR B 1 57  ? -14.172 -4.493  4.162   1.00 25.06 ? 58   THR B OG1 1 
ATOM   1273 C CG2 . THR B 1 57  ? -16.245 -5.656  4.194   1.00 26.59 ? 58   THR B CG2 1 
ATOM   1274 N N   . ALA B 1 58  ? -13.726 -3.420  0.862   1.00 22.02 ? 59   ALA B N   1 
ATOM   1275 C CA  . ALA B 1 58  ? -12.942 -2.252  0.450   1.00 21.05 ? 59   ALA B CA  1 
ATOM   1276 C C   . ALA B 1 58  ? -12.099 -2.443  -0.784  1.00 20.07 ? 59   ALA B C   1 
ATOM   1277 O O   . ALA B 1 58  ? -11.665 -3.514  -1.255  1.00 19.78 ? 59   ALA B O   1 
ATOM   1278 C CB  . ALA B 1 58  ? -12.013 -1.952  1.654   1.00 22.26 ? 59   ALA B CB  1 
ATOM   1279 N N   . VAL B 1 59  ? -11.855 -1.266  -1.410  1.00 16.65 ? 60   VAL B N   1 
ATOM   1280 C CA  . VAL B 1 59  ? -10.954 -1.192  -2.562  1.00 17.86 ? 60   VAL B CA  1 
ATOM   1281 C C   . VAL B 1 59  ? -9.806  -0.280  -2.080  1.00 16.74 ? 60   VAL B C   1 
ATOM   1282 O O   . VAL B 1 59  ? -10.101 0.777   -1.525  1.00 18.51 ? 60   VAL B O   1 
ATOM   1283 C CB  . VAL B 1 59  ? -11.578 -0.577  -3.812  1.00 18.07 ? 60   VAL B CB  1 
ATOM   1284 C CG1 . VAL B 1 59  ? -10.640 -0.386  -5.014  1.00 17.80 ? 60   VAL B CG1 1 
ATOM   1285 C CG2 . VAL B 1 59  ? -12.610 -1.646  -4.331  1.00 19.45 ? 60   VAL B CG2 1 
ATOM   1286 N N   . VAL B 1 60  ? -8.585  -0.703  -2.299  1.00 16.61 ? 61   VAL B N   1 
ATOM   1287 C CA  . VAL B 1 60  ? -7.445  0.106   -1.817  1.00 15.68 ? 61   VAL B CA  1 
ATOM   1288 C C   . VAL B 1 60  ? -6.511  0.333   -3.030  1.00 15.99 ? 61   VAL B C   1 
ATOM   1289 O O   . VAL B 1 60  ? -6.121  -0.600  -3.764  1.00 15.75 ? 61   VAL B O   1 
ATOM   1290 C CB  . VAL B 1 60  ? -6.607  -0.661  -0.768  1.00 17.77 ? 61   VAL B CB  1 
ATOM   1291 C CG1 . VAL B 1 60  ? -5.409  0.199   -0.310  1.00 17.28 ? 61   VAL B CG1 1 
ATOM   1292 C CG2 . VAL B 1 60  ? -7.406  -1.037  0.452   1.00 18.21 ? 61   VAL B CG2 1 
ATOM   1293 N N   . ASN B 1 61  ? -6.150  1.600   -3.193  1.00 13.80 ? 62   ASN B N   1 
ATOM   1294 C CA  . ASN B 1 61  ? -5.226  1.974   -4.241  1.00 14.56 ? 62   ASN B CA  1 
ATOM   1295 C C   . ASN B 1 61  ? -3.884  2.311   -3.572  1.00 14.13 ? 62   ASN B C   1 
ATOM   1296 O O   . ASN B 1 61  ? -3.843  3.204   -2.713  1.00 16.46 ? 62   ASN B O   1 
ATOM   1297 C CB  . ASN B 1 61  ? -5.796  3.209   -4.971  1.00 16.09 ? 62   ASN B CB  1 
ATOM   1298 C CG  . ASN B 1 61  ? -4.858  3.904   -5.935  1.00 17.79 ? 62   ASN B CG  1 
ATOM   1299 O OD1 . ASN B 1 61  ? -3.859  3.340   -6.352  1.00 16.67 ? 62   ASN B OD1 1 
ATOM   1300 N ND2 . ASN B 1 61  ? -5.134  5.155   -6.343  1.00 17.63 ? 62   ASN B ND2 1 
ATOM   1301 N N   . TYR B 1 62  ? -2.834  1.660   -3.989  1.00 14.67 ? 63   TYR B N   1 
ATOM   1302 C CA  . TYR B 1 62  ? -1.463  1.992   -3.509  1.00 14.38 ? 63   TYR B CA  1 
ATOM   1303 C C   . TYR B 1 62  ? -0.869  2.780   -4.704  1.00 13.68 ? 63   TYR B C   1 
ATOM   1304 O O   . TYR B 1 62  ? -0.732  2.182   -5.779  1.00 15.01 ? 63   TYR B O   1 
ATOM   1305 C CB  . TYR B 1 62  ? -0.655  0.738   -3.235  1.00 15.95 ? 63   TYR B CB  1 
ATOM   1306 C CG  . TYR B 1 62  ? 0.806   1.001   -2.837  1.00 14.57 ? 63   TYR B CG  1 
ATOM   1307 C CD1 . TYR B 1 62  ? 1.802   0.949   -3.831  1.00 15.86 ? 63   TYR B CD1 1 
ATOM   1308 C CD2 . TYR B 1 62  ? 1.139   1.274   -1.551  1.00 15.44 ? 63   TYR B CD2 1 
ATOM   1309 C CE1 . TYR B 1 62  ? 3.134   1.188   -3.513  1.00 15.09 ? 63   TYR B CE1 1 
ATOM   1310 C CE2 . TYR B 1 62  ? 2.497   1.522   -1.196  1.00 13.56 ? 63   TYR B CE2 1 
ATOM   1311 C CZ  . TYR B 1 62  ? 3.435   1.466   -2.181  1.00 14.47 ? 63   TYR B CZ  1 
ATOM   1312 O OH  . TYR B 1 62  ? 4.772   1.659   -1.853  1.00 15.20 ? 63   TYR B OH  1 
ATOM   1313 N N   . ALA B 1 63  ? -0.598  4.076   -4.563  1.00 13.37 ? 64   ALA B N   1 
ATOM   1314 C CA  . ALA B 1 63  ? -0.194  4.888   -5.730  1.00 14.16 ? 64   ALA B CA  1 
ATOM   1315 C C   . ALA B 1 63  ? 1.215   5.474   -5.540  1.00 16.32 ? 64   ALA B C   1 
ATOM   1316 O O   . ALA B 1 63  ? 1.486   6.032   -4.475  1.00 14.80 ? 64   ALA B O   1 
ATOM   1317 C CB  . ALA B 1 63  ? -1.235  6.026   -5.881  1.00 15.13 ? 64   ALA B CB  1 
ATOM   1318 N N   . GLN B 1 64  ? 2.070   5.368   -6.532  1.00 14.49 ? 65   GLN B N   1 
ATOM   1319 C CA  . GLN B 1 64  ? 3.453   5.833   -6.412  1.00 15.69 ? 65   GLN B CA  1 
ATOM   1320 C C   . GLN B 1 64  ? 3.661   7.129   -7.223  1.00 15.73 ? 65   GLN B C   1 
ATOM   1321 O O   . GLN B 1 64  ? 3.123   7.179   -8.350  1.00 14.89 ? 65   GLN B O   1 
ATOM   1322 C CB  . GLN B 1 64  ? 4.403   4.798   -7.002  1.00 15.46 ? 65   GLN B CB  1 
ATOM   1323 C CG  . GLN B 1 64  ? 4.439   3.454   -6.236  1.00 17.03 ? 65   GLN B CG  1 
ATOM   1324 C CD  . GLN B 1 64  ? 5.275   2.483   -7.056  1.00 19.34 ? 65   GLN B CD  1 
ATOM   1325 O OE1 . GLN B 1 64  ? 5.056   2.334   -8.272  1.00 21.04 ? 65   GLN B OE1 1 
ATOM   1326 N NE2 . GLN B 1 64  ? 6.195   1.807   -6.395  1.00 20.04 ? 65   GLN B NE2 1 
ATOM   1327 N N   . TRP B 1 65  ? 4.177   8.168   -6.580  1.00 14.94 ? 66   TRP B N   1 
ATOM   1328 C CA  . TRP B 1 65  ? 4.417   9.438   -7.233  1.00 16.79 ? 66   TRP B CA  1 
ATOM   1329 C C   . TRP B 1 65  ? 5.894   9.844   -7.030  1.00 17.84 ? 66   TRP B C   1 
ATOM   1330 O O   . TRP B 1 65  ? 6.495   9.520   -5.976  1.00 16.47 ? 66   TRP B O   1 
ATOM   1331 C CB  . TRP B 1 65  ? 3.577   10.550  -6.606  1.00 15.94 ? 66   TRP B CB  1 
ATOM   1332 C CG  . TRP B 1 65  ? 2.101   10.290  -6.818  1.00 17.61 ? 66   TRP B CG  1 
ATOM   1333 C CD1 . TRP B 1 65  ? 1.298   9.500   -6.074  1.00 17.38 ? 66   TRP B CD1 1 
ATOM   1334 C CD2 . TRP B 1 65  ? 1.327   10.711  -7.953  1.00 16.40 ? 66   TRP B CD2 1 
ATOM   1335 N NE1 . TRP B 1 65  ? 0.046   9.468   -6.622  1.00 19.64 ? 66   TRP B NE1 1 
ATOM   1336 C CE2 . TRP B 1 65  ? 0.043   10.231  -7.777  1.00 17.53 ? 66   TRP B CE2 1 
ATOM   1337 C CE3 . TRP B 1 65  ? 1.588   11.543  -9.058  1.00 19.34 ? 66   TRP B CE3 1 
ATOM   1338 C CZ2 . TRP B 1 65  ? -1.010  10.468  -8.671  1.00 16.36 ? 66   TRP B CZ2 1 
ATOM   1339 C CZ3 . TRP B 1 65  ? 0.538   11.825  -9.929  1.00 16.67 ? 66   TRP B CZ3 1 
ATOM   1340 C CH2 . TRP B 1 65  ? -0.721  11.282  -9.726  1.00 16.23 ? 66   TRP B CH2 1 
ATOM   1341 N N   . GLU B 1 66  ? 6.422   10.688  -7.956  1.00 13.80 ? 67   GLU B N   1 
ATOM   1342 C CA  . GLU B 1 66  ? 7.748   11.214  -7.715  1.00 15.07 ? 67   GLU B CA  1 
ATOM   1343 C C   . GLU B 1 66  ? 7.768   12.174  -6.537  1.00 14.19 ? 67   GLU B C   1 
ATOM   1344 O O   . GLU B 1 66  ? 8.827   12.297  -5.899  1.00 13.45 ? 67   GLU B O   1 
ATOM   1345 C CB  . GLU B 1 66  ? 8.323   11.944  -8.970  1.00 18.69 ? 67   GLU B CB  1 
ATOM   1346 C CG  . GLU B 1 66  ? 8.576   10.868  -10.041 1.00 21.98 ? 67   GLU B CG  1 
ATOM   1347 C CD  . GLU B 1 66  ? 9.337   11.432  -11.244 1.00 27.98 ? 67   GLU B CD  1 
ATOM   1348 O OE1 . GLU B 1 66  ? 9.528   12.661  -11.317 1.00 28.20 ? 67   GLU B OE1 1 
ATOM   1349 O OE2 . GLU B 1 66  ? 9.722   10.577  -12.053 1.00 30.65 ? 67   GLU B OE2 1 
ATOM   1350 N N   . SER B 1 67  ? 6.713   12.929  -6.264  1.00 14.52 ? 68   SER B N   1 
ATOM   1351 C CA  . SER B 1 67  ? 6.782   13.881  -5.156  1.00 15.52 ? 68   SER B CA  1 
ATOM   1352 C C   . SER B 1 67  ? 5.378   14.266  -4.725  1.00 16.14 ? 68   SER B C   1 
ATOM   1353 O O   . SER B 1 67  ? 4.401   14.016  -5.431  1.00 15.43 ? 68   SER B O   1 
ATOM   1354 C CB  . SER B 1 67  ? 7.509   15.226  -5.541  1.00 16.37 ? 68   SER B CB  1 
ATOM   1355 O OG  . SER B 1 67  ? 6.670   15.780  -6.551  1.00 15.72 ? 68   SER B OG  1 
ATOM   1356 N N   . GLU B 1 68  ? 5.293   14.875  -3.522  1.00 15.74 ? 69   GLU B N   1 
ATOM   1357 C CA  . GLU B 1 68  ? 3.972   15.351  -3.078  1.00 18.91 ? 69   GLU B CA  1 
ATOM   1358 C C   . GLU B 1 68  ? 3.425   16.447  -4.013  1.00 17.68 ? 69   GLU B C   1 
ATOM   1359 O O   . GLU B 1 68  ? 2.206   16.525  -4.227  1.00 18.35 ? 69   GLU B O   1 
ATOM   1360 C CB  . GLU B 1 68  ? 4.093   15.895  -1.648  1.00 20.56 ? 69   GLU B CB  1 
ATOM   1361 C CG  . GLU B 1 68  ? 2.751   16.283  -1.026  1.00 21.63 ? 69   GLU B CG  1 
ATOM   1362 C CD  . GLU B 1 68  ? 2.380   17.751  -1.247  1.00 22.50 ? 69   GLU B CD  1 
ATOM   1363 O OE1 . GLU B 1 68  ? 3.237   18.553  -1.660  1.00 22.69 ? 69   GLU B OE1 1 
ATOM   1364 O OE2 . GLU B 1 68  ? 1.203   18.125  -1.071  1.00 21.87 ? 69   GLU B OE2 1 
ATOM   1365 N N   . GLN B 1 69  ? 4.326   17.243  -4.612  1.00 19.95 ? 70   GLN B N   1 
ATOM   1366 C CA  . GLN B 1 69  ? 3.861   18.297  -5.551  1.00 22.57 ? 70   GLN B CA  1 
ATOM   1367 C C   . GLN B 1 69  ? 3.236   17.742  -6.820  1.00 22.10 ? 70   GLN B C   1 
ATOM   1368 O O   . GLN B 1 69  ? 2.256   18.311  -7.306  1.00 24.56 ? 70   GLN B O   1 
ATOM   1369 C CB  . GLN B 1 69  ? 5.005   19.197  -6.041  1.00 25.16 ? 70   GLN B CB  1 
ATOM   1370 C CG  . GLN B 1 69  ? 5.600   20.174  -5.086  1.00 30.48 ? 70   GLN B CG  1 
ATOM   1371 C CD  . GLN B 1 69  ? 6.192   19.470  -3.876  1.00 35.56 ? 70   GLN B CD  1 
ATOM   1372 O OE1 . GLN B 1 69  ? 6.771   18.359  -3.939  1.00 33.61 ? 70   GLN B OE1 1 
ATOM   1373 N NE2 . GLN B 1 69  ? 5.896   20.157  -2.749  1.00 38.60 ? 70   GLN B NE2 1 
ATOM   1374 N N   . ALA B 1 70  ? 3.790   16.645  -7.322  1.00 19.56 ? 71   ALA B N   1 
ATOM   1375 C CA  . ALA B 1 70  ? 3.241   15.963  -8.488  1.00 20.94 ? 71   ALA B CA  1 
ATOM   1376 C C   . ALA B 1 70  ? 1.838   15.494  -8.217  1.00 21.14 ? 71   ALA B C   1 
ATOM   1377 O O   . ALA B 1 70  ? 0.949   15.671  -9.035  1.00 21.91 ? 71   ALA B O   1 
ATOM   1378 C CB  . ALA B 1 70  ? 4.117   14.812  -8.933  1.00 17.91 ? 71   ALA B CB  1 
ATOM   1379 N N   . TYR B 1 71  ? 1.592   14.851  -7.057  1.00 18.00 ? 72   TYR B N   1 
ATOM   1380 C CA  . TYR B 1 71  ? 0.275   14.426  -6.710  1.00 16.75 ? 72   TYR B CA  1 
ATOM   1381 C C   . TYR B 1 71  ? -0.668  15.606  -6.511  1.00 16.91 ? 72   TYR B C   1 
ATOM   1382 O O   . TYR B 1 71  ? -1.779  15.568  -7.078  1.00 18.12 ? 72   TYR B O   1 
ATOM   1383 C CB  . TYR B 1 71  ? 0.335   13.623  -5.360  1.00 16.19 ? 72   TYR B CB  1 
ATOM   1384 C CG  . TYR B 1 71  ? -1.037  13.368  -4.808  1.00 18.61 ? 72   TYR B CG  1 
ATOM   1385 C CD1 . TYR B 1 71  ? -1.909  12.434  -5.394  1.00 22.67 ? 72   TYR B CD1 1 
ATOM   1386 C CD2 . TYR B 1 71  ? -1.455  14.026  -3.671  1.00 20.94 ? 72   TYR B CD2 1 
ATOM   1387 C CE1 . TYR B 1 71  ? -3.194  12.220  -4.898  1.00 22.43 ? 72   TYR B CE1 1 
ATOM   1388 C CE2 . TYR B 1 71  ? -2.710  13.787  -3.129  1.00 23.81 ? 72   TYR B CE2 1 
ATOM   1389 C CZ  . TYR B 1 71  ? -3.566  12.905  -3.755  1.00 24.58 ? 72   TYR B CZ  1 
ATOM   1390 O OH  . TYR B 1 71  ? -4.809  12.697  -3.186  1.00 25.46 ? 72   TYR B OH  1 
ATOM   1391 N N   . ARG B 1 72  ? -0.259  16.574  -5.712  1.00 15.71 ? 73   ARG B N   1 
ATOM   1392 C CA  . ARG B 1 72  ? -1.200  17.649  -5.368  1.00 17.76 ? 73   ARG B CA  1 
ATOM   1393 C C   . ARG B 1 72  ? -1.530  18.592  -6.511  1.00 16.47 ? 73   ARG B C   1 
ATOM   1394 O O   . ARG B 1 72  ? -2.698  18.942  -6.667  1.00 17.59 ? 73   ARG B O   1 
ATOM   1395 C CB  . ARG B 1 72  ? -0.662  18.420  -4.140  1.00 19.16 ? 73   ARG B CB  1 
ATOM   1396 C CG  . ARG B 1 72  ? -1.451  19.697  -3.798  1.00 22.08 ? 73   ARG B CG  1 
ATOM   1397 C CD  . ARG B 1 72  ? -0.909  20.248  -2.464  1.00 23.27 ? 73   ARG B CD  1 
ATOM   1398 N NE  . ARG B 1 72  ? 0.540   20.449  -2.468  1.00 22.84 ? 73   ARG B NE  1 
ATOM   1399 C CZ  . ARG B 1 72  ? 1.389   21.310  -2.921  1.00 25.25 ? 73   ARG B CZ  1 
ATOM   1400 N NH1 . ARG B 1 72  ? 1.039   22.464  -3.524  1.00 26.96 ? 73   ARG B NH1 1 
ATOM   1401 N NH2 . ARG B 1 72  ? 2.707   21.158  -2.831  1.00 26.18 ? 73   ARG B NH2 1 
ATOM   1402 N N   . VAL B 1 73  ? -0.555  18.973  -7.304  1.00 16.80 ? 74   VAL B N   1 
ATOM   1403 C CA  . VAL B 1 73  ? -0.819  19.907  -8.422  1.00 18.85 ? 74   VAL B CA  1 
ATOM   1404 C C   . VAL B 1 73  ? -0.888  19.216  -9.787  1.00 19.33 ? 74   VAL B C   1 
ATOM   1405 O O   . VAL B 1 73  ? -1.921  19.279  -10.441 1.00 19.00 ? 74   VAL B O   1 
ATOM   1406 C CB  . VAL B 1 73  ? 0.236   21.019  -8.440  1.00 19.13 ? 74   VAL B CB  1 
ATOM   1407 C CG1 . VAL B 1 73  ? -0.159  22.108  -9.430  1.00 23.16 ? 74   VAL B CG1 1 
ATOM   1408 C CG2 . VAL B 1 73  ? 0.405   21.700  -7.066  1.00 22.62 ? 74   VAL B CG2 1 
ATOM   1409 N N   . ASN B 1 74  ? 0.179   18.515  -10.207 1.00 17.99 ? 75   ASN B N   1 
ATOM   1410 C CA  . ASN B 1 74  ? 0.140   17.940  -11.581 1.00 19.94 ? 75   ASN B CA  1 
ATOM   1411 C C   . ASN B 1 74  ? -1.139  17.144  -11.803 1.00 21.57 ? 75   ASN B C   1 
ATOM   1412 O O   . ASN B 1 74  ? -1.785  17.141  -12.866 1.00 18.79 ? 75   ASN B O   1 
ATOM   1413 C CB  . ASN B 1 74  ? 1.393   17.120  -11.837 1.00 19.39 ? 75   ASN B CB  1 
ATOM   1414 C CG  . ASN B 1 74  ? 2.717   17.853  -11.788 1.00 18.63 ? 75   ASN B CG  1 
ATOM   1415 O OD1 . ASN B 1 74  ? 3.781   17.209  -11.877 1.00 23.25 ? 75   ASN B OD1 1 
ATOM   1416 N ND2 . ASN B 1 74  ? 2.747   19.124  -11.558 1.00 16.28 ? 75   ASN B ND2 1 
ATOM   1417 N N   . PHE B 1 75  ? -1.483  16.342  -10.776 1.00 19.88 ? 76   PHE B N   1 
ATOM   1418 C CA  . PHE B 1 75  ? -2.693  15.558  -10.785 1.00 19.67 ? 76   PHE B CA  1 
ATOM   1419 C C   . PHE B 1 75  ? -3.869  16.339  -10.207 1.00 19.14 ? 76   PHE B C   1 
ATOM   1420 O O   . PHE B 1 75  ? -4.865  16.571  -10.902 1.00 19.14 ? 76   PHE B O   1 
ATOM   1421 C CB  . PHE B 1 75  ? -2.482  14.234  -9.996  1.00 19.07 ? 76   PHE B CB  1 
ATOM   1422 C CG  . PHE B 1 75  ? -3.690  13.343  -9.890  1.00 21.57 ? 76   PHE B CG  1 
ATOM   1423 C CD1 . PHE B 1 75  ? -4.215  12.740  -11.012 1.00 21.22 ? 76   PHE B CD1 1 
ATOM   1424 C CD2 . PHE B 1 75  ? -4.262  13.078  -8.651  1.00 22.18 ? 76   PHE B CD2 1 
ATOM   1425 C CE1 . PHE B 1 75  ? -5.307  11.882  -10.931 1.00 23.12 ? 76   PHE B CE1 1 
ATOM   1426 C CE2 . PHE B 1 75  ? -5.358  12.249  -8.549  1.00 22.62 ? 76   PHE B CE2 1 
ATOM   1427 C CZ  . PHE B 1 75  ? -5.864  11.632  -9.697  1.00 22.89 ? 76   PHE B CZ  1 
ATOM   1428 N N   . GLY B 1 76  ? -3.720  16.808  -8.963  1.00 19.83 ? 77   GLY B N   1 
ATOM   1429 C CA  . GLY B 1 76  ? -4.794  17.402  -8.181  1.00 21.97 ? 77   GLY B CA  1 
ATOM   1430 C C   . GLY B 1 76  ? -5.363  18.697  -8.755  1.00 21.60 ? 77   GLY B C   1 
ATOM   1431 O O   . GLY B 1 76  ? -6.527  18.970  -8.530  1.00 21.82 ? 77   GLY B O   1 
ATOM   1432 N N   . ALA B 1 77  ? -4.574  19.492  -9.457  1.00 22.54 ? 78   ALA B N   1 
ATOM   1433 C CA  . ALA B 1 77  ? -5.071  20.778  -10.012 1.00 21.69 ? 78   ALA B CA  1 
ATOM   1434 C C   . ALA B 1 77  ? -5.695  20.566  -11.380 1.00 23.30 ? 78   ALA B C   1 
ATOM   1435 O O   . ALA B 1 77  ? -6.392  21.450  -11.899 1.00 20.93 ? 78   ALA B O   1 
ATOM   1436 C CB  . ALA B 1 77  ? -3.946  21.794  -10.114 1.00 22.09 ? 78   ALA B CB  1 
ATOM   1437 N N   . ASP B 1 78  ? -5.429  19.432  -12.003 1.00 22.96 ? 79   ASP B N   1 
ATOM   1438 C CA  . ASP B 1 78  ? -6.063  19.151  -13.289 1.00 23.99 ? 79   ASP B CA  1 
ATOM   1439 C C   . ASP B 1 78  ? -7.544  18.961  -13.038 1.00 25.98 ? 79   ASP B C   1 
ATOM   1440 O O   . ASP B 1 78  ? -7.967  18.127  -12.223 1.00 21.66 ? 79   ASP B O   1 
ATOM   1441 C CB  . ASP B 1 78  ? -5.381  17.930  -13.868 1.00 23.80 ? 79   ASP B CB  1 
ATOM   1442 C CG  . ASP B 1 78  ? -5.733  17.671  -15.335 1.00 26.57 ? 79   ASP B CG  1 
ATOM   1443 O OD1 . ASP B 1 78  ? -6.937  17.475  -15.609 1.00 25.24 ? 79   ASP B OD1 1 
ATOM   1444 O OD2 . ASP B 1 78  ? -4.771  17.627  -16.136 1.00 23.30 ? 79   ASP B OD2 1 
ATOM   1445 N N   . PRO B 1 79  ? -8.413  19.593  -13.811 1.00 26.59 ? 80   PRO B N   1 
ATOM   1446 C CA  . PRO B 1 79  ? -9.858  19.431  -13.676 1.00 27.30 ? 80   PRO B CA  1 
ATOM   1447 C C   . PRO B 1 79  ? -10.307 17.984  -13.778 1.00 26.13 ? 80   PRO B C   1 
ATOM   1448 O O   . PRO B 1 79  ? -11.280 17.538  -13.171 1.00 23.83 ? 80   PRO B O   1 
ATOM   1449 C CB  . PRO B 1 79  ? -10.416 20.247  -14.859 1.00 28.21 ? 80   PRO B CB  1 
ATOM   1450 C CG  . PRO B 1 79  ? -9.383  21.339  -14.972 1.00 31.72 ? 80   PRO B CG  1 
ATOM   1451 C CD  . PRO B 1 79  ? -8.051  20.587  -14.868 1.00 28.35 ? 80   PRO B CD  1 
ATOM   1452 N N   . ARG B 1 80  ? -9.594  17.160  -14.544 1.00 21.71 ? 81   ARG B N   1 
ATOM   1453 C CA  . ARG B 1 80  ? -9.935  15.766  -14.712 1.00 23.31 ? 81   ARG B CA  1 
ATOM   1454 C C   . ARG B 1 80  ? -9.917  14.968  -13.401 1.00 22.95 ? 81   ARG B C   1 
ATOM   1455 O O   . ARG B 1 80  ? -10.544 13.921  -13.334 1.00 21.90 ? 81   ARG B O   1 
ATOM   1456 C CB  . ARG B 1 80  ? -9.082  15.081  -15.780 1.00 21.73 ? 81   ARG B CB  1 
ATOM   1457 C CG  . ARG B 1 80  ? -9.446  15.630  -17.175 1.00 22.83 ? 81   ARG B CG  1 
ATOM   1458 C CD  . ARG B 1 80  ? -8.376  15.180  -18.185 1.00 22.65 ? 81   ARG B CD  1 
ATOM   1459 N NE  . ARG B 1 80  ? -7.112  15.943  -18.059 1.00 18.83 ? 81   ARG B NE  1 
ATOM   1460 C CZ  . ARG B 1 80  ? -6.109  15.880  -18.941 1.00 19.39 ? 81   ARG B CZ  1 
ATOM   1461 N NH1 . ARG B 1 80  ? -6.212  15.119  -20.035 1.00 19.37 ? 81   ARG B NH1 1 
ATOM   1462 N NH2 . ARG B 1 80  ? -4.988  16.571  -18.787 1.00 21.87 ? 81   ARG B NH2 1 
ATOM   1463 N N   . SER B 1 81  ? -9.123  15.379  -12.449 1.00 23.61 ? 82   SER B N   1 
ATOM   1464 C CA  . SER B 1 81  ? -9.042  14.613  -11.197 1.00 25.82 ? 82   SER B CA  1 
ATOM   1465 C C   . SER B 1 81  ? -10.283 14.916  -10.349 1.00 26.32 ? 82   SER B C   1 
ATOM   1466 O O   . SER B 1 81  ? -10.799 13.988  -9.719  1.00 25.51 ? 82   SER B O   1 
ATOM   1467 C CB  . SER B 1 81  ? -7.753  14.944  -10.442 1.00 23.93 ? 82   SER B CB  1 
ATOM   1468 O OG  . SER B 1 81  ? -7.798  16.281  -10.016 1.00 22.87 ? 82   SER B OG  1 
ATOM   1469 N N   . ALA B 1 82  ? -10.766 16.157  -10.448 1.00 26.43 ? 83   ALA B N   1 
ATOM   1470 C CA  . ALA B 1 82  ? -12.037 16.502  -9.773  1.00 27.76 ? 83   ALA B CA  1 
ATOM   1471 C C   . ALA B 1 82  ? -13.168 15.719  -10.428 1.00 30.15 ? 83   ALA B C   1 
ATOM   1472 O O   . ALA B 1 82  ? -14.066 15.175  -9.756  1.00 29.88 ? 83   ALA B O   1 
ATOM   1473 C CB  . ALA B 1 82  ? -12.352 17.976  -9.770  1.00 26.67 ? 83   ALA B CB  1 
ATOM   1474 N N   . GLU B 1 83  ? -13.111 15.619  -11.764 1.00 30.18 ? 84   GLU B N   1 
ATOM   1475 C CA  . GLU B 1 83  ? -14.073 14.840  -12.496 1.00 30.70 ? 84   GLU B CA  1 
ATOM   1476 C C   . GLU B 1 83  ? -14.072 13.394  -12.020 1.00 30.77 ? 84   GLU B C   1 
ATOM   1477 O O   . GLU B 1 83  ? -15.132 12.790  -11.785 1.00 27.75 ? 84   GLU B O   1 
ATOM   1478 C CB  . GLU B 1 83  ? -13.762 14.834  -14.015 1.00 31.47 ? 84   GLU B CB  1 
ATOM   1479 C CG  . GLU B 1 83  ? -15.019 14.495  -14.790 1.00 33.45 ? 84   GLU B CG  1 
ATOM   1480 C CD  . GLU B 1 83  ? -14.969 14.803  -16.279 1.00 34.72 ? 84   GLU B CD  1 
ATOM   1481 O OE1 . GLU B 1 83  ? -14.078 15.579  -16.694 1.00 32.68 ? 84   GLU B OE1 1 
ATOM   1482 O OE2 . GLU B 1 83  ? -15.861 14.217  -16.944 1.00 35.64 ? 84   GLU B OE2 1 
ATOM   1483 N N   . LEU B 1 84  ? -12.877 12.802  -11.989 1.00 26.36 ? 85   LEU B N   1 
ATOM   1484 C CA  . LEU B 1 84  ? -12.733 11.430  -11.534 1.00 27.55 ? 85   LEU B CA  1 
ATOM   1485 C C   . LEU B 1 84  ? -13.176 11.283  -10.080 1.00 27.24 ? 85   LEU B C   1 
ATOM   1486 O O   . LEU B 1 84  ? -13.948 10.364  -9.761  1.00 26.80 ? 85   LEU B O   1 
ATOM   1487 C CB  . LEU B 1 84  ? -11.252 11.050  -11.625 1.00 28.75 ? 85   LEU B CB  1 
ATOM   1488 C CG  . LEU B 1 84  ? -10.789 9.739   -10.990 1.00 30.13 ? 85   LEU B CG  1 
ATOM   1489 C CD1 . LEU B 1 84  ? -11.485 8.522   -11.579 1.00 30.20 ? 85   LEU B CD1 1 
ATOM   1490 C CD2 . LEU B 1 84  ? -9.277  9.625   -11.079 1.00 30.42 ? 85   LEU B CD2 1 
ATOM   1491 N N   . ARG B 1 85  ? -12.741 12.201  -9.205  1.00 27.62 ? 86   ARG B N   1 
ATOM   1492 C CA  . ARG B 1 85  ? -13.202 12.090  -7.801  1.00 31.74 ? 86   ARG B CA  1 
ATOM   1493 C C   . ARG B 1 85  ? -14.709 12.040  -7.643  1.00 33.53 ? 86   ARG B C   1 
ATOM   1494 O O   . ARG B 1 85  ? -15.292 11.186  -6.954  1.00 32.39 ? 86   ARG B O   1 
ATOM   1495 C CB  . ARG B 1 85  ? -12.454 13.183  -7.033  1.00 32.30 ? 86   ARG B CB  1 
ATOM   1496 C CG  . ARG B 1 85  ? -11.029 12.655  -6.753  1.00 34.39 ? 86   ARG B CG  1 
ATOM   1497 C CD  . ARG B 1 85  ? -10.032 13.762  -6.465  1.00 38.14 ? 86   ARG B CD  1 
ATOM   1498 N NE  . ARG B 1 85  ? -8.820  13.293  -5.837  1.00 39.65 ? 86   ARG B NE  1 
ATOM   1499 C CZ  . ARG B 1 85  ? -7.643  13.856  -5.634  1.00 40.52 ? 86   ARG B CZ  1 
ATOM   1500 N NH1 . ARG B 1 85  ? -7.313  15.076  -6.061  1.00 40.95 ? 86   ARG B NH1 1 
ATOM   1501 N NH2 . ARG B 1 85  ? -6.724  13.158  -4.973  1.00 39.54 ? 86   ARG B NH2 1 
ATOM   1502 N N   . GLU B 1 86  ? -15.463 12.865  -8.363  1.00 33.50 ? 87   GLU B N   1 
ATOM   1503 C CA  . GLU B 1 86  ? -16.920 12.922  -8.312  1.00 35.88 ? 87   GLU B CA  1 
ATOM   1504 C C   . GLU B 1 86  ? -17.578 11.617  -8.745  1.00 35.58 ? 87   GLU B C   1 
ATOM   1505 O O   . GLU B 1 86  ? -18.540 11.118  -8.149  1.00 35.02 ? 87   GLU B O   1 
ATOM   1506 C CB  . GLU B 1 86  ? -17.328 14.095  -9.197  1.00 38.90 ? 87   GLU B CB  1 
ATOM   1507 C CG  . GLU B 1 86  ? -18.778 14.379  -9.477  1.00 44.15 ? 87   GLU B CG  1 
ATOM   1508 C CD  . GLU B 1 86  ? -19.525 14.867  -8.247  1.00 47.69 ? 87   GLU B CD  1 
ATOM   1509 O OE1 . GLU B 1 86  ? -18.965 15.582  -7.391  1.00 50.01 ? 87   GLU B OE1 1 
ATOM   1510 O OE2 . GLU B 1 86  ? -20.704 14.447  -8.182  1.00 51.11 ? 87   GLU B OE2 1 
ATOM   1511 N N   . ALA B 1 87  ? -17.112 11.045  -9.843  1.00 34.26 ? 88   ALA B N   1 
ATOM   1512 C CA  . ALA B 1 87  ? -17.612 9.824   -10.433 1.00 35.01 ? 88   ALA B CA  1 
ATOM   1513 C C   . ALA B 1 87  ? -17.417 8.659   -9.463  1.00 37.06 ? 88   ALA B C   1 
ATOM   1514 O O   . ALA B 1 87  ? -18.278 7.783   -9.399  1.00 36.24 ? 88   ALA B O   1 
ATOM   1515 C CB  . ALA B 1 87  ? -16.830 9.436   -11.691 1.00 34.16 ? 88   ALA B CB  1 
ATOM   1516 N N   . LEU B 1 88  ? -16.271 8.629   -8.778  1.00 37.53 ? 89   LEU B N   1 
ATOM   1517 C CA  . LEU B 1 88  ? -15.990 7.536   -7.846  1.00 38.08 ? 89   LEU B CA  1 
ATOM   1518 C C   . LEU B 1 88  ? -16.901 7.676   -6.639  1.00 39.03 ? 89   LEU B C   1 
ATOM   1519 O O   . LEU B 1 88  ? -17.340 6.649   -6.141  1.00 40.06 ? 89   LEU B O   1 
ATOM   1520 C CB  . LEU B 1 88  ? -14.526 7.534   -7.386  1.00 38.20 ? 89   LEU B CB  1 
ATOM   1521 C CG  . LEU B 1 88  ? -13.495 7.145   -8.447  1.00 37.47 ? 89   LEU B CG  1 
ATOM   1522 C CD1 . LEU B 1 88  ? -12.070 7.204   -7.909  1.00 36.89 ? 89   LEU B CD1 1 
ATOM   1523 C CD2 . LEU B 1 88  ? -13.784 5.773   -9.035  1.00 37.69 ? 89   LEU B CD2 1 
ATOM   1524 N N   . SER B 1 89  ? -17.221 8.909   -6.257  1.00 41.37 ? 90   SER B N   1 
ATOM   1525 C CA  . SER B 1 89  ? -18.044 9.169   -5.085  1.00 43.06 ? 90   SER B CA  1 
ATOM   1526 C C   . SER B 1 89  ? -19.533 8.940   -5.301  1.00 43.71 ? 90   SER B C   1 
ATOM   1527 O O   . SER B 1 89  ? -20.286 8.781   -4.323  1.00 43.76 ? 90   SER B O   1 
ATOM   1528 C CB  . SER B 1 89  ? -17.763 10.601  -4.597  1.00 44.86 ? 90   SER B CB  1 
ATOM   1529 O OG  . SER B 1 89  ? -18.421 11.581  -5.409  1.00 47.06 ? 90   SER B OG  1 
ATOM   1530 N N   . SER B 1 90  ? -19.950 8.876   -6.555  1.00 41.71 ? 91   SER B N   1 
ATOM   1531 C CA  . SER B 1 90  ? -21.351 8.727   -6.921  1.00 42.26 ? 91   SER B CA  1 
ATOM   1532 C C   . SER B 1 90  ? -21.739 7.298   -7.228  1.00 40.97 ? 91   SER B C   1 
ATOM   1533 O O   . SER B 1 90  ? -22.889 6.982   -7.492  1.00 41.25 ? 91   SER B O   1 
ATOM   1534 C CB  . SER B 1 90  ? -21.538 9.616   -8.176  1.00 42.25 ? 91   SER B CB  1 
ATOM   1535 O OG  . SER B 1 90  ? -21.256 10.950  -7.755  1.00 41.87 ? 91   SER B OG  1 
ATOM   1536 N N   . LEU B 1 91  ? -20.731 6.432   -7.285  1.00 39.55 ? 92   LEU B N   1 
ATOM   1537 C CA  . LEU B 1 91  ? -20.985 4.999   -7.567  1.00 38.15 ? 92   LEU B CA  1 
ATOM   1538 C C   . LEU B 1 91  ? -21.841 4.433   -6.458  1.00 37.45 ? 92   LEU B C   1 
ATOM   1539 O O   . LEU B 1 91  ? -21.657 4.671   -5.267  1.00 38.25 ? 92   LEU B O   1 
ATOM   1540 C CB  . LEU B 1 91  ? -19.593 4.407   -7.670  1.00 37.26 ? 92   LEU B CB  1 
ATOM   1541 C CG  . LEU B 1 91  ? -19.299 3.114   -8.391  1.00 38.32 ? 92   LEU B CG  1 
ATOM   1542 C CD1 . LEU B 1 91  ? -19.273 3.292   -9.897  1.00 37.04 ? 92   LEU B CD1 1 
ATOM   1543 C CD2 . LEU B 1 91  ? -17.956 2.583   -7.881  1.00 37.90 ? 92   LEU B CD2 1 
ATOM   1544 N N   . PRO B 1 92  ? -22.913 3.712   -6.770  1.00 39.80 ? 93   PRO B N   1 
ATOM   1545 C CA  . PRO B 1 92  ? -23.758 3.063   -5.780  1.00 39.27 ? 93   PRO B CA  1 
ATOM   1546 C C   . PRO B 1 92  ? -22.985 1.931   -5.104  1.00 38.06 ? 93   PRO B C   1 
ATOM   1547 O O   . PRO B 1 92  ? -22.187 1.265   -5.778  1.00 38.00 ? 93   PRO B O   1 
ATOM   1548 C CB  . PRO B 1 92  ? -24.909 2.483   -6.588  1.00 40.12 ? 93   PRO B CB  1 
ATOM   1549 C CG  . PRO B 1 92  ? -24.292 2.207   -7.924  1.00 40.15 ? 93   PRO B CG  1 
ATOM   1550 C CD  . PRO B 1 92  ? -23.279 3.305   -8.156  1.00 39.86 ? 93   PRO B CD  1 
ATOM   1551 N N   . GLY B 1 93  ? -23.216 1.702   -3.824  1.00 37.51 ? 94   GLY B N   1 
ATOM   1552 C CA  . GLY B 1 93  ? -22.481 0.604   -3.171  1.00 36.40 ? 94   GLY B CA  1 
ATOM   1553 C C   . GLY B 1 93  ? -21.335 1.141   -2.302  1.00 36.39 ? 94   GLY B C   1 
ATOM   1554 O O   . GLY B 1 93  ? -20.750 0.339   -1.556  1.00 33.67 ? 94   GLY B O   1 
ATOM   1555 N N   . LEU B 1 94  ? -20.982 2.409   -2.443  1.00 36.03 ? 95   LEU B N   1 
ATOM   1556 C CA  . LEU B 1 94  ? -19.941 2.988   -1.585  1.00 37.46 ? 95   LEU B CA  1 
ATOM   1557 C C   . LEU B 1 94  ? -20.533 3.135   -0.181  1.00 37.44 ? 95   LEU B C   1 
ATOM   1558 O O   . LEU B 1 94  ? -21.686 3.591   -0.132  1.00 35.80 ? 95   LEU B O   1 
ATOM   1559 C CB  . LEU B 1 94  ? -19.525 4.388   -2.013  1.00 38.42 ? 95   LEU B CB  1 
ATOM   1560 C CG  . LEU B 1 94  ? -18.147 4.643   -2.604  1.00 41.00 ? 95   LEU B CG  1 
ATOM   1561 C CD1 . LEU B 1 94  ? -17.931 6.140   -2.836  1.00 40.99 ? 95   LEU B CD1 1 
ATOM   1562 C CD2 . LEU B 1 94  ? -17.003 4.172   -1.696  1.00 39.63 ? 95   LEU B CD2 1 
ATOM   1563 N N   . MET B 1 95  ? -19.796 2.833   0.864   1.00 35.90 ? 96   MET B N   1 
ATOM   1564 C CA  . MET B 1 95  ? -20.263 2.945   2.227   1.00 38.74 ? 96   MET B CA  1 
ATOM   1565 C C   . MET B 1 95  ? -19.891 4.263   2.903   1.00 38.68 ? 96   MET B C   1 
ATOM   1566 O O   . MET B 1 95  ? -20.421 4.580   3.987   1.00 41.79 ? 96   MET B O   1 
ATOM   1567 C CB  . MET B 1 95  ? -19.627 1.846   3.080   1.00 42.20 ? 96   MET B CB  1 
ATOM   1568 C CG  . MET B 1 95  ? -20.024 0.422   2.815   1.00 46.56 ? 96   MET B CG  1 
ATOM   1569 S SD  . MET B 1 95  ? -21.469 -0.065  3.792   1.00 52.83 ? 96   MET B SD  1 
ATOM   1570 C CE  . MET B 1 95  ? -22.732 0.717   2.746   1.00 48.19 ? 96   MET B CE  1 
ATOM   1571 N N   . GLY B 1 96  ? -18.955 5.018   2.359   1.00 34.76 ? 97   GLY B N   1 
ATOM   1572 C CA  . GLY B 1 96  ? -18.566 6.307   2.976   1.00 34.58 ? 97   GLY B CA  1 
ATOM   1573 C C   . GLY B 1 96  ? -17.568 6.918   1.982   1.00 33.45 ? 97   GLY B C   1 
ATOM   1574 O O   . GLY B 1 96  ? -17.320 6.262   0.974   1.00 29.97 ? 97   GLY B O   1 
ATOM   1575 N N   . PRO B 1 97  ? -17.021 8.089   2.270   1.00 33.62 ? 98   PRO B N   1 
ATOM   1576 C CA  . PRO B 1 97  ? -16.043 8.735   1.397   1.00 30.57 ? 98   PRO B CA  1 
ATOM   1577 C C   . PRO B 1 97  ? -14.684 8.040   1.521   1.00 28.92 ? 98   PRO B C   1 
ATOM   1578 O O   . PRO B 1 97  ? -14.399 7.453   2.569   1.00 25.62 ? 98   PRO B O   1 
ATOM   1579 C CB  . PRO B 1 97  ? -15.979 10.145  1.981   1.00 31.81 ? 98   PRO B CB  1 
ATOM   1580 C CG  . PRO B 1 97  ? -16.142 9.917   3.447   1.00 31.95 ? 98   PRO B CG  1 
ATOM   1581 C CD  . PRO B 1 97  ? -17.263 8.893   3.492   1.00 33.92 ? 98   PRO B CD  1 
ATOM   1582 N N   . PRO B 1 98  ? -13.874 8.050   0.471   1.00 26.80 ? 99   PRO B N   1 
ATOM   1583 C CA  . PRO B 1 98  ? -12.576 7.437   0.481   1.00 26.05 ? 99   PRO B CA  1 
ATOM   1584 C C   . PRO B 1 98  ? -11.701 8.110   1.518   1.00 26.25 ? 99   PRO B C   1 
ATOM   1585 O O   . PRO B 1 98  ? -11.874 9.305   1.797   1.00 23.66 ? 99   PRO B O   1 
ATOM   1586 C CB  . PRO B 1 98  ? -11.939 7.743   -0.896  1.00 26.56 ? 99   PRO B CB  1 
ATOM   1587 C CG  . PRO B 1 98  ? -12.921 8.566   -1.619  1.00 29.82 ? 99   PRO B CG  1 
ATOM   1588 C CD  . PRO B 1 98  ? -14.208 8.650   -0.842  1.00 27.11 ? 99   PRO B CD  1 
ATOM   1589 N N   . LYS B 1 99  ? -10.770 7.346   2.082   1.00 24.26 ? 100  LYS B N   1 
ATOM   1590 C CA  . LYS B 1 99  ? -9.867  7.936   3.061   1.00 25.15 ? 100  LYS B CA  1 
ATOM   1591 C C   . LYS B 1 99  ? -8.443  7.670   2.541   1.00 23.30 ? 100  LYS B C   1 
ATOM   1592 O O   . LYS B 1 99  ? -8.112  6.545   2.235   1.00 20.77 ? 100  LYS B O   1 
ATOM   1593 C CB  . LYS B 1 99  ? -10.019 7.336   4.446   1.00 29.92 ? 100  LYS B CB  1 
ATOM   1594 C CG  . LYS B 1 99  ? -10.996 8.026   5.388   1.00 35.01 ? 100  LYS B CG  1 
ATOM   1595 C CD  . LYS B 1 99  ? -12.453 7.840   5.077   1.00 40.47 ? 100  LYS B CD  1 
ATOM   1596 C CE  . LYS B 1 99  ? -13.389 8.595   6.029   1.00 42.91 ? 100  LYS B CE  1 
ATOM   1597 N NZ  . LYS B 1 99  ? -13.237 10.077  5.781   1.00 44.16 ? 100  LYS B NZ  1 
ATOM   1598 N N   . ALA B 1 100 ? -7.677  8.748   2.448   1.00 20.18 ? 101  ALA B N   1 
ATOM   1599 C CA  . ALA B 1 100 ? -6.311  8.573   1.971   1.00 18.19 ? 101  ALA B CA  1 
ATOM   1600 C C   . ALA B 1 100 ? -5.355  8.731   3.140   1.00 18.56 ? 101  ALA B C   1 
ATOM   1601 O O   . ALA B 1 100 ? -5.559  9.527   4.075   1.00 14.66 ? 101  ALA B O   1 
ATOM   1602 C CB  . ALA B 1 100 ? -6.134  9.642   0.900   1.00 21.83 ? 101  ALA B CB  1 
ATOM   1603 N N   . VAL B 1 101 ? -4.242  8.034   3.050   1.00 16.45 ? 102  VAL B N   1 
ATOM   1604 C CA  . VAL B 1 101 ? -3.118  8.211   3.983   1.00 14.49 ? 102  VAL B CA  1 
ATOM   1605 C C   . VAL B 1 101 ? -1.863  8.488   3.146   1.00 13.10 ? 102  VAL B C   1 
ATOM   1606 O O   . VAL B 1 101 ? -1.589  7.774   2.162   1.00 13.89 ? 102  VAL B O   1 
ATOM   1607 C CB  . VAL B 1 101 ? -2.941  6.911   4.808   1.00 16.30 ? 102  VAL B CB  1 
ATOM   1608 C CG1 . VAL B 1 101 ? -1.654  7.058   5.620   1.00 14.91 ? 102  VAL B CG1 1 
ATOM   1609 C CG2 . VAL B 1 101 ? -4.124  6.680   5.757   1.00 20.42 ? 102  VAL B CG2 1 
ATOM   1610 N N   . PHE B 1 102 ? -1.118  9.569   3.393   1.00 12.94 ? 103  PHE B N   1 
ATOM   1611 C CA  . PHE B 1 102 ? 0.019   9.986   2.553   1.00 13.36 ? 103  PHE B CA  1 
ATOM   1612 C C   . PHE B 1 102 ? 1.288   9.559   3.307   1.00 14.36 ? 103  PHE B C   1 
ATOM   1613 O O   . PHE B 1 102 ? 1.223   9.738   4.532   1.00 14.64 ? 103  PHE B O   1 
ATOM   1614 C CB  . PHE B 1 102 ? -0.059  11.510  2.365   1.00 15.14 ? 103  PHE B CB  1 
ATOM   1615 C CG  . PHE B 1 102 ? -1.350  11.851  1.616   1.00 14.98 ? 103  PHE B CG  1 
ATOM   1616 C CD1 . PHE B 1 102 ? -1.534  11.350  0.308   1.00 17.33 ? 103  PHE B CD1 1 
ATOM   1617 C CD2 . PHE B 1 102 ? -2.356  12.539  2.213   1.00 19.42 ? 103  PHE B CD2 1 
ATOM   1618 C CE1 . PHE B 1 102 ? -2.724  11.582  -0.358  1.00 18.17 ? 103  PHE B CE1 1 
ATOM   1619 C CE2 . PHE B 1 102 ? -3.545  12.766  1.509   1.00 20.55 ? 103  PHE B CE2 1 
ATOM   1620 C CZ  . PHE B 1 102 ? -3.747  12.339  0.232   1.00 17.64 ? 103  PHE B CZ  1 
ATOM   1621 N N   . MET B 1 103 ? 2.309   9.089   2.594   1.00 14.53 ? 104  MET B N   1 
ATOM   1622 C CA  . MET B 1 103 ? 3.490   8.560   3.267   1.00 12.18 ? 104  MET B CA  1 
ATOM   1623 C C   . MET B 1 103 ? 4.682   8.610   2.353   1.00 14.61 ? 104  MET B C   1 
ATOM   1624 O O   . MET B 1 103 ? 4.543   8.748   1.106   1.00 13.87 ? 104  MET B O   1 
ATOM   1625 C CB  . MET B 1 103 ? 3.168   7.089   3.691   1.00 12.36 ? 104  MET B CB  1 
ATOM   1626 C CG  . MET B 1 103 ? 2.909   6.148   2.481   1.00 12.86 ? 104  MET B CG  1 
ATOM   1627 S SD  . MET B 1 103 ? 2.154   4.554   3.032   1.00 10.41 ? 104  MET B SD  1 
ATOM   1628 C CE  . MET B 1 103 ? 0.583   5.175   3.608   1.00 12.17 ? 104  MET B CE  1 
ATOM   1629 N N   . THR B 1 104 ? 5.860   8.428   2.982   1.00 13.57 ? 105  THR B N   1 
ATOM   1630 C CA  . THR B 1 104 ? 7.108   8.383   2.232   1.00 16.79 ? 105  THR B CA  1 
ATOM   1631 C C   . THR B 1 104 ? 7.794   7.042   2.439   1.00 14.03 ? 105  THR B C   1 
ATOM   1632 O O   . THR B 1 104 ? 7.924   6.639   3.600   1.00 12.98 ? 105  THR B O   1 
ATOM   1633 C CB  . THR B 1 104 ? 8.121   9.441   2.803   1.00 20.53 ? 105  THR B CB  1 
ATOM   1634 O OG1 . THR B 1 104 ? 7.478   10.745  2.645   1.00 25.04 ? 105  THR B OG1 1 
ATOM   1635 C CG2 . THR B 1 104 ? 9.327   9.430   1.874   1.00 24.95 ? 105  THR B CG2 1 
ATOM   1636 N N   . PRO B 1 105 ? 8.223   6.337   1.419   1.00 15.89 ? 106  PRO B N   1 
ATOM   1637 C CA  . PRO B 1 105 ? 8.970   5.098   1.534   1.00 16.53 ? 106  PRO B CA  1 
ATOM   1638 C C   . PRO B 1 105 ? 10.285  5.378   2.251   1.00 14.62 ? 106  PRO B C   1 
ATOM   1639 O O   . PRO B 1 105 ? 10.959  6.392   1.998   1.00 14.51 ? 106  PRO B O   1 
ATOM   1640 C CB  . PRO B 1 105 ? 9.347   4.604   0.123   1.00 18.83 ? 106  PRO B CB  1 
ATOM   1641 C CG  . PRO B 1 105 ? 8.457   5.454   -0.719  1.00 18.12 ? 106  PRO B CG  1 
ATOM   1642 C CD  . PRO B 1 105 ? 8.147   6.718   -0.031  1.00 15.21 ? 106  PRO B CD  1 
ATOM   1643 N N   . ARG B 1 106 ? 10.521  4.572   3.280   1.00 14.77 ? 107  ARG B N   1 
ATOM   1644 C CA  . ARG B 1 106 ? 11.700  4.715   4.114   1.00 18.11 ? 107  ARG B CA  1 
ATOM   1645 C C   . ARG B 1 106 ? 12.572  3.493   4.153   1.00 19.18 ? 107  ARG B C   1 
ATOM   1646 O O   . ARG B 1 106 ? 13.731  3.606   4.633   1.00 21.93 ? 107  ARG B O   1 
ATOM   1647 C CB  . ARG B 1 106 ? 11.300  5.100   5.567   1.00 18.52 ? 107  ARG B CB  1 
ATOM   1648 C CG  . ARG B 1 106 ? 10.689  6.506   5.645   1.00 22.66 ? 107  ARG B CG  1 
ATOM   1649 C CD  . ARG B 1 106 ? 11.710  7.638   5.512   1.00 30.46 ? 107  ARG B CD  1 
ATOM   1650 N NE  . ARG B 1 106 ? 11.056  8.938   5.424   1.00 35.55 ? 107  ARG B NE  1 
ATOM   1651 C CZ  . ARG B 1 106 ? 11.545  10.090  4.957   1.00 39.94 ? 107  ARG B CZ  1 
ATOM   1652 N NH1 . ARG B 1 106 ? 12.786  10.146  4.474   1.00 40.95 ? 107  ARG B NH1 1 
ATOM   1653 N NH2 . ARG B 1 106 ? 10.816  11.216  4.940   1.00 39.73 ? 107  ARG B NH2 1 
ATOM   1654 N N   . GLY B 1 107 ? 12.135  2.314   3.760   1.00 15.85 ? 108  GLY B N   1 
ATOM   1655 C CA  . GLY B 1 107 ? 13.078  1.141   3.898   1.00 18.06 ? 108  GLY B CA  1 
ATOM   1656 C C   . GLY B 1 107 ? 12.306  -0.025  3.226   1.00 19.23 ? 108  GLY B C   1 
ATOM   1657 O O   . GLY B 1 107 ? 11.067  -0.014  3.119   1.00 18.10 ? 108  GLY B O   1 
ATOM   1658 N N   . ALA B 1 108 ? 13.014  -1.023  2.750   1.00 18.21 ? 109  ALA B N   1 
ATOM   1659 C CA  . ALA B 1 108 ? 12.359  -2.149  2.082   1.00 18.08 ? 109  ALA B CA  1 
ATOM   1660 C C   . ALA B 1 108 ? 13.182  -3.411  2.341   1.00 22.42 ? 109  ALA B C   1 
ATOM   1661 O O   . ALA B 1 108 ? 14.420  -3.351  2.322   1.00 22.96 ? 109  ALA B O   1 
ATOM   1662 C CB  . ALA B 1 108 ? 12.339  -1.840  0.593   1.00 18.97 ? 109  ALA B CB  1 
ATOM   1663 N N   . ILE B 1 109 ? 12.475  -4.489  2.651   1.00 19.00 ? 110  ILE B N   1 
ATOM   1664 C CA  . ILE B 1 109 ? 13.056  -5.806  2.819   1.00 19.68 ? 110  ILE B CA  1 
ATOM   1665 C C   . ILE B 1 109 ? 12.693  -6.598  1.566   1.00 21.01 ? 110  ILE B C   1 
ATOM   1666 O O   . ILE B 1 109 ? 11.506  -6.702  1.186   1.00 18.30 ? 110  ILE B O   1 
ATOM   1667 C CB  . ILE B 1 109 ? 12.528  -6.571  4.032   1.00 22.13 ? 110  ILE B CB  1 
ATOM   1668 C CG1 . ILE B 1 109 ? 12.929  -5.775  5.293   1.00 26.56 ? 110  ILE B CG1 1 
ATOM   1669 C CG2 . ILE B 1 109 ? 13.128  -7.975  4.127   1.00 21.66 ? 110  ILE B CG2 1 
ATOM   1670 C CD1 . ILE B 1 109 ? 11.995  -4.606  5.523   1.00 31.01 ? 110  ILE B CD1 1 
ATOM   1671 N N   . LEU B 1 110 ? 13.752  -6.994  0.844   1.00 20.04 ? 111  LEU B N   1 
ATOM   1672 C CA  . LEU B 1 110 ? 13.592  -7.717  -0.414  1.00 20.14 ? 111  LEU B CA  1 
ATOM   1673 C C   . LEU B 1 110 ? 14.466  -8.953  -0.536  1.00 20.68 ? 111  LEU B C   1 
ATOM   1674 O O   . LEU B 1 110 ? 15.535  -9.095  0.069   1.00 19.89 ? 111  LEU B O   1 
ATOM   1675 C CB  . LEU B 1 110 ? 14.034  -6.799  -1.563  1.00 21.92 ? 111  LEU B CB  1 
ATOM   1676 C CG  . LEU B 1 110 ? 13.283  -5.464  -1.717  1.00 23.39 ? 111  LEU B CG  1 
ATOM   1677 C CD1 . LEU B 1 110 ? 14.336  -4.398  -2.029  1.00 27.25 ? 111  LEU B CD1 1 
ATOM   1678 C CD2 . LEU B 1 110 ? 12.292  -5.671  -2.829  1.00 26.56 ? 111  LEU B CD2 1 
ATOM   1679 N N   . PRO B 1 111 ? 14.007  -9.878  -1.377  1.00 22.74 ? 112  PRO B N   1 
ATOM   1680 C CA  . PRO B 1 111 ? 14.707  -11.124 -1.608  1.00 23.51 ? 112  PRO B CA  1 
ATOM   1681 C C   . PRO B 1 111 ? 15.951  -10.809 -2.416  1.00 25.38 ? 112  PRO B C   1 
ATOM   1682 O O   . PRO B 1 111 ? 15.941  -9.814  -3.171  1.00 24.50 ? 112  PRO B O   1 
ATOM   1683 C CB  . PRO B 1 111 ? 13.681  -11.979 -2.333  1.00 25.15 ? 112  PRO B CB  1 
ATOM   1684 C CG  . PRO B 1 111 ? 12.661  -11.069 -2.893  1.00 25.15 ? 112  PRO B CG  1 
ATOM   1685 C CD  . PRO B 1 111 ? 12.797  -9.736  -2.212  1.00 22.96 ? 112  PRO B CD  1 
ATOM   1686 N N   . SER B 1 112 ? 17.015  -11.565 -2.230  1.00 27.86 ? 113  SER B N   1 
ATOM   1687 C CA  . SER B 1 112 ? 18.263  -11.293 -2.956  1.00 31.32 ? 113  SER B CA  1 
ATOM   1688 C C   . SER B 1 112 ? 18.115  -11.739 -4.422  1.00 33.65 ? 113  SER B C   1 
ATOM   1689 O O   . SER B 1 112 ? 17.212  -12.608 -4.542  1.00 35.57 ? 113  SER B O   1 
ATOM   1690 C CB  . SER B 1 112 ? 19.474  -12.014 -2.396  1.00 32.44 ? 113  SER B CB  1 
ATOM   1691 O OG  . SER B 1 112 ? 19.858  -11.651 -1.091  1.00 34.73 ? 113  SER B OG  1 
ATOM   1692 O OXT . SER B 1 112 ? 19.204  -11.866 -5.054  1.00 35.64 ? 113  SER B OXT 1 
HETATM 1693 C C1  . OAL C 2 .   ? -4.001  7.614   -9.040  1.00 35.27 ? 1001 OAL B C1  1 
HETATM 1694 C C2  . OAL C 2 .   ? -5.350  7.792   -8.982  1.00 35.43 ? 1001 OAL B C2  1 
HETATM 1695 C C3  . OAL C 2 .   ? -5.944  8.355   -7.800  1.00 36.71 ? 1001 OAL B C3  1 
HETATM 1696 C C4  . OAL C 2 .   ? -5.114  8.703   -6.706  1.00 34.98 ? 1001 OAL B C4  1 
HETATM 1697 C C5  . OAL C 2 .   ? -3.706  8.504   -6.807  1.00 33.87 ? 1001 OAL B C5  1 
HETATM 1698 C C6  . OAL C 2 .   ? -3.177  7.956   -7.935  1.00 33.71 ? 1001 OAL B C6  1 
HETATM 1699 C C7  . OAL C 2 .   ? -5.647  9.281   -5.551  1.00 35.27 ? 1001 OAL B C7  1 
HETATM 1700 C C8  . OAL C 2 .   ? -7.032  9.479   -5.451  1.00 37.69 ? 1001 OAL B C8  1 
HETATM 1701 C C9  . OAL C 2 .   ? -7.894  9.098   -6.527  1.00 37.86 ? 1001 OAL B C9  1 
HETATM 1702 C C10 . OAL C 2 .   ? -7.326  8.568   -7.687  1.00 37.57 ? 1001 OAL B C10 1 
HETATM 1703 C C11 . OAL C 2 .   ? -7.583  9.867   -4.193  1.00 38.54 ? 1001 OAL B C11 1 
HETATM 1704 C C12 . OAL C 2 .   ? -8.949  9.845   -4.015  1.00 40.14 ? 1001 OAL B C12 1 
HETATM 1705 C C13 . OAL C 2 .   ? -9.820  9.445   -5.079  1.00 38.44 ? 1001 OAL B C13 1 
HETATM 1706 C C14 . OAL C 2 .   ? -9.307  9.077   -6.296  1.00 38.62 ? 1001 OAL B C14 1 
HETATM 1707 C C15 . OAL C 2 .   ? -9.577  10.249  -2.676  1.00 40.57 ? 1001 OAL B C15 1 
HETATM 1708 C C16 . OAL C 2 .   ? -8.985  11.470  -2.050  1.00 44.20 ? 1001 OAL B C16 1 
HETATM 1709 O O1  . OAL C 2 .   ? -2.913  8.904   -5.715  1.00 32.89 ? 1001 OAL B O1  1 
HETATM 1710 O O2  . OAL C 2 .   ? -4.881  9.575   -4.655  1.00 32.97 ? 1001 OAL B O2  1 
HETATM 1711 O O3  . OAL C 2 .   ? -6.646  10.302  -3.190  1.00 36.79 ? 1001 OAL B O3  1 
HETATM 1712 O O5  . OAL C 2 .   ? -8.363  12.480  -2.378  1.00 48.50 ? 1001 OAL B O5  1 
HETATM 1713 O O4  . OAL C 2 .   ? -8.931  11.967  -0.778  1.00 43.40 ? 1001 OAL B O4  1 
HETATM 1714 O O6  . OAL C 2 .   ? -8.040  8.272   -8.644  1.00 41.11 ? 1001 OAL B O6  1 
HETATM 1715 O O   . HOH D 3 .   ? 15.627  -6.597  9.253   1.00 15.15 ? 114  HOH A O   1 
HETATM 1716 O O   . HOH D 3 .   ? -0.289  14.776  12.916  1.00 16.59 ? 115  HOH A O   1 
HETATM 1717 O O   . HOH D 3 .   ? -8.203  -7.633  6.072   1.00 22.11 ? 116  HOH A O   1 
HETATM 1718 O O   . HOH D 3 .   ? -5.759  -6.123  12.151  1.00 18.62 ? 117  HOH A O   1 
HETATM 1719 O O   . HOH D 3 .   ? -4.012  -0.011  16.962  1.00 21.49 ? 118  HOH A O   1 
HETATM 1720 O O   . HOH D 3 .   ? 18.251  -0.294  10.210  1.00 25.19 ? 119  HOH A O   1 
HETATM 1721 O O   . HOH D 3 .   ? -3.377  -1.135  7.332   1.00 17.11 ? 120  HOH A O   1 
HETATM 1722 O O   . HOH D 3 .   ? -5.594  -0.605  8.835   1.00 24.72 ? 121  HOH A O   1 
HETATM 1723 O O   . HOH D 3 .   ? 6.827   11.005  5.529   1.00 22.83 ? 122  HOH A O   1 
HETATM 1724 O O   . HOH D 3 .   ? 2.870   -15.773 14.572  1.00 27.21 ? 123  HOH A O   1 
HETATM 1725 O O   . HOH D 3 .   ? 18.279  -7.867  7.029   1.00 27.19 ? 124  HOH A O   1 
HETATM 1726 O O   . HOH D 3 .   ? 1.893   -5.201  -5.726  1.00 25.04 ? 125  HOH A O   1 
HETATM 1727 O O   . HOH D 3 .   ? -7.664  -7.767  8.736   1.00 21.48 ? 126  HOH A O   1 
HETATM 1728 O O   . HOH D 3 .   ? 6.587   -3.620  -0.962  1.00 13.14 ? 127  HOH A O   1 
HETATM 1729 O O   . HOH D 3 .   ? 8.048   10.199  18.553  1.00 19.91 ? 128  HOH A O   1 
HETATM 1730 O O   . HOH D 3 .   ? 10.400  -8.797  -5.198  1.00 27.66 ? 129  HOH A O   1 
HETATM 1731 O O   . HOH D 3 .   ? 16.540  -5.351  13.343  1.00 17.56 ? 130  HOH A O   1 
HETATM 1732 O O   . HOH D 3 .   ? 8.477   8.203   22.579  1.00 29.25 ? 131  HOH A O   1 
HETATM 1733 O O   . HOH D 3 .   ? -7.194  -2.911  9.583   1.00 26.03 ? 132  HOH A O   1 
HETATM 1734 O O   . HOH D 3 .   ? -2.739  3.383   7.203   1.00 25.96 ? 133  HOH A O   1 
HETATM 1735 O O   . HOH D 3 .   ? 0.019   11.041  6.911   1.00 22.12 ? 134  HOH A O   1 
HETATM 1736 O O   . HOH D 3 .   ? 8.774   -7.417  -10.546 1.00 34.72 ? 135  HOH A O   1 
HETATM 1737 O O   . HOH D 3 .   ? -8.178  -18.644 3.571   1.00 37.72 ? 136  HOH A O   1 
HETATM 1738 O O   . HOH D 3 .   ? 17.957  -1.008  15.407  1.00 28.93 ? 137  HOH A O   1 
HETATM 1739 O O   . HOH D 3 .   ? -4.902  -3.730  16.147  1.00 26.12 ? 138  HOH A O   1 
HETATM 1740 O O   . HOH D 3 .   ? -3.265  -19.117 -2.178  1.00 25.58 ? 139  HOH A O   1 
HETATM 1741 O O   . HOH D 3 .   ? -2.660  9.364   8.663   1.00 37.79 ? 140  HOH A O   1 
HETATM 1742 O O   . HOH D 3 .   ? 3.368   16.586  9.306   1.00 36.87 ? 141  HOH A O   1 
HETATM 1743 O O   . HOH D 3 .   ? 14.538  8.619   15.918  1.00 31.90 ? 142  HOH A O   1 
HETATM 1744 O O   . HOH D 3 .   ? 4.183   -6.212  16.160  1.00 37.86 ? 143  HOH A O   1 
HETATM 1745 O O   . HOH D 3 .   ? -4.985  1.607   10.260  1.00 30.97 ? 144  HOH A O   1 
HETATM 1746 O O   . HOH D 3 .   ? 9.345   13.127  17.099  1.00 29.68 ? 145  HOH A O   1 
HETATM 1747 O O   . HOH D 3 .   ? 12.244  -15.220 -0.906  1.00 27.39 ? 146  HOH A O   1 
HETATM 1748 O O   . HOH D 3 .   ? -7.422  0.751   7.055   1.00 36.47 ? 147  HOH A O   1 
HETATM 1749 O O   . HOH D 3 .   ? 1.185   10.529  16.899  1.00 30.33 ? 148  HOH A O   1 
HETATM 1750 O O   . HOH D 3 .   ? -7.061  -3.792  12.247  1.00 30.96 ? 149  HOH A O   1 
HETATM 1751 O O   . HOH D 3 .   ? 2.389   -19.877 -3.923  1.00 32.72 ? 150  HOH A O   1 
HETATM 1752 O O   . HOH D 3 .   ? -3.725  -15.789 -2.907  1.00 35.16 ? 151  HOH A O   1 
HETATM 1753 O O   . HOH D 3 .   ? 4.502   8.031   23.781  1.00 25.31 ? 152  HOH A O   1 
HETATM 1754 O O   . HOH D 3 .   ? 13.321  6.409   8.518   1.00 37.65 ? 153  HOH A O   1 
HETATM 1755 O O   . HOH D 3 .   ? -7.188  -19.534 9.211   1.00 37.93 ? 154  HOH A O   1 
HETATM 1756 O O   . HOH D 3 .   ? -0.498  14.268  16.033  1.00 35.47 ? 155  HOH A O   1 
HETATM 1757 O O   . HOH D 3 .   ? -4.606  -10.840 -8.144  1.00 46.31 ? 156  HOH A O   1 
HETATM 1758 O O   . HOH D 3 .   ? 17.400  1.403   7.382   1.00 45.25 ? 157  HOH A O   1 
HETATM 1759 O O   . HOH D 3 .   ? -8.985  -16.511 0.852   1.00 34.04 ? 158  HOH A O   1 
HETATM 1760 O O   . HOH D 3 .   ? 11.135  4.897   20.612  1.00 51.19 ? 159  HOH A O   1 
HETATM 1761 O O   . HOH D 3 .   ? -2.752  13.913  12.150  1.00 30.16 ? 160  HOH A O   1 
HETATM 1762 O O   . HOH D 3 .   ? 7.479   11.943  9.471   1.00 29.26 ? 161  HOH A O   1 
HETATM 1763 O O   . HOH D 3 .   ? -1.200  0.366   -17.346 1.00 29.41 ? 162  HOH A O   1 
HETATM 1764 O O   . HOH D 3 .   ? -1.795  16.453  16.989  1.00 32.88 ? 163  HOH A O   1 
HETATM 1765 O O   . HOH D 3 .   ? 18.228  -6.527  3.223   1.00 30.28 ? 164  HOH A O   1 
HETATM 1766 O O   . HOH D 3 .   ? 21.466  -8.948  4.660   1.00 31.92 ? 165  HOH A O   1 
HETATM 1767 O O   . HOH D 3 .   ? 11.569  -11.046 19.809  1.00 40.30 ? 166  HOH A O   1 
HETATM 1768 O O   . HOH D 3 .   ? -3.073  4.646   12.288  1.00 39.70 ? 167  HOH A O   1 
HETATM 1769 O O   . HOH D 3 .   ? 1.581   -6.782  18.692  1.00 38.44 ? 168  HOH A O   1 
HETATM 1770 O O   . HOH D 3 .   ? -2.861  -19.953 8.082   1.00 38.38 ? 169  HOH A O   1 
HETATM 1771 O O   . HOH D 3 .   ? -2.082  6.364   14.219  1.00 38.17 ? 170  HOH A O   1 
HETATM 1772 O O   . HOH D 3 .   ? 11.367  8.369   9.253   1.00 42.26 ? 171  HOH A O   1 
HETATM 1773 O O   . HOH D 3 .   ? -9.573  -20.205 10.441  1.00 37.12 ? 172  HOH A O   1 
HETATM 1774 O O   . HOH D 3 .   ? 4.828   -19.234 -3.837  1.00 45.40 ? 173  HOH A O   1 
HETATM 1775 O O   . HOH D 3 .   ? 2.787   10.555  -23.386 1.00 41.10 ? 174  HOH A O   1 
HETATM 1776 O O   . HOH D 3 .   ? 9.696   -17.056 -3.651  1.00 38.33 ? 175  HOH A O   1 
HETATM 1777 O O   . HOH D 3 .   ? -0.477  7.097   16.345  1.00 37.51 ? 176  HOH A O   1 
HETATM 1778 O O   . HOH D 3 .   ? -7.753  -21.338 5.428   1.00 36.99 ? 177  HOH A O   1 
HETATM 1779 O O   . HOH D 3 .   ? 4.744   -7.454  13.299  1.00 48.83 ? 178  HOH A O   1 
HETATM 1780 O O   . HOH D 3 .   ? -6.041  2.901   7.083   1.00 47.94 ? 179  HOH A O   1 
HETATM 1781 O O   . HOH D 3 .   ? -8.205  -23.334 7.603   1.00 45.94 ? 180  HOH A O   1 
HETATM 1782 O O   . HOH D 3 .   ? 16.440  0.549   17.063  1.00 39.15 ? 181  HOH A O   1 
HETATM 1783 O O   . HOH D 3 .   ? 1.403   -0.616  22.323  1.00 51.50 ? 182  HOH A O   1 
HETATM 1784 O O   . HOH D 3 .   ? -6.377  -14.369 -1.504  1.00 48.98 ? 183  HOH A O   1 
HETATM 1785 O O   . HOH E 3 .   ? -5.947  4.238   3.355   1.00 16.26 ? 1002 HOH B O   1 
HETATM 1786 O O   . HOH E 3 .   ? 6.708   2.226   -3.596  1.00 20.66 ? 1003 HOH B O   1 
HETATM 1787 O O   . HOH E 3 .   ? 1.039   1.047   -7.365  1.00 19.50 ? 1004 HOH B O   1 
HETATM 1788 O O   . HOH E 3 .   ? -0.895  16.294  -1.048  1.00 31.17 ? 1005 HOH B O   1 
HETATM 1789 O O   . HOH E 3 .   ? -10.013 -8.679  3.823   1.00 21.09 ? 1006 HOH B O   1 
HETATM 1790 O O   . HOH E 3 .   ? 6.268   3.280   -12.780 1.00 33.57 ? 1007 HOH B O   1 
HETATM 1791 O O   . HOH E 3 .   ? 3.453   10.225  -16.705 1.00 32.36 ? 1008 HOH B O   1 
HETATM 1792 O O   . HOH E 3 .   ? -3.786  2.772   4.577   1.00 21.79 ? 1009 HOH B O   1 
HETATM 1793 O O   . HOH E 3 .   ? -17.195 -10.374 3.789   1.00 46.24 ? 1010 HOH B O   1 
HETATM 1794 O O   . HOH E 3 .   ? -10.478 -5.736  5.694   1.00 23.14 ? 1011 HOH B O   1 
HETATM 1795 O O   . HOH E 3 .   ? -20.129 7.264   -11.221 1.00 45.95 ? 1012 HOH B O   1 
HETATM 1796 O O   . HOH E 3 .   ? -2.246  11.073  5.627   1.00 24.72 ? 1013 HOH B O   1 
HETATM 1797 O O   . HOH E 3 .   ? 11.230  0.340   -11.307 1.00 32.77 ? 1014 HOH B O   1 
HETATM 1798 O O   . HOH E 3 .   ? -7.342  4.528   5.406   1.00 31.04 ? 1015 HOH B O   1 
HETATM 1799 O O   . HOH E 3 .   ? -2.172  17.255  -15.443 1.00 18.61 ? 1016 HOH B O   1 
HETATM 1800 O O   . HOH E 3 .   ? 16.601  -0.935  -1.550  1.00 23.41 ? 1017 HOH B O   1 
HETATM 1801 O O   . HOH E 3 .   ? 16.666  0.967   -5.090  1.00 28.11 ? 1018 HOH B O   1 
HETATM 1802 O O   . HOH E 3 .   ? 16.188  -5.479  1.500   1.00 32.11 ? 1019 HOH B O   1 
HETATM 1803 O O   . HOH E 3 .   ? -7.119  -0.060  4.015   1.00 22.72 ? 1020 HOH B O   1 
HETATM 1804 O O   . HOH E 3 .   ? -12.443 0.397   4.940   1.00 44.91 ? 1021 HOH B O   1 
HETATM 1805 O O   . HOH E 3 .   ? -10.813 -2.990  6.236   1.00 25.53 ? 1022 HOH B O   1 
HETATM 1806 O O   . HOH E 3 .   ? -13.500 5.415   -16.205 1.00 37.42 ? 1023 HOH B O   1 
HETATM 1807 O O   . HOH E 3 .   ? 7.495   15.035  -1.802  1.00 25.22 ? 1024 HOH B O   1 
HETATM 1808 O O   . HOH E 3 .   ? -9.560  -1.807  8.329   1.00 32.45 ? 1025 HOH B O   1 
HETATM 1809 O O   . HOH E 3 .   ? 5.828   -1.635  -11.571 1.00 36.64 ? 1026 HOH B O   1 
HETATM 1810 O O   . HOH E 3 .   ? 11.373  4.292   -3.267  1.00 44.55 ? 1027 HOH B O   1 
HETATM 1811 O O   . HOH E 3 .   ? -4.601  0.104   4.861   1.00 30.81 ? 1028 HOH B O   1 
HETATM 1812 O O   . HOH E 3 .   ? -14.760 -0.866  5.053   1.00 32.00 ? 1029 HOH B O   1 
HETATM 1813 O O   . HOH E 3 .   ? 8.057   -0.227  -13.588 1.00 46.76 ? 1030 HOH B O   1 
HETATM 1814 O O   . HOH E 3 .   ? -10.005 -1.049  4.797   1.00 38.76 ? 1031 HOH B O   1 
HETATM 1815 O O   . HOH E 3 .   ? -12.853 11.273  -15.397 1.00 74.10 ? 1032 HOH B O   1 
HETATM 1816 O O   . HOH E 3 .   ? -13.504 -2.766  6.249   1.00 34.97 ? 1033 HOH B O   1 
HETATM 1817 O O   . HOH E 3 .   ? 8.169   5.450   -15.454 1.00 57.04 ? 1034 HOH B O   1 
HETATM 1818 O O   . HOH E 3 .   ? -22.667 -2.953  -6.926  1.00 47.49 ? 1035 HOH B O   1 
HETATM 1819 O O   . HOH E 3 .   ? -17.102 -0.890  3.946   1.00 34.82 ? 1036 HOH B O   1 
HETATM 1820 O O   . HOH E 3 .   ? -9.924  -10.119 -2.872  1.00 44.57 ? 1037 HOH B O   1 
HETATM 1821 O O   . HOH E 3 .   ? 16.922  -2.812  0.236   1.00 32.67 ? 1038 HOH B O   1 
HETATM 1822 O O   . HOH E 3 .   ? -2.351  13.923  -18.929 1.00 21.87 ? 1039 HOH B O   1 
HETATM 1823 O O   . HOH E 3 .   ? -7.943  10.094  -20.953 1.00 36.26 ? 1040 HOH B O   1 
HETATM 1824 O O   . HOH E 3 .   ? -8.328  13.652  -20.989 1.00 33.11 ? 1041 HOH B O   1 
HETATM 1825 O O   . HOH E 3 .   ? -12.446 17.944  -16.704 1.00 37.98 ? 1042 HOH B O   1 
HETATM 1826 O O   . HOH E 3 .   ? 4.789   23.645  -3.320  1.00 40.23 ? 1043 HOH B O   1 
HETATM 1827 O O   . HOH E 3 .   ? -14.731 16.531  -7.207  1.00 40.85 ? 1044 HOH B O   1 
HETATM 1828 O O   . HOH E 3 .   ? 16.957  -13.986 -0.668  1.00 39.07 ? 1045 HOH B O   1 
HETATM 1829 O O   . HOH E 3 .   ? -14.926 -4.243  8.151   1.00 34.71 ? 1046 HOH B O   1 
HETATM 1830 O O   . HOH E 3 .   ? 11.767  8.401   0.284   1.00 46.20 ? 1047 HOH B O   1 
HETATM 1831 O O   . HOH E 3 .   ? 10.048  14.265  -13.275 1.00 38.36 ? 1048 HOH B O   1 
HETATM 1832 O O   . HOH E 3 .   ? 7.908   16.487  -8.765  1.00 35.22 ? 1049 HOH B O   1 
HETATM 1833 O O   . HOH E 3 .   ? -3.435  17.741  -1.987  1.00 40.27 ? 1050 HOH B O   1 
HETATM 1834 O O   . HOH E 3 .   ? -15.289 3.880   -17.912 1.00 39.61 ? 1051 HOH B O   1 
HETATM 1835 O O   . HOH E 3 .   ? -7.144  9.043   6.369   1.00 49.11 ? 1052 HOH B O   1 
# 
